data_2B9U
#
_entry.id   2B9U
#
_cell.length_a   74.788
_cell.length_b   229.495
_cell.length_c   74.583
_cell.angle_alpha   90.00
_cell.angle_beta   96.95
_cell.angle_gamma   90.00
#
_symmetry.space_group_name_H-M   'P 1 21 1'
#
loop_
_entity.id
_entity.type
_entity.pdbx_description
1 polymer 'hypothetical dTDP-4-dehydrorhamnose 3,5-epimerase'
2 water water
#
_entity_poly.entity_id   1
_entity_poly.type   'polypeptide(L)'
_entity_poly.pdbx_seq_one_letter_code
;MPFEFENLGMGIILIKPKVFPDKRGFFLEVFKSEDFTKMRIPNVIQTNMSFSRKGVVRGLHYQRTPKEQGKIIFVPKGRI
LDVAVDVRKSSPTFGKYVKAELNEENHYMLWIPPGFAHGFQALEDSIVIYFITHNEYSPPHERCISYSYIDWPIKEVIIS
DKDLQCPSLEKAEVFD
;
_entity_poly.pdbx_strand_id   A,C,D,B,E,F,G,H,I,J,K,L
#
# COMPACT_ATOMS: atom_id res chain seq x y z
N MET A 1 -6.70 28.93 -34.50
CA MET A 1 -5.45 28.11 -34.69
C MET A 1 -4.96 27.15 -33.56
N PRO A 2 -5.89 26.50 -32.80
CA PRO A 2 -5.44 25.20 -32.25
C PRO A 2 -5.39 24.12 -33.35
N PHE A 3 -6.13 24.37 -34.43
CA PHE A 3 -6.17 23.48 -35.58
C PHE A 3 -6.09 24.25 -36.91
N GLU A 4 -5.58 23.58 -37.94
CA GLU A 4 -5.73 24.00 -39.32
C GLU A 4 -6.51 22.95 -40.08
N PHE A 5 -7.49 23.41 -40.87
CA PHE A 5 -8.37 22.53 -41.66
C PHE A 5 -8.12 22.70 -43.15
N GLU A 6 -7.92 21.58 -43.85
CA GLU A 6 -7.76 21.56 -45.30
C GLU A 6 -8.81 20.68 -45.97
N ASN A 7 -9.55 21.27 -46.92
CA ASN A 7 -10.51 20.55 -47.76
C ASN A 7 -9.80 19.65 -48.74
N LEU A 8 -10.08 18.35 -48.66
CA LEU A 8 -9.49 17.40 -49.60
C LEU A 8 -10.45 17.00 -50.73
N GLY A 9 -11.62 17.63 -50.76
CA GLY A 9 -12.65 17.30 -51.74
C GLY A 9 -13.78 16.46 -51.16
N MET A 10 -14.99 16.71 -51.65
CA MET A 10 -16.18 15.87 -51.39
C MET A 10 -16.67 15.87 -49.95
N GLY A 11 -16.22 16.82 -49.14
CA GLY A 11 -16.56 16.86 -47.72
C GLY A 11 -15.51 16.26 -46.80
N ILE A 12 -14.43 15.76 -47.37
CA ILE A 12 -13.32 15.17 -46.61
C ILE A 12 -12.41 16.31 -46.16
N ILE A 13 -12.01 16.30 -44.90
CA ILE A 13 -11.24 17.37 -44.33
C ILE A 13 -10.02 16.82 -43.59
N LEU A 14 -8.85 17.40 -43.85
CA LEU A 14 -7.65 17.05 -43.09
C LEU A 14 -7.50 18.05 -41.96
N ILE A 15 -7.32 17.54 -40.73
CA ILE A 15 -7.14 18.39 -39.55
C ILE A 15 -5.71 18.29 -39.05
N LYS A 16 -5.11 19.45 -38.78
CA LYS A 16 -3.72 19.50 -38.35
C LYS A 16 -3.66 20.17 -37.00
N PRO A 17 -3.29 19.40 -35.95
CA PRO A 17 -3.25 19.95 -34.60
C PRO A 17 -1.92 20.63 -34.26
N LYS A 18 -1.86 21.32 -33.14
CA LYS A 18 -0.60 21.91 -32.71
C LYS A 18 0.03 21.07 -31.64
N VAL A 19 1.28 20.67 -31.88
CA VAL A 19 2.02 19.80 -30.99
C VAL A 19 3.07 20.64 -30.25
N PHE A 20 3.10 20.46 -28.92
CA PHE A 20 3.97 21.19 -28.04
C PHE A 20 4.92 20.21 -27.37
N PRO A 21 6.17 20.16 -27.87
CA PRO A 21 7.21 19.31 -27.34
C PRO A 21 8.00 20.03 -26.26
N ASP A 22 8.44 19.29 -25.24
CA ASP A 22 9.36 19.81 -24.22
C ASP A 22 10.15 18.65 -23.68
N LYS A 23 10.89 18.85 -22.58
CA LYS A 23 11.75 17.79 -22.05
C LYS A 23 10.96 16.53 -21.69
N ARG A 24 9.66 16.70 -21.41
CA ARG A 24 8.83 15.61 -20.90
C ARG A 24 8.39 14.63 -21.98
N GLY A 25 8.38 15.11 -23.22
CA GLY A 25 7.73 14.42 -24.32
C GLY A 25 7.01 15.48 -25.09
N PHE A 26 5.71 15.29 -25.31
CA PHE A 26 4.91 16.30 -26.02
C PHE A 26 3.43 16.25 -25.66
N PHE A 27 2.73 17.33 -26.01
CA PHE A 27 1.29 17.47 -25.75
C PHE A 27 0.58 18.03 -26.97
N LEU A 28 -0.67 17.58 -27.16
CA LEU A 28 -1.57 18.19 -28.11
C LEU A 28 -3.02 18.00 -27.74
N GLU A 29 -3.81 19.01 -28.12
CA GLU A 29 -5.25 18.87 -28.21
C GLU A 29 -5.57 18.20 -29.54
N VAL A 30 -6.23 17.05 -29.45
CA VAL A 30 -6.57 16.26 -30.60
C VAL A 30 -7.90 16.76 -31.23
N PHE A 31 -8.92 16.97 -30.39
CA PHE A 31 -10.23 17.38 -30.84
C PHE A 31 -10.82 18.33 -29.81
N LYS A 32 -11.52 19.38 -30.29
CA LYS A 32 -12.25 20.32 -29.40
C LYS A 32 -13.59 20.66 -30.03
N SER A 33 -14.65 20.42 -29.27
CA SER A 33 -16.03 20.54 -29.76
C SER A 33 -16.29 21.86 -30.52
N GLU A 34 -15.90 22.98 -29.91
CA GLU A 34 -16.14 24.30 -30.47
C GLU A 34 -15.47 24.51 -31.82
N ASP A 35 -14.19 24.18 -31.91
CA ASP A 35 -13.43 24.34 -33.13
C ASP A 35 -13.96 23.45 -34.26
N PHE A 36 -14.34 22.21 -33.91
CA PHE A 36 -14.77 21.25 -34.90
C PHE A 36 -16.20 21.54 -35.39
N THR A 37 -17.04 22.03 -34.48
CA THR A 37 -18.42 22.43 -34.81
C THR A 37 -18.44 23.59 -35.83
N LYS A 38 -17.57 24.58 -35.64
CA LYS A 38 -17.38 25.67 -36.61
C LYS A 38 -17.10 25.16 -38.01
N MET A 39 -16.53 23.95 -38.07
CA MET A 39 -16.17 23.33 -39.34
C MET A 39 -17.22 22.30 -39.77
N ARG A 40 -18.35 22.28 -39.09
CA ARG A 40 -19.51 21.44 -39.42
C ARG A 40 -19.33 19.96 -39.05
N ILE A 41 -18.37 19.67 -38.17
CA ILE A 41 -18.21 18.33 -37.60
C ILE A 41 -19.02 18.23 -36.29
N PRO A 42 -19.95 17.26 -36.20
CA PRO A 42 -20.83 17.17 -35.03
C PRO A 42 -20.21 16.44 -33.83
N ASN A 43 -21.02 16.20 -32.80
CA ASN A 43 -20.53 15.58 -31.56
C ASN A 43 -20.07 14.14 -31.77
N VAL A 44 -18.98 13.79 -31.11
CA VAL A 44 -18.51 12.42 -31.07
C VAL A 44 -19.44 11.61 -30.15
N ILE A 45 -19.85 10.43 -30.61
CA ILE A 45 -20.77 9.60 -29.86
C ILE A 45 -20.17 8.25 -29.44
N GLN A 46 -19.08 7.87 -30.09
CA GLN A 46 -18.42 6.58 -29.87
C GLN A 46 -16.95 6.75 -30.22
N THR A 47 -16.06 6.11 -29.48
CA THR A 47 -14.64 6.07 -29.84
C THR A 47 -14.16 4.62 -29.88
N ASN A 48 -13.56 4.23 -30.98
CA ASN A 48 -12.97 2.89 -31.12
C ASN A 48 -11.45 2.98 -31.22
N MET A 49 -10.79 1.83 -31.02
CA MET A 49 -9.35 1.71 -31.20
C MET A 49 -8.98 0.37 -31.81
N SER A 50 -8.04 0.39 -32.75
CA SER A 50 -7.49 -0.84 -33.28
C SER A 50 -5.98 -0.79 -33.25
N PHE A 51 -5.37 -1.96 -33.07
CA PHE A 51 -3.96 -2.12 -33.30
C PHE A 51 -3.79 -3.03 -34.51
N SER A 52 -2.99 -2.60 -35.48
CA SER A 52 -2.84 -3.31 -36.73
C SER A 52 -1.36 -3.54 -36.98
N ARG A 53 -1.00 -4.79 -37.21
CA ARG A 53 0.37 -5.16 -37.59
C ARG A 53 0.62 -4.67 -39.00
N LYS A 54 1.88 -4.42 -39.33
CA LYS A 54 2.26 -3.96 -40.67
C LYS A 54 1.66 -4.83 -41.78
N GLY A 55 1.08 -4.15 -42.77
CA GLY A 55 0.50 -4.83 -43.92
C GLY A 55 -0.98 -5.12 -43.79
N VAL A 56 -1.50 -4.98 -42.57
CA VAL A 56 -2.92 -5.22 -42.32
C VAL A 56 -3.75 -4.24 -43.15
N VAL A 57 -4.82 -4.74 -43.76
CA VAL A 57 -5.83 -3.91 -44.39
C VAL A 57 -7.14 -4.11 -43.65
N ARG A 58 -7.80 -3.00 -43.29
CA ARG A 58 -9.14 -3.01 -42.73
C ARG A 58 -9.98 -2.09 -43.60
N GLY A 59 -11.13 -2.58 -44.06
CA GLY A 59 -12.06 -1.77 -44.86
C GLY A 59 -12.71 -2.54 -46.00
N LEU A 60 -13.51 -1.87 -46.82
CA LEU A 60 -13.80 -0.44 -46.69
C LEU A 60 -15.23 -0.32 -46.12
N HIS A 61 -15.33 0.13 -44.88
CA HIS A 61 -16.57 0.04 -44.11
C HIS A 61 -17.39 1.31 -44.07
N TYR A 62 -18.72 1.12 -44.04
CA TYR A 62 -19.69 2.19 -43.79
C TYR A 62 -20.97 1.60 -43.18
N GLN A 63 -21.72 2.41 -42.45
CA GLN A 63 -23.04 2.04 -42.00
C GLN A 63 -24.08 2.78 -42.84
N ARG A 64 -25.08 2.05 -43.33
CA ARG A 64 -26.11 2.65 -44.18
C ARG A 64 -27.11 3.47 -43.36
N THR A 65 -27.76 4.41 -44.04
CA THR A 65 -28.87 5.18 -43.48
C THR A 65 -29.94 4.23 -42.90
N PRO A 66 -30.52 4.54 -41.71
CA PRO A 66 -30.48 5.71 -40.84
C PRO A 66 -29.45 5.60 -39.71
N LYS A 67 -28.42 4.79 -39.92
CA LYS A 67 -27.37 4.58 -38.94
C LYS A 67 -25.99 4.91 -39.54
N GLU A 68 -25.99 5.90 -40.41
CA GLU A 68 -24.77 6.40 -41.04
C GLU A 68 -23.83 7.06 -40.02
N GLN A 69 -22.54 7.04 -40.30
CA GLN A 69 -21.54 7.52 -39.38
C GLN A 69 -20.55 8.44 -40.08
N GLY A 70 -20.18 9.52 -39.39
CA GLY A 70 -18.97 10.25 -39.70
C GLY A 70 -17.83 9.70 -38.86
N LYS A 71 -16.60 9.93 -39.30
CA LYS A 71 -15.39 9.36 -38.67
C LYS A 71 -14.22 10.35 -38.70
N ILE A 72 -13.59 10.53 -37.55
CA ILE A 72 -12.33 11.24 -37.44
C ILE A 72 -11.28 10.21 -37.09
N ILE A 73 -10.31 10.05 -38.01
CA ILE A 73 -9.29 9.02 -37.89
C ILE A 73 -7.99 9.65 -37.42
N PHE A 74 -7.39 9.05 -36.40
CA PHE A 74 -6.20 9.59 -35.74
C PHE A 74 -5.24 8.44 -35.46
N VAL A 75 -3.96 8.67 -35.68
CA VAL A 75 -2.89 7.67 -35.56
C VAL A 75 -1.81 8.09 -34.55
N PRO A 76 -2.05 7.84 -33.25
CA PRO A 76 -1.04 8.14 -32.23
C PRO A 76 0.24 7.28 -32.27
N LYS A 77 0.20 6.12 -32.91
CA LYS A 77 1.42 5.30 -33.09
C LYS A 77 1.42 4.64 -34.47
N GLY A 78 2.55 4.68 -35.16
CA GLY A 78 2.70 4.07 -36.48
C GLY A 78 2.34 4.99 -37.64
N ARG A 79 1.96 4.36 -38.76
CA ARG A 79 1.79 5.01 -40.05
C ARG A 79 0.73 4.21 -40.79
N ILE A 80 -0.31 4.90 -41.27
CA ILE A 80 -1.30 4.23 -42.11
C ILE A 80 -1.52 4.99 -43.42
N LEU A 81 -1.93 4.29 -44.47
CA LEU A 81 -2.45 4.94 -45.65
C LEU A 81 -3.95 4.84 -45.52
N ASP A 82 -4.58 5.97 -45.25
CA ASP A 82 -5.99 6.03 -44.98
C ASP A 82 -6.77 6.43 -46.23
N VAL A 83 -7.91 5.78 -46.46
CA VAL A 83 -8.68 5.99 -47.68
C VAL A 83 -10.17 6.19 -47.36
N ALA A 84 -10.82 7.11 -48.08
CA ALA A 84 -12.27 7.31 -48.03
C ALA A 84 -12.81 7.26 -49.44
N VAL A 85 -13.86 6.46 -49.66
CA VAL A 85 -14.41 6.26 -51.00
C VAL A 85 -15.87 6.73 -51.05
N ASP A 86 -16.18 7.65 -51.96
CA ASP A 86 -17.57 8.10 -52.14
C ASP A 86 -18.42 6.96 -52.65
N VAL A 87 -19.35 6.50 -51.81
CA VAL A 87 -20.26 5.41 -52.17
C VAL A 87 -21.72 5.87 -52.19
N ARG A 88 -21.92 7.17 -52.41
CA ARG A 88 -23.26 7.73 -52.67
C ARG A 88 -23.53 7.70 -54.18
N LYS A 89 -24.46 6.84 -54.59
CA LYS A 89 -24.76 6.64 -56.01
C LYS A 89 -24.96 7.92 -56.84
N SER A 90 -25.70 8.88 -56.29
CA SER A 90 -26.11 10.08 -57.04
C SER A 90 -25.12 11.22 -56.85
N SER A 91 -23.98 10.91 -56.25
CA SER A 91 -22.92 11.89 -56.10
C SER A 91 -22.18 12.08 -57.42
N PRO A 92 -21.77 13.32 -57.75
CA PRO A 92 -21.02 13.56 -58.97
C PRO A 92 -19.61 12.96 -58.87
N THR A 93 -19.35 12.32 -57.73
CA THR A 93 -18.04 11.78 -57.38
C THR A 93 -18.09 10.34 -56.87
N PHE A 94 -19.20 9.65 -57.16
CA PHE A 94 -19.36 8.23 -56.80
C PHE A 94 -18.21 7.39 -57.35
N GLY A 95 -17.55 6.64 -56.46
CA GLY A 95 -16.41 5.83 -56.85
C GLY A 95 -15.09 6.55 -56.75
N LYS A 96 -15.11 7.86 -56.50
CA LYS A 96 -13.87 8.62 -56.30
C LYS A 96 -13.42 8.51 -54.84
N TYR A 97 -12.14 8.76 -54.60
CA TYR A 97 -11.59 8.51 -53.28
C TYR A 97 -10.51 9.49 -52.89
N VAL A 98 -10.35 9.67 -51.58
CA VAL A 98 -9.26 10.46 -51.01
C VAL A 98 -8.30 9.51 -50.28
N LYS A 99 -7.01 9.74 -50.50
CA LYS A 99 -5.93 9.03 -49.80
C LYS A 99 -5.16 10.03 -48.97
N ALA A 100 -4.75 9.63 -47.78
CA ALA A 100 -3.93 10.45 -46.88
C ALA A 100 -3.14 9.55 -45.94
N GLU A 101 -1.85 9.85 -45.79
CA GLU A 101 -1.01 9.22 -44.79
C GLU A 101 -1.19 9.91 -43.44
N LEU A 102 -1.70 9.15 -42.49
CA LEU A 102 -1.83 9.61 -41.11
C LEU A 102 -0.84 8.79 -40.31
N ASN A 103 -0.11 9.45 -39.43
CA ASN A 103 0.98 8.81 -38.72
C ASN A 103 1.28 9.54 -37.41
N GLU A 104 2.13 8.95 -36.59
CA GLU A 104 2.52 9.56 -35.32
C GLU A 104 3.48 10.74 -35.49
N GLU A 105 4.11 10.86 -36.66
CA GLU A 105 5.04 11.97 -36.96
C GLU A 105 4.28 13.25 -37.19
N ASN A 106 3.20 13.16 -37.96
CA ASN A 106 2.37 14.34 -38.27
C ASN A 106 1.23 14.61 -37.28
N HIS A 107 0.71 13.54 -36.66
CA HIS A 107 -0.50 13.60 -35.83
C HIS A 107 -1.69 14.23 -36.54
N TYR A 108 -1.71 14.14 -37.88
CA TYR A 108 -2.86 14.60 -38.67
C TYR A 108 -4.05 13.65 -38.56
N MET A 109 -5.22 14.22 -38.83
CA MET A 109 -6.49 13.53 -38.73
C MET A 109 -7.26 13.74 -40.02
N LEU A 110 -8.12 12.79 -40.35
CA LEU A 110 -9.02 12.89 -41.49
C LEU A 110 -10.43 12.82 -40.95
N TRP A 111 -11.22 13.84 -41.26
CA TRP A 111 -12.67 13.78 -41.04
C TRP A 111 -13.35 13.25 -42.30
N ILE A 112 -14.12 12.19 -42.09
CA ILE A 112 -14.82 11.47 -43.16
C ILE A 112 -16.33 11.48 -42.84
N PRO A 113 -17.10 12.33 -43.54
CA PRO A 113 -18.55 12.47 -43.34
C PRO A 113 -19.30 11.23 -43.78
N PRO A 114 -20.59 11.07 -43.37
CA PRO A 114 -21.38 9.93 -43.87
C PRO A 114 -21.48 9.88 -45.41
N GLY A 115 -21.65 8.68 -45.95
CA GLY A 115 -21.69 8.50 -47.39
C GLY A 115 -20.40 8.00 -48.01
N PHE A 116 -19.36 7.77 -47.17
CA PHE A 116 -18.08 7.22 -47.62
C PHE A 116 -17.77 5.89 -47.00
N ALA A 117 -17.02 5.05 -47.72
CA ALA A 117 -16.46 3.83 -47.16
C ALA A 117 -15.01 4.07 -46.75
N HIS A 118 -14.67 3.70 -45.52
CA HIS A 118 -13.33 3.96 -44.96
C HIS A 118 -12.46 2.71 -44.85
N GLY A 119 -11.20 2.82 -45.23
CA GLY A 119 -10.26 1.75 -44.97
C GLY A 119 -8.86 2.30 -44.84
N PHE A 120 -7.93 1.45 -44.43
CA PHE A 120 -6.52 1.79 -44.42
C PHE A 120 -5.66 0.55 -44.50
N GLN A 121 -4.42 0.74 -44.94
CA GLN A 121 -3.37 -0.23 -44.71
C GLN A 121 -2.35 0.30 -43.69
N ALA A 122 -2.02 -0.54 -42.71
CA ALA A 122 -0.94 -0.22 -41.77
C ALA A 122 0.41 -0.32 -42.49
N LEU A 123 1.14 0.80 -42.49
CA LEU A 123 2.45 0.89 -43.15
C LEU A 123 3.55 0.40 -42.19
N GLU A 124 3.24 0.54 -40.91
CA GLU A 124 4.02 0.06 -39.79
C GLU A 124 2.96 -0.52 -38.87
N ASP A 125 3.39 -1.19 -37.81
CA ASP A 125 2.52 -1.56 -36.69
C ASP A 125 1.92 -0.25 -36.19
N SER A 126 0.59 -0.17 -36.17
CA SER A 126 -0.13 1.09 -35.92
C SER A 126 -1.31 1.00 -34.97
N ILE A 127 -1.45 2.04 -34.15
CA ILE A 127 -2.64 2.27 -33.35
C ILE A 127 -3.47 3.36 -34.01
N VAL A 128 -4.69 2.99 -34.35
CA VAL A 128 -5.65 3.90 -34.94
C VAL A 128 -6.76 4.12 -33.93
N ILE A 129 -7.13 5.39 -33.76
CA ILE A 129 -8.29 5.81 -32.98
C ILE A 129 -9.35 6.31 -33.95
N TYR A 130 -10.58 5.86 -33.74
CA TYR A 130 -11.70 6.32 -34.57
C TYR A 130 -12.65 7.13 -33.69
N PHE A 131 -12.79 8.42 -33.95
CA PHE A 131 -13.82 9.20 -33.26
C PHE A 131 -15.06 9.16 -34.14
N ILE A 132 -16.14 8.58 -33.61
CA ILE A 132 -17.32 8.25 -34.42
C ILE A 132 -18.46 9.21 -34.10
N THR A 133 -19.04 9.80 -35.15
CA THR A 133 -20.14 10.75 -35.01
C THR A 133 -21.40 10.16 -35.63
N HIS A 134 -22.52 10.81 -35.36
CA HIS A 134 -23.86 10.48 -35.95
C HIS A 134 -24.59 9.32 -35.30
N ASN A 135 -24.02 8.13 -35.40
CA ASN A 135 -24.65 6.92 -34.92
C ASN A 135 -23.67 5.88 -34.44
N GLU A 136 -24.04 5.16 -33.39
CA GLU A 136 -23.20 4.11 -32.85
C GLU A 136 -23.09 2.90 -33.78
N TYR A 137 -22.20 1.99 -33.40
CA TYR A 137 -22.14 0.63 -33.92
C TYR A 137 -23.53 0.06 -34.06
N SER A 138 -23.84 -0.40 -35.27
CA SER A 138 -25.14 -1.01 -35.57
C SER A 138 -24.94 -2.06 -36.67
N PRO A 139 -24.69 -3.32 -36.26
CA PRO A 139 -24.50 -4.46 -37.17
C PRO A 139 -25.56 -4.64 -38.29
N PRO A 140 -26.87 -4.45 -37.99
CA PRO A 140 -27.83 -4.58 -39.09
C PRO A 140 -27.60 -3.63 -40.27
N HIS A 141 -26.95 -2.50 -40.00
CA HIS A 141 -26.73 -1.45 -41.01
C HIS A 141 -25.30 -1.43 -41.60
N GLU A 142 -24.44 -2.34 -41.12
CA GLU A 142 -23.07 -2.44 -41.61
C GLU A 142 -23.03 -2.93 -43.05
N ARG A 143 -22.19 -2.28 -43.86
CA ARG A 143 -21.93 -2.67 -45.25
C ARG A 143 -20.45 -2.40 -45.59
N CYS A 144 -19.94 -3.05 -46.63
CA CYS A 144 -18.59 -2.78 -47.09
C CYS A 144 -18.44 -2.98 -48.59
N ILE A 145 -17.38 -2.38 -49.13
CA ILE A 145 -16.93 -2.64 -50.50
C ILE A 145 -15.49 -3.15 -50.42
N SER A 146 -15.09 -3.95 -51.39
CA SER A 146 -13.79 -4.63 -51.37
C SER A 146 -12.59 -3.69 -51.29
N TYR A 147 -11.64 -4.07 -50.42
CA TYR A 147 -10.32 -3.45 -50.31
C TYR A 147 -9.61 -3.39 -51.67
N SER A 148 -9.87 -4.38 -52.53
CA SER A 148 -9.23 -4.50 -53.85
C SER A 148 -9.55 -3.35 -54.80
N TYR A 149 -10.50 -2.51 -54.38
CA TYR A 149 -10.84 -1.30 -55.11
C TYR A 149 -9.65 -0.35 -55.17
N ILE A 150 -8.74 -0.52 -54.20
CA ILE A 150 -7.63 0.37 -53.97
C ILE A 150 -6.34 -0.37 -54.23
N ASP A 151 -5.35 0.35 -54.73
CA ASP A 151 -4.02 -0.18 -54.92
C ASP A 151 -3.19 0.18 -53.67
N TRP A 152 -2.94 -0.82 -52.83
CA TRP A 152 -2.27 -0.68 -51.54
C TRP A 152 -0.77 -0.92 -51.74
N PRO A 153 0.09 -0.19 -51.00
CA PRO A 153 1.55 -0.31 -51.22
C PRO A 153 2.23 -1.58 -50.69
N ILE A 154 1.70 -2.17 -49.62
CA ILE A 154 2.33 -3.36 -49.03
C ILE A 154 1.69 -4.63 -49.60
N LYS A 155 2.56 -5.53 -50.04
CA LYS A 155 2.23 -6.74 -50.77
C LYS A 155 1.74 -7.83 -49.82
N GLU A 156 2.35 -7.91 -48.64
CA GLU A 156 1.97 -8.89 -47.62
C GLU A 156 0.74 -8.39 -46.87
N VAL A 157 -0.40 -8.41 -47.55
CA VAL A 157 -1.66 -7.96 -47.00
C VAL A 157 -2.21 -8.95 -45.95
N ILE A 158 -2.59 -8.41 -44.80
CA ILE A 158 -3.25 -9.19 -43.74
C ILE A 158 -4.68 -8.70 -43.55
N ILE A 159 -5.65 -9.59 -43.71
CA ILE A 159 -7.03 -9.15 -43.87
C ILE A 159 -7.99 -10.19 -43.33
N SER A 160 -9.14 -9.75 -42.84
CA SER A 160 -10.08 -10.64 -42.19
C SER A 160 -10.99 -11.32 -43.22
N ASP A 161 -11.52 -12.47 -42.83
CA ASP A 161 -12.53 -13.20 -43.61
C ASP A 161 -13.70 -12.29 -44.00
N LYS A 162 -14.24 -11.53 -43.04
CA LYS A 162 -15.31 -10.55 -43.30
C LYS A 162 -14.94 -9.57 -44.40
N ASP A 163 -13.71 -9.07 -44.35
CA ASP A 163 -13.28 -8.06 -45.33
C ASP A 163 -13.00 -8.67 -46.70
N LEU A 164 -12.65 -9.96 -46.71
CA LEU A 164 -12.41 -10.66 -47.96
C LEU A 164 -13.69 -10.94 -48.74
N GLN A 165 -14.83 -11.00 -48.05
CA GLN A 165 -16.09 -11.26 -48.74
C GLN A 165 -16.89 -10.02 -49.13
N CYS A 166 -16.36 -8.85 -48.76
CA CYS A 166 -16.93 -7.58 -49.19
C CYS A 166 -17.08 -7.55 -50.72
N PRO A 167 -18.27 -7.15 -51.21
CA PRO A 167 -18.53 -7.04 -52.66
C PRO A 167 -17.75 -5.92 -53.34
N SER A 168 -17.46 -6.07 -54.63
CA SER A 168 -16.88 -4.98 -55.40
C SER A 168 -17.84 -3.78 -55.41
N LEU A 169 -17.31 -2.59 -55.68
CA LEU A 169 -18.12 -1.38 -55.72
C LEU A 169 -19.42 -1.52 -56.54
N GLU A 170 -19.32 -2.07 -57.74
CA GLU A 170 -20.48 -2.14 -58.64
C GLU A 170 -21.55 -3.17 -58.23
N LYS A 171 -21.20 -4.06 -57.30
CA LYS A 171 -22.15 -5.03 -56.75
C LYS A 171 -22.78 -4.59 -55.42
N ALA A 172 -22.00 -3.86 -54.62
CA ALA A 172 -22.39 -3.46 -53.26
C ALA A 172 -23.71 -2.69 -53.14
N GLU A 173 -24.34 -2.84 -51.97
CA GLU A 173 -25.47 -2.02 -51.56
C GLU A 173 -24.92 -0.72 -50.94
N VAL A 174 -25.18 0.40 -51.59
CA VAL A 174 -24.52 1.66 -51.25
C VAL A 174 -25.47 2.83 -50.92
N PHE A 175 -24.89 3.99 -50.63
CA PHE A 175 -25.63 5.22 -50.32
C PHE A 175 -26.30 5.83 -51.56
N ASP A 176 -27.22 6.75 -51.31
CA ASP A 176 -27.94 7.48 -52.37
C ASP A 176 -27.21 8.75 -52.79
N MET B 1 -21.03 -6.46 -20.47
CA MET B 1 -20.52 -6.11 -21.83
C MET B 1 -21.14 -4.83 -22.39
N PRO B 2 -20.45 -4.18 -23.35
CA PRO B 2 -19.03 -4.36 -23.69
C PRO B 2 -18.08 -3.65 -22.70
N PHE B 3 -18.65 -3.15 -21.61
CA PHE B 3 -17.88 -2.56 -20.51
C PHE B 3 -18.33 -3.16 -19.18
N GLU B 4 -17.35 -3.44 -18.33
CA GLU B 4 -17.59 -3.62 -16.92
C GLU B 4 -17.05 -2.38 -16.26
N PHE B 5 -17.77 -1.85 -15.28
CA PHE B 5 -17.35 -0.72 -14.48
C PHE B 5 -17.01 -1.23 -13.09
N GLU B 6 -15.93 -0.70 -12.49
CA GLU B 6 -15.60 -0.97 -11.09
C GLU B 6 -15.52 0.34 -10.31
N ASN B 7 -16.15 0.36 -9.14
CA ASN B 7 -16.13 1.52 -8.24
C ASN B 7 -14.87 1.52 -7.38
N LEU B 8 -14.09 2.58 -7.48
CA LEU B 8 -12.82 2.68 -6.75
C LEU B 8 -12.96 3.55 -5.50
N GLY B 9 -14.09 4.24 -5.41
CA GLY B 9 -14.36 5.12 -4.28
C GLY B 9 -14.51 6.54 -4.75
N MET B 10 -15.37 7.28 -4.04
CA MET B 10 -15.62 8.71 -4.23
C MET B 10 -16.20 9.07 -5.60
N GLY B 11 -16.79 8.10 -6.27
CA GLY B 11 -17.32 8.35 -7.61
C GLY B 11 -16.29 8.15 -8.73
N ILE B 12 -15.08 7.71 -8.36
CA ILE B 12 -14.04 7.34 -9.32
C ILE B 12 -14.33 5.93 -9.82
N ILE B 13 -14.33 5.75 -11.14
CA ILE B 13 -14.75 4.50 -11.75
C ILE B 13 -13.67 3.97 -12.69
N LEU B 14 -13.37 2.69 -12.55
CA LEU B 14 -12.47 2.02 -13.46
C LEU B 14 -13.27 1.28 -14.54
N ILE B 15 -13.00 1.61 -15.79
CA ILE B 15 -13.74 1.04 -16.89
C ILE B 15 -12.85 0.05 -17.62
N LYS B 16 -13.41 -1.13 -17.82
CA LYS B 16 -12.69 -2.26 -18.35
C LYS B 16 -13.33 -2.60 -19.70
N PRO B 17 -12.73 -2.14 -20.81
CA PRO B 17 -13.26 -2.46 -22.12
C PRO B 17 -12.83 -3.85 -22.63
N LYS B 18 -13.68 -4.48 -23.44
CA LYS B 18 -13.39 -5.79 -24.04
C LYS B 18 -12.56 -5.68 -25.32
N VAL B 19 -11.37 -6.28 -25.29
CA VAL B 19 -10.45 -6.32 -26.42
C VAL B 19 -10.61 -7.62 -27.22
N PHE B 20 -10.53 -7.50 -28.55
CA PHE B 20 -10.71 -8.65 -29.44
C PHE B 20 -9.46 -8.88 -30.27
N PRO B 21 -8.60 -9.81 -29.82
CA PRO B 21 -7.39 -10.10 -30.58
C PRO B 21 -7.68 -10.93 -31.82
N ASP B 22 -6.88 -10.75 -32.86
CA ASP B 22 -6.87 -11.68 -33.99
C ASP B 22 -5.53 -11.60 -34.72
N LYS B 23 -5.43 -12.23 -35.88
CA LYS B 23 -4.18 -12.20 -36.61
C LYS B 23 -3.74 -10.77 -36.97
N ARG B 24 -4.70 -9.87 -37.17
CA ARG B 24 -4.42 -8.45 -37.55
C ARG B 24 -3.82 -7.62 -36.42
N GLY B 25 -4.20 -7.95 -35.19
CA GLY B 25 -3.74 -7.25 -34.01
C GLY B 25 -4.87 -7.34 -33.03
N PHE B 26 -5.51 -6.21 -32.74
CA PHE B 26 -6.67 -6.20 -31.87
C PHE B 26 -7.62 -5.04 -32.13
N PHE B 27 -8.85 -5.19 -31.68
CA PHE B 27 -9.86 -4.13 -31.79
C PHE B 27 -10.60 -4.01 -30.46
N LEU B 28 -10.92 -2.78 -30.09
CA LEU B 28 -11.84 -2.55 -28.99
C LEU B 28 -12.65 -1.32 -29.23
N GLU B 29 -13.82 -1.32 -28.63
CA GLU B 29 -14.59 -0.13 -28.50
C GLU B 29 -14.21 0.50 -27.15
N VAL B 30 -13.77 1.75 -27.21
CA VAL B 30 -13.22 2.48 -26.07
C VAL B 30 -14.32 3.12 -25.23
N PHE B 31 -15.12 4.00 -25.83
CA PHE B 31 -16.35 4.45 -25.15
C PHE B 31 -17.53 4.50 -26.11
N LYS B 32 -18.70 4.21 -25.58
CA LYS B 32 -19.96 4.32 -26.30
C LYS B 32 -20.86 5.22 -25.47
N SER B 33 -21.44 6.22 -26.13
CA SER B 33 -22.31 7.19 -25.47
C SER B 33 -23.46 6.55 -24.67
N GLU B 34 -24.18 5.61 -25.28
CA GLU B 34 -25.30 4.94 -24.59
C GLU B 34 -24.87 4.35 -23.24
N ASP B 35 -23.67 3.76 -23.22
CA ASP B 35 -23.16 3.04 -22.08
C ASP B 35 -22.73 3.95 -20.95
N PHE B 36 -21.99 5.00 -21.31
CA PHE B 36 -21.43 5.93 -20.34
C PHE B 36 -22.51 6.80 -19.70
N THR B 37 -23.52 7.16 -20.48
CA THR B 37 -24.69 7.86 -19.96
C THR B 37 -25.28 7.12 -18.76
N LYS B 38 -25.40 5.80 -18.90
CA LYS B 38 -25.89 4.94 -17.82
C LYS B 38 -25.13 5.13 -16.50
N MET B 39 -23.80 5.22 -16.59
CA MET B 39 -22.96 5.46 -15.41
C MET B 39 -22.82 6.94 -15.04
N ARG B 40 -23.66 7.78 -15.65
CA ARG B 40 -23.70 9.23 -15.35
C ARG B 40 -22.52 10.00 -15.96
N ILE B 41 -21.76 9.34 -16.83
CA ILE B 41 -20.65 10.02 -17.51
C ILE B 41 -21.16 10.74 -18.76
N PRO B 42 -21.03 12.07 -18.80
CA PRO B 42 -21.56 12.82 -19.95
C PRO B 42 -20.73 12.76 -21.24
N ASN B 43 -21.29 13.43 -22.25
CA ASN B 43 -20.73 13.72 -23.57
C ASN B 43 -19.27 14.17 -23.59
N VAL B 44 -18.44 13.60 -24.47
CA VAL B 44 -17.03 14.04 -24.64
C VAL B 44 -16.93 15.25 -25.58
N ILE B 45 -16.47 16.38 -25.05
CA ILE B 45 -16.33 17.62 -25.82
C ILE B 45 -14.88 18.05 -26.13
N GLN B 46 -13.91 17.31 -25.60
CA GLN B 46 -12.49 17.50 -25.93
C GLN B 46 -11.69 16.21 -25.71
N THR B 47 -10.73 15.95 -26.59
CA THR B 47 -9.76 14.88 -26.40
C THR B 47 -8.36 15.44 -26.57
N ASN B 48 -7.52 15.22 -25.55
CA ASN B 48 -6.10 15.55 -25.62
C ASN B 48 -5.23 14.30 -25.64
N MET B 49 -3.93 14.52 -25.88
CA MET B 49 -2.97 13.42 -25.93
C MET B 49 -1.61 13.92 -25.47
N SER B 50 -0.92 13.12 -24.66
CA SER B 50 0.44 13.43 -24.31
C SER B 50 1.32 12.23 -24.52
N PHE B 51 2.59 12.50 -24.84
CA PHE B 51 3.60 11.49 -24.74
C PHE B 51 4.49 11.93 -23.59
N SER B 52 4.87 10.97 -22.75
CA SER B 52 5.72 11.23 -21.57
C SER B 52 6.80 10.19 -21.45
N ARG B 53 8.03 10.63 -21.25
CA ARG B 53 9.12 9.71 -21.02
C ARG B 53 9.03 9.09 -19.61
N LYS B 54 9.64 7.92 -19.41
CA LYS B 54 9.61 7.28 -18.09
C LYS B 54 10.01 8.25 -16.99
N GLY B 55 9.25 8.20 -15.88
CA GLY B 55 9.56 8.99 -14.70
C GLY B 55 8.87 10.35 -14.64
N VAL B 56 8.40 10.82 -15.78
CA VAL B 56 7.64 12.06 -15.86
C VAL B 56 6.40 12.05 -14.97
N VAL B 57 6.20 13.16 -14.25
CA VAL B 57 4.97 13.41 -13.51
C VAL B 57 4.29 14.64 -14.09
N ARG B 58 3.01 14.50 -14.44
CA ARG B 58 2.18 15.65 -14.84
C ARG B 58 1.01 15.77 -13.89
N GLY B 59 0.68 16.99 -13.46
CA GLY B 59 -0.46 17.20 -12.58
C GLY B 59 -0.04 18.07 -11.40
N LEU B 60 -0.91 18.26 -10.41
CA LEU B 60 -2.24 17.62 -10.32
C LEU B 60 -3.27 18.63 -10.72
N HIS B 61 -3.94 18.37 -11.86
CA HIS B 61 -4.72 19.40 -12.52
C HIS B 61 -6.24 19.29 -12.35
N TYR B 62 -6.88 20.45 -12.19
CA TYR B 62 -8.35 20.61 -12.23
C TYR B 62 -8.71 22.01 -12.71
N GLN B 63 -9.91 22.14 -13.27
CA GLN B 63 -10.47 23.44 -13.57
C GLN B 63 -11.64 23.76 -12.63
N ARG B 64 -11.69 25.00 -12.17
CA ARG B 64 -12.74 25.44 -11.26
C ARG B 64 -14.05 25.73 -11.98
N THR B 65 -15.16 25.53 -11.26
CA THR B 65 -16.48 26.09 -11.58
C THR B 65 -16.37 27.50 -12.20
N PRO B 66 -17.17 27.85 -13.23
CA PRO B 66 -18.13 27.06 -14.02
C PRO B 66 -17.48 26.39 -15.22
N LYS B 67 -16.17 26.19 -15.18
CA LYS B 67 -15.49 25.51 -16.27
C LYS B 67 -14.88 24.18 -15.81
N GLU B 68 -15.61 23.47 -14.95
CA GLU B 68 -15.16 22.21 -14.37
C GLU B 68 -15.13 21.09 -15.42
N GLN B 69 -14.26 20.11 -15.22
CA GLN B 69 -14.07 19.05 -16.19
C GLN B 69 -14.12 17.67 -15.55
N GLY B 70 -14.81 16.75 -16.20
CA GLY B 70 -14.63 15.33 -15.99
C GLY B 70 -13.63 14.78 -17.00
N LYS B 71 -12.99 13.67 -16.66
CA LYS B 71 -11.93 13.11 -17.49
C LYS B 71 -11.95 11.60 -17.51
N ILE B 72 -11.82 11.05 -18.69
CA ILE B 72 -11.60 9.62 -18.86
C ILE B 72 -10.16 9.44 -19.38
N ILE B 73 -9.34 8.77 -18.59
CA ILE B 73 -7.90 8.65 -18.85
C ILE B 73 -7.67 7.27 -19.39
N PHE B 74 -6.93 7.17 -20.49
CA PHE B 74 -6.72 5.96 -21.27
C PHE B 74 -5.24 5.86 -21.71
N VAL B 75 -4.64 4.66 -21.70
CA VAL B 75 -3.21 4.48 -22.02
C VAL B 75 -2.97 3.45 -23.13
N PRO B 76 -3.02 3.88 -24.41
CA PRO B 76 -2.79 2.94 -25.53
C PRO B 76 -1.34 2.49 -25.70
N LYS B 77 -0.40 3.17 -25.07
CA LYS B 77 1.00 2.77 -25.13
C LYS B 77 1.67 3.04 -23.79
N GLY B 78 2.33 2.03 -23.24
CA GLY B 78 3.08 2.24 -22.03
C GLY B 78 2.30 1.96 -20.76
N ARG B 79 2.62 2.69 -19.71
CA ARG B 79 2.20 2.31 -18.36
C ARG B 79 2.30 3.48 -17.41
N ILE B 80 1.17 3.88 -16.79
CA ILE B 80 1.14 5.00 -15.85
C ILE B 80 0.54 4.66 -14.49
N LEU B 81 0.93 5.42 -13.48
CA LEU B 81 0.22 5.36 -12.20
C LEU B 81 -0.60 6.63 -12.14
N ASP B 82 -1.90 6.47 -12.34
CA ASP B 82 -2.82 7.57 -12.45
C ASP B 82 -3.41 7.86 -11.05
N VAL B 83 -3.58 9.14 -10.74
CA VAL B 83 -4.04 9.55 -9.43
C VAL B 83 -5.18 10.58 -9.55
N ALA B 84 -6.17 10.46 -8.67
CA ALA B 84 -7.23 11.47 -8.55
C ALA B 84 -7.39 11.81 -7.08
N VAL B 85 -7.22 13.07 -6.72
CA VAL B 85 -7.47 13.47 -5.33
C VAL B 85 -8.68 14.38 -5.17
N ASP B 86 -9.52 14.04 -4.18
CA ASP B 86 -10.71 14.81 -3.85
C ASP B 86 -10.30 16.18 -3.35
N VAL B 87 -10.76 17.19 -4.05
CA VAL B 87 -10.32 18.54 -3.83
C VAL B 87 -11.56 19.45 -3.61
N ARG B 88 -12.63 18.81 -3.14
CA ARG B 88 -13.88 19.49 -2.77
C ARG B 88 -13.84 19.72 -1.27
N LYS B 89 -13.76 20.98 -0.86
CA LYS B 89 -13.58 21.37 0.54
C LYS B 89 -14.56 20.70 1.50
N SER B 90 -15.85 20.78 1.18
CA SER B 90 -16.90 20.24 2.07
C SER B 90 -16.99 18.70 2.07
N SER B 91 -16.35 18.05 1.09
CA SER B 91 -16.37 16.58 1.02
C SER B 91 -15.74 15.94 2.24
N PRO B 92 -16.41 14.91 2.82
CA PRO B 92 -15.80 14.15 3.92
C PRO B 92 -14.50 13.48 3.49
N THR B 93 -14.31 13.30 2.18
CA THR B 93 -13.10 12.71 1.64
C THR B 93 -12.12 13.73 1.01
N PHE B 94 -12.28 15.01 1.32
CA PHE B 94 -11.32 16.02 0.90
C PHE B 94 -9.89 15.62 1.21
N GLY B 95 -9.02 15.70 0.20
CA GLY B 95 -7.63 15.30 0.37
C GLY B 95 -7.34 13.80 0.21
N LYS B 96 -8.39 12.97 0.16
CA LYS B 96 -8.18 11.54 -0.06
C LYS B 96 -7.99 11.27 -1.56
N TYR B 97 -7.40 10.14 -1.91
CA TYR B 97 -7.06 9.90 -3.31
C TYR B 97 -7.21 8.42 -3.71
N VAL B 98 -7.36 8.19 -5.00
CA VAL B 98 -7.33 6.89 -5.63
C VAL B 98 -6.07 6.83 -6.53
N LYS B 99 -5.36 5.71 -6.48
CA LYS B 99 -4.28 5.41 -7.42
C LYS B 99 -4.65 4.17 -8.21
N ALA B 100 -4.49 4.24 -9.54
CA ALA B 100 -4.73 3.08 -10.41
C ALA B 100 -3.72 2.97 -11.56
N GLU B 101 -3.20 1.76 -11.77
CA GLU B 101 -2.37 1.51 -12.94
C GLU B 101 -3.17 1.27 -14.22
N LEU B 102 -3.01 2.21 -15.16
CA LEU B 102 -3.57 2.16 -16.50
C LEU B 102 -2.42 1.90 -17.48
N ASN B 103 -2.60 0.91 -18.35
CA ASN B 103 -1.54 0.46 -19.22
C ASN B 103 -2.07 -0.12 -20.54
N GLU B 104 -1.15 -0.39 -21.46
CA GLU B 104 -1.56 -0.83 -22.80
C GLU B 104 -1.94 -2.30 -22.79
N GLU B 105 -1.57 -3.01 -21.73
CA GLU B 105 -1.92 -4.41 -21.56
C GLU B 105 -3.35 -4.53 -21.05
N ASN B 106 -3.69 -3.75 -20.03
CA ASN B 106 -5.04 -3.84 -19.46
C ASN B 106 -6.11 -3.04 -20.18
N HIS B 107 -5.70 -2.00 -20.91
CA HIS B 107 -6.60 -1.09 -21.61
C HIS B 107 -7.66 -0.47 -20.70
N TYR B 108 -7.41 -0.46 -19.39
CA TYR B 108 -8.31 0.16 -18.42
C TYR B 108 -8.36 1.68 -18.56
N MET B 109 -9.50 2.24 -18.19
CA MET B 109 -9.69 3.68 -18.20
C MET B 109 -10.15 4.18 -16.84
N LEU B 110 -9.80 5.42 -16.52
CA LEU B 110 -10.20 6.01 -15.25
C LEU B 110 -11.15 7.18 -15.49
N TRP B 111 -12.38 7.05 -14.99
CA TRP B 111 -13.30 8.20 -14.93
C TRP B 111 -13.05 8.99 -13.67
N ILE B 112 -12.77 10.26 -13.88
CA ILE B 112 -12.52 11.20 -12.81
C ILE B 112 -13.54 12.33 -12.97
N PRO B 113 -14.58 12.35 -12.09
CA PRO B 113 -15.60 13.41 -12.22
C PRO B 113 -15.09 14.79 -11.78
N PRO B 114 -15.85 15.86 -12.09
CA PRO B 114 -15.55 17.19 -11.54
C PRO B 114 -15.31 17.12 -10.04
N GLY B 115 -14.38 17.91 -9.53
CA GLY B 115 -14.14 17.96 -8.11
C GLY B 115 -12.82 17.35 -7.62
N PHE B 116 -12.04 16.77 -8.55
CA PHE B 116 -10.80 16.06 -8.27
C PHE B 116 -9.61 16.68 -9.02
N ALA B 117 -8.42 16.55 -8.45
CA ALA B 117 -7.19 16.91 -9.16
C ALA B 117 -6.61 15.66 -9.84
N HIS B 118 -6.25 15.76 -11.13
CA HIS B 118 -5.66 14.59 -11.81
C HIS B 118 -4.17 14.76 -12.06
N GLY B 119 -3.43 13.70 -11.75
CA GLY B 119 -2.03 13.60 -12.14
C GLY B 119 -1.64 12.15 -12.38
N PHE B 120 -0.45 11.96 -12.95
CA PHE B 120 0.15 10.65 -13.16
C PHE B 120 1.67 10.70 -13.24
N GLN B 121 2.27 9.54 -13.02
CA GLN B 121 3.67 9.28 -13.36
C GLN B 121 3.72 8.20 -14.44
N ALA B 122 4.45 8.48 -15.53
CA ALA B 122 4.81 7.44 -16.51
C ALA B 122 5.82 6.48 -15.91
N LEU B 123 5.43 5.21 -15.87
CA LEU B 123 6.21 4.13 -15.27
C LEU B 123 7.11 3.56 -16.34
N GLU B 124 6.72 3.84 -17.59
CA GLU B 124 7.53 3.63 -18.78
C GLU B 124 7.14 4.77 -19.71
N ASP B 125 7.82 4.93 -20.83
CA ASP B 125 7.44 5.89 -21.86
C ASP B 125 5.96 5.66 -22.20
N SER B 126 5.11 6.68 -22.13
CA SER B 126 3.66 6.44 -22.30
C SER B 126 2.90 7.43 -23.15
N ILE B 127 1.96 6.93 -23.94
CA ILE B 127 0.97 7.76 -24.57
C ILE B 127 -0.31 7.72 -23.72
N VAL B 128 -0.75 8.90 -23.31
CA VAL B 128 -1.96 9.02 -22.49
C VAL B 128 -2.98 9.80 -23.32
N ILE B 129 -4.20 9.26 -23.39
CA ILE B 129 -5.33 9.94 -23.99
C ILE B 129 -6.23 10.45 -22.84
N TYR B 130 -6.64 11.70 -22.96
CA TYR B 130 -7.54 12.28 -21.97
C TYR B 130 -8.83 12.63 -22.71
N PHE B 131 -9.92 11.91 -22.42
CA PHE B 131 -11.26 12.30 -22.91
C PHE B 131 -11.89 13.25 -21.90
N ILE B 132 -12.26 14.44 -22.35
CA ILE B 132 -12.70 15.51 -21.46
C ILE B 132 -14.22 15.79 -21.63
N THR B 133 -14.92 15.90 -20.50
CA THR B 133 -16.36 16.16 -20.44
C THR B 133 -16.66 17.50 -19.76
N HIS B 134 -17.91 17.95 -19.88
CA HIS B 134 -18.41 19.19 -19.24
C HIS B 134 -17.91 20.45 -19.94
N ASN B 135 -16.61 20.74 -19.81
CA ASN B 135 -16.03 21.98 -20.33
C ASN B 135 -14.66 21.81 -20.99
N GLU B 136 -14.47 22.55 -22.08
CA GLU B 136 -13.22 22.58 -22.79
C GLU B 136 -12.18 23.33 -21.95
N TYR B 137 -10.92 23.19 -22.35
CA TYR B 137 -9.80 23.96 -21.86
C TYR B 137 -10.13 25.44 -21.59
N SER B 138 -9.82 25.91 -20.39
CA SER B 138 -9.99 27.33 -20.06
C SER B 138 -8.86 27.79 -19.15
N PRO B 139 -7.86 28.50 -19.72
CA PRO B 139 -6.68 29.01 -19.00
C PRO B 139 -6.96 29.77 -17.68
N PRO B 140 -7.96 30.70 -17.67
CA PRO B 140 -8.24 31.38 -16.40
C PRO B 140 -8.84 30.49 -15.33
N HIS B 141 -9.26 29.28 -15.68
CA HIS B 141 -9.89 28.41 -14.70
C HIS B 141 -9.00 27.24 -14.25
N GLU B 142 -7.81 27.16 -14.84
CA GLU B 142 -6.85 26.14 -14.48
C GLU B 142 -6.31 26.35 -13.08
N ARG B 143 -6.35 25.29 -12.28
CA ARG B 143 -5.71 25.27 -10.96
C ARG B 143 -5.00 23.93 -10.83
N CYS B 144 -4.22 23.79 -9.76
CA CYS B 144 -3.44 22.60 -9.52
C CYS B 144 -2.98 22.51 -8.08
N ILE B 145 -2.80 21.27 -7.63
CA ILE B 145 -2.14 20.93 -6.38
C ILE B 145 -0.77 20.38 -6.72
N SER B 146 0.19 20.58 -5.82
CA SER B 146 1.54 20.09 -6.01
C SER B 146 1.59 18.56 -6.19
N TYR B 147 2.43 18.12 -7.14
CA TYR B 147 2.74 16.70 -7.35
C TYR B 147 3.25 16.06 -6.05
N SER B 148 3.81 16.88 -5.16
CA SER B 148 4.48 16.41 -3.95
C SER B 148 3.52 15.93 -2.87
N TYR B 149 2.24 16.28 -3.03
CA TYR B 149 1.17 15.71 -2.25
C TYR B 149 1.22 14.19 -2.32
N ILE B 150 1.65 13.67 -3.46
CA ILE B 150 1.61 12.22 -3.67
C ILE B 150 3.01 11.67 -3.52
N ASP B 151 3.12 10.46 -2.99
CA ASP B 151 4.37 9.71 -3.09
C ASP B 151 4.38 8.93 -4.41
N TRP B 152 5.36 9.23 -5.28
CA TRP B 152 5.41 8.62 -6.62
C TRP B 152 6.37 7.42 -6.65
N PRO B 153 6.04 6.37 -7.43
CA PRO B 153 6.88 5.17 -7.43
C PRO B 153 8.33 5.42 -7.86
N ILE B 154 8.51 6.26 -8.87
CA ILE B 154 9.86 6.52 -9.40
C ILE B 154 10.47 7.80 -8.82
N LYS B 155 11.61 7.63 -8.14
CA LYS B 155 12.27 8.74 -7.46
C LYS B 155 12.74 9.81 -8.45
N GLU B 156 13.19 9.36 -9.61
CA GLU B 156 13.78 10.26 -10.59
C GLU B 156 12.71 10.97 -11.41
N VAL B 157 12.01 11.88 -10.73
CA VAL B 157 10.89 12.58 -11.33
C VAL B 157 11.32 13.68 -12.33
N ILE B 158 10.57 13.80 -13.42
CA ILE B 158 10.76 14.86 -14.42
C ILE B 158 9.47 15.66 -14.47
N ILE B 159 9.56 16.96 -14.21
CA ILE B 159 8.39 17.79 -13.92
C ILE B 159 8.60 19.13 -14.56
N SER B 160 7.57 19.65 -15.23
CA SER B 160 7.66 21.00 -15.80
C SER B 160 7.84 22.07 -14.70
N ASP B 161 8.55 23.15 -15.07
CA ASP B 161 8.69 24.32 -14.20
C ASP B 161 7.32 24.80 -13.73
N LYS B 162 6.35 24.81 -14.64
CA LYS B 162 4.97 25.17 -14.34
C LYS B 162 4.30 24.28 -13.27
N ASP B 163 4.41 22.95 -13.38
CA ASP B 163 3.90 22.05 -12.31
C ASP B 163 4.61 22.23 -10.96
N LEU B 164 5.88 22.67 -11.01
CA LEU B 164 6.65 23.04 -9.81
C LEU B 164 6.07 24.24 -9.06
N GLN B 165 5.31 25.06 -9.77
CA GLN B 165 4.65 26.22 -9.17
C GLN B 165 3.34 25.87 -8.46
N CYS B 166 2.80 24.68 -8.70
CA CYS B 166 1.53 24.30 -8.10
C CYS B 166 1.57 24.40 -6.56
N PRO B 167 0.62 25.13 -5.97
CA PRO B 167 0.57 25.23 -4.51
C PRO B 167 0.25 23.92 -3.79
N SER B 168 0.57 23.88 -2.50
CA SER B 168 0.19 22.82 -1.59
C SER B 168 -1.35 22.73 -1.59
N LEU B 169 -1.88 21.55 -1.25
CA LEU B 169 -3.32 21.35 -1.09
C LEU B 169 -3.89 22.33 -0.07
N GLU B 170 -3.11 22.55 0.98
CA GLU B 170 -3.46 23.43 2.07
C GLU B 170 -3.59 24.90 1.61
N LYS B 171 -2.74 25.32 0.66
CA LYS B 171 -2.73 26.69 0.18
C LYS B 171 -3.45 26.91 -1.17
N ALA B 172 -3.87 25.81 -1.81
CA ALA B 172 -4.58 25.89 -3.08
C ALA B 172 -5.99 26.48 -2.95
N GLU B 173 -6.49 27.07 -4.04
CA GLU B 173 -7.89 27.40 -4.17
C GLU B 173 -8.58 26.18 -4.78
N VAL B 174 -9.57 25.64 -4.06
CA VAL B 174 -10.14 24.34 -4.37
C VAL B 174 -11.65 24.45 -4.69
N PHE B 175 -12.29 23.31 -4.98
CA PHE B 175 -13.74 23.26 -5.14
C PHE B 175 -14.46 23.49 -3.81
N ASP B 176 -15.73 23.89 -3.92
CA ASP B 176 -16.62 24.03 -2.76
C ASP B 176 -16.79 22.71 -2.00
N MET C 1 3.71 -14.27 -4.46
CA MET C 1 2.66 -14.08 -3.42
C MET C 1 2.24 -15.41 -2.80
N PRO C 2 2.05 -15.44 -1.47
CA PRO C 2 1.47 -16.61 -0.83
C PRO C 2 -0.06 -16.65 -0.99
N PHE C 3 -0.55 -16.22 -2.16
CA PHE C 3 -1.98 -16.21 -2.48
C PHE C 3 -2.17 -16.64 -3.92
N GLU C 4 -3.30 -17.29 -4.19
CA GLU C 4 -3.84 -17.36 -5.55
C GLU C 4 -5.13 -16.54 -5.59
N PHE C 5 -5.42 -15.95 -6.74
CA PHE C 5 -6.59 -15.10 -6.92
C PHE C 5 -7.44 -15.59 -8.10
N GLU C 6 -8.73 -15.82 -7.85
CA GLU C 6 -9.67 -16.28 -8.87
C GLU C 6 -10.71 -15.24 -9.21
N ASN C 7 -10.71 -14.79 -10.46
CA ASN C 7 -11.81 -13.99 -10.95
C ASN C 7 -13.06 -14.86 -11.00
N LEU C 8 -14.10 -14.43 -10.31
CA LEU C 8 -15.35 -15.19 -10.28
C LEU C 8 -16.40 -14.53 -11.17
N GLY C 9 -16.05 -13.34 -11.69
CA GLY C 9 -16.89 -12.55 -12.55
C GLY C 9 -17.14 -11.23 -11.86
N MET C 10 -17.44 -10.20 -12.65
CA MET C 10 -17.98 -8.93 -12.16
C MET C 10 -17.07 -8.19 -11.17
N GLY C 11 -15.79 -8.57 -11.12
CA GLY C 11 -14.86 -7.93 -10.21
C GLY C 11 -14.72 -8.60 -8.85
N ILE C 12 -15.44 -9.72 -8.67
CA ILE C 12 -15.42 -10.55 -7.45
C ILE C 12 -14.22 -11.50 -7.52
N ILE C 13 -13.43 -11.55 -6.45
CA ILE C 13 -12.27 -12.43 -6.44
C ILE C 13 -12.29 -13.43 -5.29
N LEU C 14 -12.05 -14.70 -5.61
CA LEU C 14 -11.86 -15.74 -4.62
C LEU C 14 -10.35 -15.85 -4.31
N ILE C 15 -9.99 -15.53 -3.06
CA ILE C 15 -8.60 -15.49 -2.61
C ILE C 15 -8.29 -16.74 -1.82
N LYS C 16 -7.19 -17.39 -2.17
CA LYS C 16 -6.80 -18.65 -1.58
C LYS C 16 -5.41 -18.52 -0.98
N PRO C 17 -5.31 -18.42 0.37
CA PRO C 17 -4.01 -18.26 1.04
C PRO C 17 -3.23 -19.54 1.15
N LYS C 18 -1.91 -19.41 1.31
CA LYS C 18 -1.08 -20.57 1.59
C LYS C 18 -1.09 -20.82 3.09
N VAL C 19 -1.44 -22.04 3.46
CA VAL C 19 -1.56 -22.43 4.86
C VAL C 19 -0.38 -23.33 5.24
N PHE C 20 0.22 -23.07 6.40
CA PHE C 20 1.38 -23.83 6.87
C PHE C 20 1.09 -24.61 8.15
N PRO C 21 0.72 -25.92 8.02
CA PRO C 21 0.54 -26.77 9.18
C PRO C 21 1.83 -27.38 9.77
N ASP C 22 1.83 -27.56 11.08
CA ASP C 22 2.85 -28.35 11.79
C ASP C 22 2.25 -28.91 13.07
N LYS C 23 3.08 -29.42 13.97
CA LYS C 23 2.60 -30.00 15.23
C LYS C 23 1.87 -28.99 16.13
N ARG C 24 2.19 -27.70 15.99
CA ARG C 24 1.57 -26.65 16.80
C ARG C 24 0.14 -26.31 16.39
N GLY C 25 -0.18 -26.55 15.11
CA GLY C 25 -1.45 -26.18 14.52
C GLY C 25 -1.15 -25.72 13.12
N PHE C 26 -1.45 -24.47 12.80
CA PHE C 26 -1.08 -23.90 11.50
C PHE C 26 -0.99 -22.37 11.55
N PHE C 27 -0.44 -21.81 10.47
CA PHE C 27 -0.24 -20.37 10.30
C PHE C 27 -0.55 -19.99 8.84
N LEU C 28 -1.09 -18.78 8.61
CA LEU C 28 -1.25 -18.23 7.26
C LEU C 28 -1.20 -16.72 7.28
N GLU C 29 -0.77 -16.13 6.18
CA GLU C 29 -0.98 -14.71 5.99
C GLU C 29 -2.35 -14.58 5.32
N VAL C 30 -3.20 -13.74 5.89
CA VAL C 30 -4.58 -13.54 5.41
C VAL C 30 -4.70 -12.36 4.43
N PHE C 31 -4.20 -11.20 4.85
CA PHE C 31 -4.22 -9.97 4.06
C PHE C 31 -2.83 -9.33 4.09
N LYS C 32 -2.33 -8.87 2.94
CA LYS C 32 -1.08 -8.13 2.85
C LYS C 32 -1.32 -6.99 1.86
N SER C 33 -1.11 -5.75 2.31
CA SER C 33 -1.43 -4.56 1.53
C SER C 33 -0.80 -4.56 0.11
N GLU C 34 0.51 -4.78 0.03
CA GLU C 34 1.22 -4.70 -1.26
C GLU C 34 0.76 -5.74 -2.29
N ASP C 35 0.63 -6.99 -1.88
CA ASP C 35 0.13 -8.04 -2.75
C ASP C 35 -1.33 -7.80 -3.17
N PHE C 36 -2.14 -7.33 -2.22
CA PHE C 36 -3.55 -7.12 -2.51
C PHE C 36 -3.76 -5.93 -3.45
N THR C 37 -3.02 -4.86 -3.20
CA THR C 37 -3.07 -3.66 -4.06
C THR C 37 -2.71 -3.99 -5.51
N LYS C 38 -1.69 -4.83 -5.69
CA LYS C 38 -1.31 -5.36 -7.01
C LYS C 38 -2.49 -6.04 -7.70
N MET C 39 -3.45 -6.52 -6.90
CA MET C 39 -4.64 -7.19 -7.42
C MET C 39 -5.87 -6.30 -7.39
N ARG C 40 -5.64 -5.02 -7.08
CA ARG C 40 -6.67 -3.97 -7.06
C ARG C 40 -7.61 -4.00 -5.86
N ILE C 41 -7.20 -4.72 -4.81
CA ILE C 41 -7.94 -4.74 -3.56
C ILE C 41 -7.30 -3.73 -2.61
N PRO C 42 -8.06 -2.67 -2.28
CA PRO C 42 -7.48 -1.63 -1.46
C PRO C 42 -7.37 -2.05 0.01
N ASN C 43 -6.80 -1.15 0.80
CA ASN C 43 -6.44 -1.36 2.18
C ASN C 43 -7.66 -1.49 3.10
N VAL C 44 -7.55 -2.37 4.09
CA VAL C 44 -8.60 -2.59 5.10
C VAL C 44 -8.60 -1.42 6.06
N ILE C 45 -9.75 -0.78 6.24
CA ILE C 45 -9.86 0.35 7.15
C ILE C 45 -10.79 0.04 8.35
N GLN C 46 -11.43 -1.13 8.31
CA GLN C 46 -12.27 -1.60 9.41
C GLN C 46 -12.35 -3.13 9.36
N THR C 47 -12.38 -3.77 10.53
CA THR C 47 -12.60 -5.21 10.53
C THR C 47 -13.71 -5.55 11.51
N ASN C 48 -14.65 -6.40 11.08
CA ASN C 48 -15.75 -6.86 11.94
C ASN C 48 -15.75 -8.36 12.08
N MET C 49 -16.56 -8.83 13.02
CA MET C 49 -16.68 -10.22 13.34
C MET C 49 -18.12 -10.55 13.68
N SER C 50 -18.60 -11.70 13.24
CA SER C 50 -19.89 -12.22 13.69
C SER C 50 -19.75 -13.71 13.99
N PHE C 51 -20.53 -14.17 14.97
CA PHE C 51 -20.75 -15.59 15.17
C PHE C 51 -22.20 -15.89 14.79
N SER C 52 -22.42 -16.99 14.09
CA SER C 52 -23.78 -17.35 13.66
C SER C 52 -24.06 -18.82 13.88
N ARG C 53 -25.22 -19.09 14.51
CA ARG C 53 -25.81 -20.42 14.62
C ARG C 53 -26.11 -21.02 13.26
N LYS C 54 -25.98 -22.35 13.15
CA LYS C 54 -26.40 -23.08 11.94
C LYS C 54 -27.75 -22.59 11.45
N GLY C 55 -27.83 -22.27 10.16
CA GLY C 55 -29.07 -21.84 9.53
C GLY C 55 -29.30 -20.35 9.52
N VAL C 56 -28.52 -19.59 10.28
CA VAL C 56 -28.62 -18.14 10.25
C VAL C 56 -28.32 -17.61 8.84
N VAL C 57 -29.16 -16.66 8.40
CA VAL C 57 -28.94 -15.86 7.21
C VAL C 57 -28.79 -14.41 7.62
N ARG C 58 -27.71 -13.76 7.18
CA ARG C 58 -27.48 -12.34 7.41
C ARG C 58 -27.28 -11.68 6.04
N GLY C 59 -27.89 -10.50 5.82
CA GLY C 59 -27.85 -9.83 4.51
C GLY C 59 -29.22 -9.50 3.92
N LEU C 60 -29.26 -8.97 2.69
CA LEU C 60 -28.07 -8.75 1.86
C LEU C 60 -27.70 -7.27 1.91
N HIS C 61 -26.52 -6.98 2.47
CA HIS C 61 -26.14 -5.62 2.84
C HIS C 61 -25.19 -4.93 1.85
N TYR C 62 -25.30 -3.61 1.82
CA TYR C 62 -24.41 -2.73 1.08
C TYR C 62 -24.69 -1.35 1.63
N GLN C 63 -23.66 -0.49 1.65
CA GLN C 63 -23.84 0.90 2.02
C GLN C 63 -23.79 1.72 0.71
N ARG C 64 -24.50 2.84 0.66
CA ARG C 64 -24.47 3.72 -0.53
C ARG C 64 -23.52 4.91 -0.38
N THR C 65 -23.34 5.67 -1.47
CA THR C 65 -22.37 6.76 -1.55
C THR C 65 -22.79 8.00 -0.71
N PRO C 66 -21.81 8.73 -0.13
CA PRO C 66 -20.37 8.60 -0.17
C PRO C 66 -19.76 7.63 0.88
N LYS C 67 -20.43 6.50 1.16
CA LYS C 67 -19.93 5.53 2.18
C LYS C 67 -19.86 4.09 1.68
N GLU C 68 -19.78 3.93 0.37
CA GLU C 68 -19.55 2.66 -0.30
C GLU C 68 -18.42 1.80 0.34
N GLN C 69 -18.55 0.47 0.26
CA GLN C 69 -17.65 -0.45 0.95
C GLN C 69 -17.32 -1.65 0.10
N GLY C 70 -16.03 -1.98 0.05
CA GLY C 70 -15.59 -3.27 -0.44
C GLY C 70 -15.46 -4.19 0.76
N LYS C 71 -15.48 -5.50 0.53
CA LYS C 71 -15.43 -6.47 1.62
C LYS C 71 -14.62 -7.66 1.24
N ILE C 72 -13.76 -8.11 2.16
CA ILE C 72 -13.13 -9.43 2.06
C ILE C 72 -13.69 -10.30 3.20
N ILE C 73 -14.30 -11.43 2.82
CA ILE C 73 -15.03 -12.27 3.75
C ILE C 73 -14.24 -13.54 3.98
N PHE C 74 -14.16 -13.97 5.25
CA PHE C 74 -13.21 -14.98 5.69
C PHE C 74 -13.83 -15.78 6.83
N VAL C 75 -13.65 -17.10 6.83
CA VAL C 75 -14.31 -17.98 7.80
C VAL C 75 -13.32 -18.86 8.56
N PRO C 76 -12.80 -18.35 9.69
CA PRO C 76 -11.83 -19.09 10.50
C PRO C 76 -12.41 -20.27 11.29
N LYS C 77 -13.74 -20.32 11.42
CA LYS C 77 -14.45 -21.39 12.09
C LYS C 77 -15.84 -21.66 11.43
N GLY C 78 -16.11 -22.91 11.07
CA GLY C 78 -17.39 -23.29 10.44
C GLY C 78 -17.40 -23.24 8.91
N ARG C 79 -18.58 -23.05 8.33
CA ARG C 79 -18.80 -23.01 6.88
C ARG C 79 -19.97 -22.13 6.54
N ILE C 80 -19.79 -21.24 5.57
CA ILE C 80 -20.88 -20.43 5.06
C ILE C 80 -21.02 -20.62 3.53
N LEU C 81 -22.21 -20.33 3.02
CA LEU C 81 -22.40 -20.06 1.60
C LEU C 81 -22.45 -18.55 1.52
N ASP C 82 -21.45 -17.96 0.90
CA ASP C 82 -21.37 -16.53 0.86
C ASP C 82 -21.92 -16.11 -0.50
N VAL C 83 -22.59 -14.98 -0.54
CA VAL C 83 -23.23 -14.51 -1.78
C VAL C 83 -22.96 -13.03 -1.98
N ALA C 84 -22.69 -12.64 -3.22
CA ALA C 84 -22.45 -11.24 -3.59
C ALA C 84 -23.46 -10.86 -4.67
N VAL C 85 -24.12 -9.70 -4.54
CA VAL C 85 -25.17 -9.27 -5.50
C VAL C 85 -24.92 -7.87 -6.08
N ASP C 86 -24.80 -7.76 -7.42
CA ASP C 86 -24.61 -6.45 -8.08
C ASP C 86 -25.84 -5.56 -7.96
N VAL C 87 -25.67 -4.41 -7.28
CA VAL C 87 -26.79 -3.52 -7.02
C VAL C 87 -26.60 -2.13 -7.63
N ARG C 88 -25.75 -2.06 -8.65
CA ARG C 88 -25.59 -0.84 -9.43
C ARG C 88 -26.54 -0.97 -10.62
N LYS C 89 -27.58 -0.15 -10.66
CA LYS C 89 -28.58 -0.24 -11.76
C LYS C 89 -27.86 -0.27 -13.10
N SER C 90 -26.98 0.72 -13.27
CA SER C 90 -26.31 1.06 -14.52
C SER C 90 -25.33 0.00 -14.99
N SER C 91 -25.12 -1.02 -14.17
CA SER C 91 -24.29 -2.14 -14.55
C SER C 91 -25.10 -3.13 -15.40
N PRO C 92 -24.59 -3.49 -16.60
CA PRO C 92 -25.14 -4.61 -17.35
C PRO C 92 -25.55 -5.76 -16.43
N THR C 93 -24.77 -5.97 -15.37
CA THR C 93 -24.96 -7.10 -14.46
C THR C 93 -25.75 -6.79 -13.19
N PHE C 94 -26.46 -5.65 -13.16
CA PHE C 94 -27.41 -5.41 -12.08
C PHE C 94 -28.21 -6.68 -11.81
N GLY C 95 -28.39 -7.03 -10.53
CA GLY C 95 -29.19 -8.20 -10.13
C GLY C 95 -28.52 -9.55 -10.27
N LYS C 96 -27.32 -9.56 -10.83
CA LYS C 96 -26.49 -10.76 -10.90
C LYS C 96 -25.74 -11.03 -9.57
N TYR C 97 -25.45 -12.30 -9.30
CA TYR C 97 -24.79 -12.70 -8.03
C TYR C 97 -23.73 -13.81 -8.15
N VAL C 98 -22.80 -13.87 -7.19
CA VAL C 98 -21.87 -15.00 -7.05
C VAL C 98 -22.09 -15.73 -5.71
N LYS C 99 -22.08 -17.07 -5.75
CA LYS C 99 -22.13 -17.93 -4.57
C LYS C 99 -20.80 -18.66 -4.39
N ALA C 100 -20.28 -18.66 -3.14
CA ALA C 100 -19.06 -19.40 -2.79
C ALA C 100 -19.10 -20.01 -1.40
N GLU C 101 -18.75 -21.29 -1.24
CA GLU C 101 -18.50 -21.87 0.11
C GLU C 101 -17.14 -21.46 0.71
N LEU C 102 -17.18 -20.61 1.73
CA LEU C 102 -16.00 -20.19 2.47
C LEU C 102 -16.03 -20.89 3.83
N ASN C 103 -14.92 -21.50 4.21
CA ASN C 103 -14.90 -22.32 5.40
C ASN C 103 -13.53 -22.51 6.04
N GLU C 104 -13.50 -23.09 7.24
CA GLU C 104 -12.26 -23.22 8.01
C GLU C 104 -11.30 -24.23 7.40
N GLU C 105 -11.81 -25.05 6.49
CA GLU C 105 -11.00 -26.06 5.86
C GLU C 105 -10.25 -25.50 4.65
N ASN C 106 -10.94 -24.71 3.81
CA ASN C 106 -10.30 -24.11 2.64
C ASN C 106 -9.62 -22.77 2.92
N HIS C 107 -10.05 -22.11 4.00
CA HIS C 107 -9.57 -20.78 4.37
C HIS C 107 -9.69 -19.75 3.25
N TYR C 108 -10.58 -20.00 2.28
CA TYR C 108 -10.84 -19.02 1.20
C TYR C 108 -11.49 -17.74 1.71
N MET C 109 -11.29 -16.68 0.92
CA MET C 109 -11.83 -15.36 1.15
C MET C 109 -12.48 -14.86 -0.12
N LEU C 110 -13.54 -14.07 0.04
CA LEU C 110 -14.27 -13.52 -1.08
C LEU C 110 -14.11 -12.03 -1.03
N TRP C 111 -13.50 -11.47 -2.07
CA TRP C 111 -13.45 -10.03 -2.24
C TRP C 111 -14.68 -9.59 -3.01
N ILE C 112 -15.35 -8.58 -2.46
CA ILE C 112 -16.64 -8.13 -2.98
C ILE C 112 -16.51 -6.65 -3.06
N PRO C 113 -16.25 -6.10 -4.29
CA PRO C 113 -16.03 -4.66 -4.38
C PRO C 113 -17.30 -3.84 -4.12
N PRO C 114 -17.19 -2.50 -4.09
CA PRO C 114 -18.33 -1.59 -3.92
C PRO C 114 -19.35 -1.75 -5.05
N GLY C 115 -20.64 -1.63 -4.70
CA GLY C 115 -21.74 -1.83 -5.64
C GLY C 115 -22.36 -3.21 -5.61
N PHE C 116 -22.00 -4.01 -4.62
CA PHE C 116 -22.54 -5.34 -4.44
C PHE C 116 -23.22 -5.46 -3.06
N ALA C 117 -24.21 -6.35 -2.96
CA ALA C 117 -24.89 -6.63 -1.71
C ALA C 117 -24.38 -7.95 -1.17
N HIS C 118 -23.92 -7.95 0.08
CA HIS C 118 -23.36 -9.17 0.68
C HIS C 118 -24.29 -9.84 1.70
N GLY C 119 -24.41 -11.16 1.59
CA GLY C 119 -25.07 -11.96 2.63
C GLY C 119 -24.51 -13.36 2.58
N PHE C 120 -24.84 -14.17 3.60
CA PHE C 120 -24.43 -15.56 3.66
C PHE C 120 -25.41 -16.38 4.49
N GLN C 121 -25.29 -17.71 4.41
CA GLN C 121 -25.93 -18.57 5.40
C GLN C 121 -24.91 -19.43 6.08
N ALA C 122 -25.06 -19.56 7.40
CA ALA C 122 -24.19 -20.43 8.16
C ALA C 122 -24.66 -21.87 8.03
N LEU C 123 -23.83 -22.67 7.35
CA LEU C 123 -24.08 -24.10 7.11
C LEU C 123 -23.82 -24.96 8.34
N GLU C 124 -22.99 -24.43 9.24
CA GLU C 124 -22.83 -24.92 10.60
C GLU C 124 -22.55 -23.69 11.46
N ASP C 125 -22.52 -23.82 12.79
CA ASP C 125 -22.14 -22.67 13.63
C ASP C 125 -20.85 -22.09 13.04
N SER C 126 -20.80 -20.77 12.80
CA SER C 126 -19.66 -20.12 12.08
C SER C 126 -19.20 -18.74 12.60
N ILE C 127 -17.88 -18.58 12.69
CA ILE C 127 -17.28 -17.25 12.86
C ILE C 127 -16.92 -16.71 11.47
N VAL C 128 -17.36 -15.49 11.17
CA VAL C 128 -17.05 -14.82 9.91
C VAL C 128 -16.32 -13.54 10.28
N ILE C 129 -15.21 -13.29 9.60
CA ILE C 129 -14.48 -12.02 9.72
C ILE C 129 -14.80 -11.17 8.49
N TYR C 130 -15.02 -9.87 8.69
CA TYR C 130 -15.32 -8.97 7.59
C TYR C 130 -14.22 -7.91 7.52
N PHE C 131 -13.26 -8.08 6.62
CA PHE C 131 -12.32 -6.99 6.28
C PHE C 131 -13.00 -5.99 5.35
N ILE C 132 -13.11 -4.75 5.82
CA ILE C 132 -13.89 -3.73 5.13
C ILE C 132 -12.94 -2.69 4.52
N THR C 133 -13.20 -2.32 3.27
CA THR C 133 -12.41 -1.28 2.60
C THR C 133 -13.26 -0.05 2.25
N HIS C 134 -12.58 1.01 1.81
CA HIS C 134 -13.17 2.26 1.29
C HIS C 134 -13.74 3.15 2.37
N ASN C 135 -14.77 2.68 3.06
CA ASN C 135 -15.43 3.50 4.09
C ASN C 135 -15.87 2.70 5.33
N GLU C 136 -15.88 3.39 6.46
CA GLU C 136 -16.30 2.79 7.72
C GLU C 136 -17.82 2.63 7.78
N TYR C 137 -18.28 1.85 8.75
CA TYR C 137 -19.71 1.78 9.14
C TYR C 137 -20.39 3.14 9.13
N SER C 138 -21.51 3.23 8.44
CA SER C 138 -22.33 4.45 8.49
C SER C 138 -23.79 4.07 8.38
N PRO C 139 -24.50 4.07 9.52
CA PRO C 139 -25.92 3.67 9.55
C PRO C 139 -26.80 4.40 8.52
N PRO C 140 -26.81 5.75 8.49
CA PRO C 140 -27.63 6.44 7.47
C PRO C 140 -27.38 6.05 5.99
N HIS C 141 -26.33 5.28 5.72
CA HIS C 141 -26.03 4.83 4.35
C HIS C 141 -26.26 3.34 4.12
N GLU C 142 -26.49 2.62 5.22
CA GLU C 142 -26.82 1.21 5.13
C GLU C 142 -28.11 1.00 4.34
N ARG C 143 -28.07 0.06 3.39
CA ARG C 143 -29.20 -0.35 2.61
C ARG C 143 -29.08 -1.86 2.52
N CYS C 144 -30.11 -2.52 2.00
CA CYS C 144 -30.10 -3.97 1.87
C CYS C 144 -31.15 -4.43 0.88
N ILE C 145 -30.97 -5.63 0.33
CA ILE C 145 -32.03 -6.31 -0.41
C ILE C 145 -32.36 -7.62 0.32
N SER C 146 -33.58 -8.10 0.08
CA SER C 146 -34.13 -9.20 0.84
C SER C 146 -33.37 -10.49 0.64
N TYR C 147 -32.99 -11.12 1.75
CA TYR C 147 -32.41 -12.46 1.76
C TYR C 147 -33.14 -13.42 0.81
N SER C 148 -34.44 -13.18 0.60
CA SER C 148 -35.32 -14.07 -0.15
C SER C 148 -35.06 -14.08 -1.66
N TYR C 149 -34.38 -13.04 -2.15
CA TYR C 149 -33.84 -13.04 -3.51
C TYR C 149 -33.02 -14.31 -3.77
N ILE C 150 -32.34 -14.80 -2.75
CA ILE C 150 -31.47 -15.99 -2.86
C ILE C 150 -32.12 -17.26 -2.31
N ASP C 151 -31.93 -18.39 -2.99
CA ASP C 151 -32.31 -19.69 -2.46
C ASP C 151 -31.17 -20.22 -1.58
N TRP C 152 -31.50 -20.56 -0.33
CA TRP C 152 -30.51 -20.98 0.64
C TRP C 152 -30.66 -22.49 0.92
N PRO C 153 -29.52 -23.17 1.16
CA PRO C 153 -29.51 -24.64 1.30
C PRO C 153 -30.20 -25.21 2.55
N ILE C 154 -30.36 -24.39 3.58
CA ILE C 154 -30.98 -24.85 4.82
C ILE C 154 -32.31 -24.14 4.96
N LYS C 155 -33.38 -24.93 5.06
CA LYS C 155 -34.74 -24.41 5.18
C LYS C 155 -34.96 -23.71 6.53
N GLU C 156 -34.40 -24.29 7.59
CA GLU C 156 -34.57 -23.75 8.95
C GLU C 156 -33.79 -22.42 9.13
N VAL C 157 -34.25 -21.40 8.41
CA VAL C 157 -33.64 -20.08 8.42
C VAL C 157 -33.86 -19.37 9.76
N ILE C 158 -32.84 -18.66 10.21
CA ILE C 158 -32.94 -17.76 11.36
C ILE C 158 -32.45 -16.41 10.89
N ILE C 159 -33.32 -15.41 10.96
CA ILE C 159 -32.98 -14.10 10.43
C ILE C 159 -33.46 -12.99 11.35
N SER C 160 -32.70 -11.91 11.43
CA SER C 160 -33.05 -10.83 12.34
C SER C 160 -34.31 -10.08 11.87
N ASP C 161 -35.00 -9.41 12.79
CA ASP C 161 -36.19 -8.62 12.43
C ASP C 161 -35.82 -7.49 11.47
N LYS C 162 -34.61 -6.94 11.62
CA LYS C 162 -34.11 -5.87 10.74
C LYS C 162 -33.95 -6.38 9.31
N ASP C 163 -33.34 -7.56 9.14
CA ASP C 163 -33.10 -8.11 7.79
C ASP C 163 -34.39 -8.54 7.10
N LEU C 164 -35.40 -8.87 7.90
CA LEU C 164 -36.76 -9.12 7.42
C LEU C 164 -37.38 -7.89 6.74
N GLN C 165 -36.97 -6.70 7.18
CA GLN C 165 -37.51 -5.45 6.62
C GLN C 165 -36.80 -5.03 5.34
N CYS C 166 -35.95 -5.89 4.80
CA CYS C 166 -35.19 -5.57 3.59
C CYS C 166 -36.07 -5.69 2.35
N PRO C 167 -36.12 -4.60 1.54
CA PRO C 167 -36.88 -4.55 0.30
C PRO C 167 -36.44 -5.59 -0.70
N SER C 168 -37.36 -6.02 -1.55
CA SER C 168 -37.04 -6.87 -2.68
C SER C 168 -36.10 -6.08 -3.61
N LEU C 169 -35.39 -6.81 -4.47
CA LEU C 169 -34.42 -6.20 -5.38
C LEU C 169 -35.10 -5.06 -6.13
N GLU C 170 -36.19 -5.41 -6.82
CA GLU C 170 -37.00 -4.50 -7.62
C GLU C 170 -37.41 -3.21 -6.88
N LYS C 171 -37.66 -3.34 -5.58
CA LYS C 171 -38.11 -2.23 -4.75
C LYS C 171 -36.96 -1.52 -4.03
N ALA C 172 -35.79 -2.14 -4.05
CA ALA C 172 -34.62 -1.62 -3.34
C ALA C 172 -34.05 -0.36 -3.98
N GLU C 173 -33.76 0.63 -3.13
CA GLU C 173 -32.98 1.79 -3.54
C GLU C 173 -31.53 1.37 -3.67
N VAL C 174 -31.05 1.29 -4.91
CA VAL C 174 -29.75 0.73 -5.20
C VAL C 174 -28.70 1.82 -5.55
N PHE C 175 -27.50 1.38 -5.98
CA PHE C 175 -26.47 2.27 -6.52
C PHE C 175 -26.89 2.75 -7.91
N ASP C 176 -26.49 3.97 -8.29
CA ASP C 176 -26.60 4.47 -9.66
C ASP C 176 -25.88 3.57 -10.68
N MET D 1 -16.83 3.26 24.05
CA MET D 1 -17.82 3.16 22.93
C MET D 1 -17.26 3.67 21.57
N PRO D 2 -17.24 2.79 20.53
CA PRO D 2 -17.48 1.35 20.56
C PRO D 2 -16.29 0.51 21.10
N PHE D 3 -15.37 1.19 21.79
CA PHE D 3 -14.22 0.55 22.45
C PHE D 3 -13.92 1.25 23.79
N GLU D 4 -13.43 0.49 24.78
CA GLU D 4 -12.70 1.07 25.91
C GLU D 4 -11.23 0.76 25.67
N PHE D 5 -10.36 1.67 26.10
CA PHE D 5 -8.92 1.47 26.03
C PHE D 5 -8.36 1.54 27.44
N GLU D 6 -7.64 0.48 27.85
CA GLU D 6 -6.99 0.45 29.16
C GLU D 6 -5.47 0.45 29.01
N ASN D 7 -4.83 1.52 29.46
CA ASN D 7 -3.36 1.59 29.49
C ASN D 7 -2.77 0.60 30.48
N LEU D 8 -2.04 -0.39 29.96
CA LEU D 8 -1.37 -1.39 30.82
C LEU D 8 0.09 -1.05 31.17
N GLY D 9 0.58 0.08 30.65
CA GLY D 9 1.96 0.52 30.90
C GLY D 9 2.86 0.38 29.69
N MET D 10 3.95 1.15 29.68
CA MET D 10 4.99 1.05 28.62
C MET D 10 4.48 1.29 27.20
N GLY D 11 3.24 1.77 27.13
CA GLY D 11 2.58 2.03 25.84
C GLY D 11 1.70 0.88 25.37
N ILE D 12 1.60 -0.18 26.17
CA ILE D 12 0.75 -1.35 25.86
C ILE D 12 -0.70 -0.96 26.15
N ILE D 13 -1.61 -1.24 25.22
CA ILE D 13 -3.04 -0.93 25.43
C ILE D 13 -3.96 -2.16 25.33
N LEU D 14 -4.77 -2.39 26.35
CA LEU D 14 -5.82 -3.40 26.29
C LEU D 14 -7.08 -2.74 25.74
N ILE D 15 -7.61 -3.30 24.64
CA ILE D 15 -8.73 -2.75 23.90
C ILE D 15 -9.97 -3.61 24.07
N LYS D 16 -11.06 -3.01 24.56
CA LYS D 16 -12.28 -3.75 24.89
C LYS D 16 -13.42 -3.34 23.94
N PRO D 17 -13.73 -4.19 22.95
CA PRO D 17 -14.79 -3.84 22.02
C PRO D 17 -16.21 -4.06 22.59
N LYS D 18 -17.21 -3.61 21.85
CA LYS D 18 -18.60 -3.77 22.25
C LYS D 18 -19.29 -4.90 21.47
N VAL D 19 -19.73 -5.91 22.19
CA VAL D 19 -20.29 -7.08 21.56
C VAL D 19 -21.81 -7.02 21.67
N PHE D 20 -22.49 -7.28 20.55
CA PHE D 20 -23.95 -7.24 20.48
C PHE D 20 -24.50 -8.63 20.17
N PRO D 21 -25.02 -9.31 21.21
CA PRO D 21 -25.65 -10.61 21.04
C PRO D 21 -27.14 -10.52 20.70
N ASP D 22 -27.65 -11.54 20.03
CA ASP D 22 -29.07 -11.66 19.77
C ASP D 22 -29.28 -13.11 19.45
N LYS D 23 -30.46 -13.46 18.97
CA LYS D 23 -30.75 -14.89 18.73
C LYS D 23 -29.81 -15.53 17.72
N ARG D 24 -29.29 -14.76 16.76
CA ARG D 24 -28.41 -15.33 15.73
C ARG D 24 -27.03 -15.78 16.22
N GLY D 25 -26.54 -15.15 17.29
CA GLY D 25 -25.14 -15.33 17.69
C GLY D 25 -24.76 -13.99 18.25
N PHE D 26 -23.73 -13.37 17.68
CA PHE D 26 -23.33 -12.03 18.09
C PHE D 26 -22.49 -11.31 17.00
N PHE D 27 -22.29 -10.02 17.17
CA PHE D 27 -21.55 -9.19 16.22
C PHE D 27 -20.71 -8.18 16.98
N LEU D 28 -19.53 -7.84 16.46
CA LEU D 28 -18.74 -6.74 17.01
C LEU D 28 -17.88 -6.08 15.95
N GLU D 29 -17.67 -4.77 16.12
CA GLU D 29 -16.64 -4.08 15.37
C GLU D 29 -15.32 -4.33 16.10
N VAL D 30 -14.33 -4.85 15.37
CA VAL D 30 -13.09 -5.35 15.99
C VAL D 30 -12.03 -4.25 15.98
N PHE D 31 -11.80 -3.65 14.82
CA PHE D 31 -11.00 -2.43 14.77
C PHE D 31 -11.51 -1.46 13.72
N LYS D 32 -11.45 -0.17 14.05
CA LYS D 32 -11.89 0.88 13.16
C LYS D 32 -10.76 1.90 13.07
N SER D 33 -10.34 2.18 11.85
CA SER D 33 -9.11 2.95 11.67
C SER D 33 -9.21 4.39 12.22
N GLU D 34 -10.36 5.05 12.06
CA GLU D 34 -10.55 6.40 12.64
C GLU D 34 -10.45 6.46 14.17
N ASP D 35 -11.13 5.54 14.84
CA ASP D 35 -11.11 5.46 16.31
C ASP D 35 -9.74 5.09 16.86
N PHE D 36 -9.09 4.12 16.23
CA PHE D 36 -7.76 3.66 16.63
C PHE D 36 -6.73 4.77 16.42
N THR D 37 -6.83 5.49 15.31
CA THR D 37 -5.93 6.63 15.05
C THR D 37 -6.01 7.69 16.18
N LYS D 38 -7.23 8.01 16.62
CA LYS D 38 -7.42 8.93 17.75
C LYS D 38 -6.65 8.46 18.98
N MET D 39 -6.57 7.14 19.15
CA MET D 39 -5.92 6.53 20.32
C MET D 39 -4.47 6.18 20.08
N ARG D 40 -3.92 6.78 19.02
CA ARG D 40 -2.50 6.67 18.61
C ARG D 40 -2.05 5.30 18.04
N ILE D 41 -3.03 4.47 17.69
CA ILE D 41 -2.78 3.18 17.04
C ILE D 41 -2.94 3.38 15.53
N PRO D 42 -1.85 3.14 14.78
CA PRO D 42 -1.85 3.35 13.34
C PRO D 42 -2.56 2.25 12.55
N ASN D 43 -2.59 2.44 11.24
CA ASN D 43 -3.32 1.60 10.33
C ASN D 43 -2.70 0.23 10.13
N VAL D 44 -3.57 -0.76 9.92
CA VAL D 44 -3.19 -2.13 9.67
C VAL D 44 -2.69 -2.30 8.22
N ILE D 45 -1.56 -2.98 8.06
CA ILE D 45 -0.91 -3.18 6.76
C ILE D 45 -0.92 -4.64 6.34
N GLN D 46 -1.07 -5.52 7.34
CA GLN D 46 -1.08 -6.94 7.12
C GLN D 46 -1.86 -7.61 8.25
N THR D 47 -2.49 -8.73 7.93
CA THR D 47 -3.19 -9.52 8.93
C THR D 47 -2.83 -10.98 8.73
N ASN D 48 -2.45 -11.64 9.83
CA ASN D 48 -2.09 -13.06 9.84
C ASN D 48 -3.04 -13.79 10.79
N MET D 49 -3.00 -15.12 10.73
CA MET D 49 -3.81 -15.94 11.62
C MET D 49 -3.04 -17.22 11.94
N SER D 50 -3.21 -17.72 13.16
CA SER D 50 -2.63 -18.97 13.55
C SER D 50 -3.62 -19.80 14.36
N PHE D 51 -3.48 -21.12 14.26
CA PHE D 51 -4.19 -22.03 15.12
C PHE D 51 -3.17 -22.73 15.97
N SER D 52 -3.43 -22.78 17.27
CA SER D 52 -2.51 -23.35 18.24
C SER D 52 -3.22 -24.28 19.20
N ARG D 53 -2.75 -25.54 19.20
CA ARG D 53 -3.14 -26.58 20.15
C ARG D 53 -2.82 -26.16 21.59
N LYS D 54 -3.64 -26.64 22.53
CA LYS D 54 -3.47 -26.30 23.95
C LYS D 54 -2.03 -26.55 24.34
N GLY D 55 -1.42 -25.57 25.00
CA GLY D 55 -0.05 -25.70 25.46
C GLY D 55 1.00 -25.16 24.48
N VAL D 56 0.59 -24.78 23.27
CA VAL D 56 1.55 -24.26 22.29
C VAL D 56 2.10 -22.93 22.83
N VAL D 57 3.41 -22.74 22.70
CA VAL D 57 4.03 -21.46 22.92
C VAL D 57 4.60 -21.00 21.59
N ARG D 58 4.29 -19.76 21.21
CA ARG D 58 4.90 -19.12 20.04
C ARG D 58 5.49 -17.82 20.52
N GLY D 59 6.75 -17.54 20.15
CA GLY D 59 7.41 -16.28 20.49
C GLY D 59 8.85 -16.45 20.95
N LEU D 60 9.48 -15.38 21.40
CA LEU D 60 8.85 -14.07 21.51
C LEU D 60 9.43 -13.26 20.38
N HIS D 61 8.57 -12.85 19.45
CA HIS D 61 8.99 -12.35 18.14
C HIS D 61 8.89 -10.85 17.97
N TYR D 62 9.78 -10.32 17.13
CA TYR D 62 9.76 -8.92 16.70
C TYR D 62 10.60 -8.78 15.42
N GLN D 63 10.30 -7.74 14.64
CA GLN D 63 11.14 -7.28 13.52
C GLN D 63 11.85 -5.96 13.87
N ARG D 64 13.13 -5.88 13.56
CA ARG D 64 13.92 -4.67 13.86
C ARG D 64 13.76 -3.61 12.78
N THR D 65 13.89 -2.36 13.20
CA THR D 65 14.13 -1.19 12.34
C THR D 65 14.94 -1.55 11.07
N PRO D 66 14.52 -1.06 9.89
CA PRO D 66 13.36 -0.23 9.60
C PRO D 66 12.12 -1.04 9.16
N LYS D 67 12.05 -2.32 9.54
CA LYS D 67 10.88 -3.14 9.23
C LYS D 67 10.10 -3.50 10.49
N GLU D 68 10.17 -2.60 11.48
CA GLU D 68 9.50 -2.77 12.77
C GLU D 68 7.98 -2.89 12.64
N GLN D 69 7.35 -3.55 13.61
CA GLN D 69 5.92 -3.82 13.49
C GLN D 69 5.19 -3.53 14.79
N GLY D 70 4.03 -2.90 14.67
CA GLY D 70 3.09 -2.84 15.79
C GLY D 70 2.12 -3.98 15.56
N LYS D 71 1.48 -4.43 16.63
CA LYS D 71 0.62 -5.58 16.59
C LYS D 71 -0.63 -5.41 17.44
N ILE D 72 -1.78 -5.75 16.87
CA ILE D 72 -3.01 -5.84 17.64
C ILE D 72 -3.44 -7.29 17.62
N ILE D 73 -3.48 -7.89 18.82
CA ILE D 73 -3.64 -9.30 18.99
C ILE D 73 -5.09 -9.58 19.39
N PHE D 74 -5.72 -10.54 18.72
CA PHE D 74 -7.17 -10.78 18.84
C PHE D 74 -7.44 -12.27 18.88
N VAL D 75 -8.32 -12.73 19.77
CA VAL D 75 -8.55 -14.17 19.95
C VAL D 75 -10.05 -14.52 19.80
N PRO D 76 -10.51 -14.72 18.54
CA PRO D 76 -11.90 -15.05 18.24
C PRO D 76 -12.28 -16.48 18.65
N LYS D 77 -11.32 -17.36 18.89
CA LYS D 77 -11.64 -18.68 19.39
C LYS D 77 -10.60 -19.13 20.39
N GLY D 78 -11.05 -19.65 21.53
CA GLY D 78 -10.13 -20.15 22.53
C GLY D 78 -9.70 -19.09 23.52
N ARG D 79 -8.46 -19.20 23.97
CA ARG D 79 -8.05 -18.61 25.23
C ARG D 79 -6.53 -18.64 25.24
N ILE D 80 -5.89 -17.48 25.30
CA ILE D 80 -4.41 -17.38 25.34
C ILE D 80 -3.89 -16.51 26.50
N LEU D 81 -2.65 -16.80 26.94
CA LEU D 81 -1.89 -15.86 27.78
C LEU D 81 -0.96 -15.10 26.86
N ASP D 82 -1.27 -13.84 26.59
CA ASP D 82 -0.48 -13.04 25.65
C ASP D 82 0.52 -12.17 26.41
N VAL D 83 1.72 -12.05 25.87
CA VAL D 83 2.81 -11.34 26.55
C VAL D 83 3.55 -10.41 25.58
N ALA D 84 3.90 -9.22 26.07
CA ALA D 84 4.75 -8.28 25.35
C ALA D 84 5.87 -7.86 26.27
N VAL D 85 7.10 -8.14 25.85
CA VAL D 85 8.29 -7.72 26.61
C VAL D 85 9.01 -6.60 25.90
N ASP D 86 9.29 -5.55 26.67
CA ASP D 86 10.00 -4.38 26.19
C ASP D 86 11.44 -4.77 25.82
N VAL D 87 11.76 -4.61 24.54
CA VAL D 87 13.01 -5.08 23.98
C VAL D 87 13.80 -3.84 23.46
N ARG D 88 13.39 -2.67 23.93
CA ARG D 88 14.05 -1.41 23.56
C ARG D 88 15.18 -1.14 24.55
N LYS D 89 16.40 -1.44 24.11
CA LYS D 89 17.60 -1.33 24.95
C LYS D 89 17.60 -0.15 25.91
N SER D 90 17.31 1.05 25.39
CA SER D 90 17.33 2.29 26.18
C SER D 90 16.05 2.66 26.92
N SER D 91 15.02 1.81 26.80
CA SER D 91 13.79 2.04 27.57
C SER D 91 14.02 1.89 29.08
N PRO D 92 13.37 2.76 29.88
CA PRO D 92 13.37 2.64 31.32
C PRO D 92 12.86 1.26 31.75
N THR D 93 12.01 0.65 30.91
CA THR D 93 11.45 -0.67 31.22
C THR D 93 11.96 -1.83 30.34
N PHE D 94 13.16 -1.70 29.75
CA PHE D 94 13.81 -2.81 29.03
C PHE D 94 13.72 -4.10 29.84
N GLY D 95 13.24 -5.17 29.21
CA GLY D 95 13.09 -6.44 29.89
C GLY D 95 11.93 -6.52 30.89
N LYS D 96 11.14 -5.45 31.02
CA LYS D 96 9.83 -5.57 31.68
C LYS D 96 8.80 -6.07 30.66
N TYR D 97 7.69 -6.60 31.17
CA TYR D 97 6.66 -7.17 30.31
C TYR D 97 5.25 -7.04 30.88
N VAL D 98 4.27 -7.11 29.99
CA VAL D 98 2.86 -7.22 30.34
C VAL D 98 2.32 -8.60 29.92
N LYS D 99 1.53 -9.22 30.80
CA LYS D 99 0.72 -10.41 30.51
C LYS D 99 -0.76 -10.02 30.44
N ALA D 100 -1.49 -10.51 29.45
CA ALA D 100 -2.94 -10.25 29.36
C ALA D 100 -3.67 -11.47 28.81
N GLU D 101 -4.78 -11.85 29.46
CA GLU D 101 -5.57 -12.98 28.98
C GLU D 101 -6.54 -12.48 27.93
N LEU D 102 -6.31 -12.97 26.72
CA LEU D 102 -7.13 -12.61 25.58
C LEU D 102 -7.88 -13.88 25.20
N ASN D 103 -9.18 -13.80 25.06
CA ASN D 103 -9.95 -15.00 24.82
C ASN D 103 -11.22 -14.71 24.08
N GLU D 104 -11.93 -15.74 23.66
CA GLU D 104 -13.18 -15.59 22.93
C GLU D 104 -14.36 -15.15 23.82
N GLU D 105 -14.20 -15.20 25.14
CA GLU D 105 -15.28 -14.72 26.04
C GLU D 105 -15.20 -13.20 26.25
N ASN D 106 -13.98 -12.66 26.33
CA ASN D 106 -13.85 -11.21 26.44
C ASN D 106 -13.73 -10.46 25.11
N HIS D 107 -13.28 -11.15 24.06
CA HIS D 107 -12.94 -10.55 22.76
C HIS D 107 -12.02 -9.33 22.87
N TYR D 108 -11.29 -9.25 23.98
CA TYR D 108 -10.30 -8.18 24.20
C TYR D 108 -9.13 -8.33 23.25
N MET D 109 -8.44 -7.21 23.02
CA MET D 109 -7.29 -7.16 22.12
C MET D 109 -6.13 -6.49 22.82
N LEU D 110 -4.91 -6.90 22.49
CA LEU D 110 -3.72 -6.21 23.01
C LEU D 110 -3.04 -5.43 21.89
N TRP D 111 -2.85 -4.12 22.08
CA TRP D 111 -2.01 -3.33 21.20
C TRP D 111 -0.57 -3.36 21.72
N ILE D 112 0.35 -3.75 20.82
CA ILE D 112 1.76 -3.94 21.15
C ILE D 112 2.57 -3.12 20.16
N PRO D 113 3.01 -1.92 20.58
CA PRO D 113 3.75 -1.02 19.70
C PRO D 113 5.08 -1.62 19.23
N PRO D 114 5.69 -1.02 18.20
CA PRO D 114 7.07 -1.36 17.84
C PRO D 114 8.00 -1.29 19.06
N GLY D 115 8.92 -2.24 19.15
CA GLY D 115 9.93 -2.26 20.22
C GLY D 115 9.70 -3.34 21.26
N PHE D 116 8.68 -4.16 21.05
CA PHE D 116 8.32 -5.25 21.95
C PHE D 116 8.49 -6.62 21.29
N ALA D 117 8.75 -7.61 22.12
CA ALA D 117 8.79 -9.00 21.67
C ALA D 117 7.46 -9.64 22.07
N HIS D 118 6.75 -10.20 21.09
CA HIS D 118 5.41 -10.77 21.36
C HIS D 118 5.40 -12.31 21.31
N GLY D 119 4.78 -12.92 22.30
CA GLY D 119 4.43 -14.32 22.21
C GLY D 119 3.28 -14.59 23.13
N PHE D 120 2.84 -15.84 23.14
CA PHE D 120 1.72 -16.28 23.97
C PHE D 120 1.78 -17.80 24.15
N GLN D 121 1.06 -18.29 25.16
CA GLN D 121 0.74 -19.69 25.25
C GLN D 121 -0.78 -19.83 25.06
N ALA D 122 -1.17 -20.83 24.27
CA ALA D 122 -2.57 -21.20 24.10
C ALA D 122 -3.01 -21.98 25.34
N LEU D 123 -3.96 -21.43 26.08
CA LEU D 123 -4.49 -22.10 27.27
C LEU D 123 -5.58 -23.11 26.91
N GLU D 124 -6.11 -22.97 25.70
CA GLU D 124 -6.95 -23.96 25.02
C GLU D 124 -6.53 -23.88 23.55
N ASP D 125 -6.94 -24.85 22.73
CA ASP D 125 -6.86 -24.70 21.25
C ASP D 125 -7.39 -23.32 20.85
N SER D 126 -6.57 -22.54 20.18
CA SER D 126 -6.90 -21.14 19.96
C SER D 126 -6.63 -20.65 18.55
N ILE D 127 -7.50 -19.77 18.07
CA ILE D 127 -7.24 -19.00 16.86
C ILE D 127 -6.84 -17.60 17.32
N VAL D 128 -5.70 -17.13 16.81
CA VAL D 128 -5.20 -15.78 17.07
C VAL D 128 -5.16 -15.02 15.74
N ILE D 129 -5.73 -13.81 15.70
CA ILE D 129 -5.56 -12.89 14.58
C ILE D 129 -4.53 -11.87 15.01
N TYR D 130 -3.58 -11.61 14.11
CA TYR D 130 -2.56 -10.59 14.32
C TYR D 130 -2.80 -9.46 13.32
N PHE D 131 -3.29 -8.32 13.78
CA PHE D 131 -3.40 -7.12 12.95
C PHE D 131 -2.06 -6.41 13.06
N ILE D 132 -1.37 -6.25 11.93
CA ILE D 132 0.04 -5.79 11.91
C ILE D 132 0.13 -4.40 11.31
N THR D 133 0.87 -3.51 11.99
CA THR D 133 1.07 -2.13 11.54
C THR D 133 2.55 -1.87 11.15
N HIS D 134 2.78 -0.72 10.49
CA HIS D 134 4.11 -0.18 10.12
C HIS D 134 4.71 -0.84 8.90
N ASN D 135 4.97 -2.13 9.00
CA ASN D 135 5.68 -2.85 7.96
C ASN D 135 5.16 -4.27 7.85
N GLU D 136 5.13 -4.75 6.61
CA GLU D 136 4.81 -6.15 6.33
C GLU D 136 5.92 -7.15 6.79
N TYR D 137 5.59 -8.44 6.75
CA TYR D 137 6.53 -9.52 6.99
C TYR D 137 7.85 -9.25 6.27
N SER D 138 8.97 -9.44 6.99
CA SER D 138 10.30 -9.27 6.39
C SER D 138 11.30 -10.23 7.04
N PRO D 139 11.55 -11.39 6.41
CA PRO D 139 12.41 -12.44 7.00
C PRO D 139 13.80 -11.95 7.49
N PRO D 140 14.52 -11.14 6.69
CA PRO D 140 15.81 -10.61 7.16
C PRO D 140 15.78 -9.79 8.47
N HIS D 141 14.62 -9.26 8.85
CA HIS D 141 14.54 -8.39 10.02
C HIS D 141 13.99 -9.11 11.27
N GLU D 142 13.55 -10.34 11.09
CA GLU D 142 12.98 -11.13 12.17
C GLU D 142 14.02 -11.51 13.21
N ARG D 143 13.63 -11.32 14.47
CA ARG D 143 14.45 -11.62 15.62
C ARG D 143 13.50 -12.16 16.69
N CYS D 144 14.07 -12.69 17.76
CA CYS D 144 13.29 -13.29 18.83
C CYS D 144 14.13 -13.40 20.09
N ILE D 145 13.43 -13.43 21.21
CA ILE D 145 14.04 -13.79 22.47
C ILE D 145 13.38 -15.07 22.96
N SER D 146 14.11 -15.87 23.74
CA SER D 146 13.58 -17.15 24.26
C SER D 146 12.29 -17.00 25.05
N TYR D 147 11.32 -17.87 24.75
CA TYR D 147 10.08 -18.03 25.53
C TYR D 147 10.36 -18.23 27.07
N SER D 148 11.53 -18.76 27.41
CA SER D 148 11.86 -19.16 28.79
C SER D 148 12.00 -17.94 29.70
N TYR D 149 11.98 -16.77 29.09
CA TYR D 149 11.96 -15.51 29.82
C TYR D 149 10.69 -15.36 30.64
N ILE D 150 9.66 -16.12 30.26
CA ILE D 150 8.35 -16.08 30.84
C ILE D 150 8.03 -17.40 31.51
N ASP D 151 7.43 -17.29 32.68
CA ASP D 151 6.88 -18.43 33.40
C ASP D 151 5.50 -18.68 32.81
N TRP D 152 5.37 -19.78 32.07
CA TRP D 152 4.10 -20.12 31.43
C TRP D 152 3.27 -21.04 32.32
N PRO D 153 1.92 -20.97 32.22
CA PRO D 153 1.04 -21.79 33.07
C PRO D 153 0.98 -23.30 32.72
N ILE D 154 1.08 -23.67 31.45
CA ILE D 154 0.95 -25.07 31.06
C ILE D 154 2.32 -25.70 30.85
N LYS D 155 2.59 -26.80 31.58
CA LYS D 155 3.92 -27.45 31.54
C LYS D 155 4.16 -28.23 30.25
N GLU D 156 3.09 -28.75 29.65
CA GLU D 156 3.18 -29.50 28.41
C GLU D 156 3.33 -28.52 27.24
N VAL D 157 4.49 -27.87 27.17
CA VAL D 157 4.81 -26.85 26.16
C VAL D 157 5.05 -27.52 24.81
N ILE D 158 4.35 -27.02 23.78
CA ILE D 158 4.59 -27.43 22.41
C ILE D 158 5.19 -26.24 21.67
N ILE D 159 6.40 -26.42 21.14
CA ILE D 159 7.17 -25.31 20.64
C ILE D 159 8.04 -25.72 19.44
N SER D 160 8.18 -24.82 18.46
CA SER D 160 8.93 -25.13 17.23
C SER D 160 10.45 -25.14 17.45
N ASP D 161 11.17 -25.87 16.59
CA ASP D 161 12.64 -25.88 16.65
C ASP D 161 13.21 -24.48 16.56
N LYS D 162 12.52 -23.63 15.81
CA LYS D 162 12.99 -22.26 15.57
C LYS D 162 12.89 -21.41 16.81
N ASP D 163 11.77 -21.55 17.51
CA ASP D 163 11.54 -20.83 18.75
C ASP D 163 12.43 -21.37 19.86
N LEU D 164 12.69 -22.67 19.81
CA LEU D 164 13.66 -23.32 20.67
C LEU D 164 15.06 -22.70 20.57
N GLN D 165 15.41 -22.19 19.38
CA GLN D 165 16.73 -21.63 19.08
C GLN D 165 16.91 -20.18 19.47
N CYS D 166 15.82 -19.52 19.87
CA CYS D 166 15.85 -18.09 20.22
C CYS D 166 16.78 -17.84 21.39
N PRO D 167 17.61 -16.77 21.29
CA PRO D 167 18.57 -16.46 22.36
C PRO D 167 17.86 -15.88 23.57
N SER D 168 18.54 -15.92 24.71
CA SER D 168 18.12 -15.22 25.89
C SER D 168 18.17 -13.72 25.62
N LEU D 169 17.44 -12.95 26.39
CA LEU D 169 17.34 -11.50 26.18
C LEU D 169 18.70 -10.82 26.12
N GLU D 170 19.59 -11.18 27.03
CA GLU D 170 20.92 -10.53 27.13
C GLU D 170 21.85 -10.81 25.94
N LYS D 171 21.60 -11.89 25.19
CA LYS D 171 22.38 -12.20 23.98
C LYS D 171 21.65 -11.91 22.66
N ALA D 172 20.44 -11.36 22.77
CA ALA D 172 19.64 -11.02 21.60
C ALA D 172 20.02 -9.68 21.02
N GLU D 173 19.93 -9.58 19.69
CA GLU D 173 19.98 -8.30 19.01
C GLU D 173 18.58 -7.68 19.12
N VAL D 174 18.50 -6.54 19.80
CA VAL D 174 17.22 -5.93 20.17
C VAL D 174 17.03 -4.53 19.55
N PHE D 175 15.99 -3.82 19.97
CA PHE D 175 15.76 -2.44 19.53
C PHE D 175 16.69 -1.50 20.28
N ASP D 176 16.87 -0.29 19.72
CA ASP D 176 17.64 0.79 20.34
C ASP D 176 16.96 1.27 21.62
N MET E 1 -52.48 -12.73 48.68
CA MET E 1 -51.40 -13.10 47.69
C MET E 1 -51.72 -12.81 46.22
N PRO E 2 -50.79 -12.12 45.52
CA PRO E 2 -50.74 -12.21 44.07
C PRO E 2 -49.85 -13.38 43.60
N PHE E 3 -49.75 -14.42 44.43
CA PHE E 3 -48.96 -15.61 44.14
C PHE E 3 -49.66 -16.88 44.58
N GLU E 4 -49.59 -17.89 43.74
CA GLU E 4 -50.04 -19.23 44.11
C GLU E 4 -48.84 -20.16 44.15
N PHE E 5 -48.87 -21.09 45.11
CA PHE E 5 -47.74 -21.98 45.33
C PHE E 5 -48.17 -23.44 45.32
N GLU E 6 -47.46 -24.24 44.52
CA GLU E 6 -47.59 -25.70 44.54
C GLU E 6 -46.37 -26.29 45.23
N ASN E 7 -46.65 -27.17 46.18
CA ASN E 7 -45.61 -27.91 46.87
C ASN E 7 -45.31 -29.12 46.00
N LEU E 8 -44.09 -29.16 45.47
CA LEU E 8 -43.65 -30.20 44.52
C LEU E 8 -42.74 -31.24 45.19
N GLY E 9 -42.57 -31.10 46.51
CA GLY E 9 -41.81 -32.04 47.33
C GLY E 9 -40.41 -31.53 47.68
N MET E 10 -39.88 -32.04 48.78
CA MET E 10 -38.49 -31.78 49.23
C MET E 10 -38.14 -30.33 49.47
N GLY E 11 -39.14 -29.47 49.58
CA GLY E 11 -38.91 -28.04 49.78
C GLY E 11 -38.97 -27.28 48.46
N ILE E 12 -39.20 -27.99 47.36
CA ILE E 12 -39.34 -27.39 46.04
C ILE E 12 -40.75 -26.84 45.82
N ILE E 13 -40.82 -25.59 45.40
CA ILE E 13 -42.07 -24.88 45.24
C ILE E 13 -42.17 -24.29 43.84
N LEU E 14 -43.25 -24.63 43.13
CA LEU E 14 -43.65 -23.96 41.90
C LEU E 14 -44.50 -22.72 42.22
N ILE E 15 -44.12 -21.58 41.67
CA ILE E 15 -44.77 -20.31 41.97
C ILE E 15 -45.43 -19.77 40.71
N LYS E 16 -46.71 -19.38 40.86
CA LYS E 16 -47.43 -18.74 39.78
C LYS E 16 -47.87 -17.36 40.26
N PRO E 17 -47.18 -16.29 39.78
CA PRO E 17 -47.58 -14.90 39.98
C PRO E 17 -48.84 -14.57 39.24
N LYS E 18 -49.58 -13.58 39.74
CA LYS E 18 -50.81 -13.11 39.08
C LYS E 18 -50.45 -12.14 37.97
N VAL E 19 -50.92 -12.41 36.76
CA VAL E 19 -50.57 -11.60 35.59
C VAL E 19 -51.74 -10.70 35.22
N PHE E 20 -51.44 -9.43 35.03
CA PHE E 20 -52.46 -8.43 34.73
C PHE E 20 -52.34 -7.95 33.30
N PRO E 21 -53.09 -8.56 32.36
CA PRO E 21 -53.00 -8.18 30.97
C PRO E 21 -53.93 -7.02 30.63
N ASP E 22 -53.50 -6.19 29.68
CA ASP E 22 -54.34 -5.12 29.11
C ASP E 22 -53.90 -4.81 27.69
N LYS E 23 -54.35 -3.66 27.15
CA LYS E 23 -54.02 -3.32 25.76
C LYS E 23 -52.52 -3.01 25.56
N ARG E 24 -51.82 -2.67 26.65
CA ARG E 24 -50.38 -2.37 26.61
C ARG E 24 -49.49 -3.62 26.55
N GLY E 25 -50.00 -4.71 27.07
CA GLY E 25 -49.29 -5.98 27.16
C GLY E 25 -49.68 -6.60 28.48
N PHE E 26 -48.71 -6.76 29.38
CA PHE E 26 -49.02 -7.24 30.74
C PHE E 26 -48.08 -6.74 31.83
N PHE E 27 -48.50 -6.98 33.07
CA PHE E 27 -47.72 -6.58 34.23
C PHE E 27 -47.86 -7.68 35.26
N LEU E 28 -46.79 -7.92 36.01
CA LEU E 28 -46.85 -8.82 37.18
C LEU E 28 -45.76 -8.47 38.19
N GLU E 29 -46.03 -8.83 39.45
CA GLU E 29 -45.06 -8.78 40.53
C GLU E 29 -44.39 -10.13 40.54
N VAL E 30 -43.06 -10.14 40.42
CA VAL E 30 -42.31 -11.38 40.32
C VAL E 30 -41.80 -11.85 41.68
N PHE E 31 -41.15 -10.95 42.41
CA PHE E 31 -40.65 -11.20 43.76
C PHE E 31 -41.16 -10.10 44.71
N LYS E 32 -41.67 -10.51 45.88
CA LYS E 32 -42.04 -9.58 46.94
C LYS E 32 -41.55 -10.10 48.28
N SER E 33 -40.77 -9.28 48.98
CA SER E 33 -40.07 -9.67 50.21
C SER E 33 -41.01 -10.28 51.25
N GLU E 34 -42.13 -9.60 51.54
CA GLU E 34 -43.06 -10.08 52.57
C GLU E 34 -43.75 -11.39 52.18
N ASP E 35 -44.27 -11.45 50.96
CA ASP E 35 -44.97 -12.63 50.47
C ASP E 35 -44.07 -13.85 50.39
N PHE E 36 -42.81 -13.61 50.02
CA PHE E 36 -41.86 -14.69 49.87
C PHE E 36 -41.34 -15.17 51.22
N THR E 37 -41.16 -14.24 52.17
CA THR E 37 -40.72 -14.59 53.54
C THR E 37 -41.73 -15.51 54.21
N LYS E 38 -43.00 -15.20 54.03
CA LYS E 38 -44.11 -16.02 54.47
C LYS E 38 -43.94 -17.49 54.05
N MET E 39 -43.34 -17.72 52.87
CA MET E 39 -43.08 -19.08 52.37
C MET E 39 -41.68 -19.58 52.67
N ARG E 40 -40.92 -18.81 53.46
CA ARG E 40 -39.54 -19.11 53.87
C ARG E 40 -38.52 -19.02 52.75
N ILE E 41 -38.86 -18.20 51.75
CA ILE E 41 -37.95 -17.77 50.69
C ILE E 41 -37.36 -16.42 51.11
N PRO E 42 -36.05 -16.36 51.37
CA PRO E 42 -35.47 -15.10 51.81
C PRO E 42 -35.24 -14.16 50.62
N ASN E 43 -34.66 -13.00 50.89
CA ASN E 43 -34.56 -11.94 49.93
C ASN E 43 -33.54 -12.25 48.84
N VAL E 44 -33.78 -11.72 47.66
CA VAL E 44 -32.87 -11.92 46.52
C VAL E 44 -31.63 -11.04 46.73
N ILE E 45 -30.46 -11.66 46.64
CA ILE E 45 -29.21 -10.91 46.81
C ILE E 45 -28.34 -10.84 45.55
N GLN E 46 -28.71 -11.63 44.55
CA GLN E 46 -28.10 -11.55 43.22
C GLN E 46 -29.13 -11.98 42.16
N THR E 47 -29.06 -11.40 40.97
CA THR E 47 -29.87 -11.84 39.83
C THR E 47 -28.97 -12.01 38.62
N ASN E 48 -29.07 -13.16 37.96
CA ASN E 48 -28.38 -13.41 36.69
C ASN E 48 -29.41 -13.64 35.61
N MET E 49 -28.94 -13.64 34.35
CA MET E 49 -29.73 -14.12 33.22
C MET E 49 -28.88 -14.80 32.15
N SER E 50 -29.53 -15.63 31.35
CA SER E 50 -28.88 -16.21 30.21
C SER E 50 -29.85 -16.32 29.08
N PHE E 51 -29.29 -16.37 27.87
CA PHE E 51 -30.03 -16.73 26.69
C PHE E 51 -29.49 -18.07 26.22
N SER E 52 -30.39 -18.98 25.87
CA SER E 52 -29.96 -20.30 25.42
C SER E 52 -30.75 -20.65 24.16
N ARG E 53 -30.00 -20.99 23.12
CA ARG E 53 -30.51 -21.56 21.89
C ARG E 53 -31.22 -22.89 22.20
N LYS E 54 -32.16 -23.29 21.35
CA LYS E 54 -32.88 -24.57 21.52
C LYS E 54 -31.97 -25.78 21.58
N GLY E 55 -32.23 -26.64 22.57
CA GLY E 55 -31.45 -27.86 22.82
C GLY E 55 -30.32 -27.72 23.81
N VAL E 56 -29.97 -26.48 24.13
CA VAL E 56 -28.97 -26.22 25.16
C VAL E 56 -29.39 -26.80 26.53
N VAL E 57 -28.42 -27.41 27.22
CA VAL E 57 -28.61 -27.91 28.58
C VAL E 57 -27.53 -27.23 29.41
N ARG E 58 -27.92 -26.63 30.54
CA ARG E 58 -26.98 -26.00 31.47
C ARG E 58 -27.20 -26.60 32.85
N GLY E 59 -26.13 -27.04 33.52
CA GLY E 59 -26.23 -27.67 34.84
C GLY E 59 -25.39 -28.94 34.98
N LEU E 60 -25.52 -29.66 36.10
CA LEU E 60 -26.45 -29.34 37.18
C LEU E 60 -25.64 -28.69 38.31
N HIS E 61 -25.94 -27.43 38.61
CA HIS E 61 -25.08 -26.60 39.46
C HIS E 61 -25.60 -26.37 40.88
N TYR E 62 -24.65 -26.28 41.81
CA TYR E 62 -24.89 -25.84 43.19
C TYR E 62 -23.61 -25.26 43.77
N GLN E 63 -23.74 -24.42 44.79
CA GLN E 63 -22.60 -23.99 45.59
C GLN E 63 -22.63 -24.64 46.96
N ARG E 64 -21.47 -25.03 47.47
CA ARG E 64 -21.42 -25.72 48.75
C ARG E 64 -21.39 -24.77 49.93
N THR E 65 -21.96 -25.23 51.04
CA THR E 65 -21.70 -24.65 52.35
C THR E 65 -20.22 -24.28 52.42
N PRO E 66 -19.87 -23.11 52.98
CA PRO E 66 -20.73 -22.08 53.59
C PRO E 66 -21.21 -20.98 52.65
N LYS E 67 -21.25 -21.26 51.34
CA LYS E 67 -21.73 -20.29 50.36
C LYS E 67 -22.95 -20.82 49.60
N GLU E 68 -23.79 -21.61 50.26
CA GLU E 68 -24.98 -22.22 49.63
C GLU E 68 -25.95 -21.19 49.06
N GLN E 69 -26.74 -21.59 48.06
CA GLN E 69 -27.63 -20.65 47.39
C GLN E 69 -29.01 -21.24 47.25
N GLY E 70 -30.03 -20.40 47.48
CA GLY E 70 -31.38 -20.69 46.97
C GLY E 70 -31.55 -20.02 45.61
N LYS E 71 -32.47 -20.50 44.79
CA LYS E 71 -32.67 -19.98 43.44
C LYS E 71 -34.14 -19.95 43.09
N ILE E 72 -34.59 -18.81 42.58
CA ILE E 72 -35.89 -18.75 41.90
C ILE E 72 -35.68 -18.57 40.40
N ILE E 73 -36.10 -19.57 39.62
CA ILE E 73 -35.88 -19.60 38.16
C ILE E 73 -37.17 -19.24 37.42
N PHE E 74 -37.10 -18.34 36.45
CA PHE E 74 -38.21 -18.16 35.57
C PHE E 74 -37.81 -17.73 34.15
N VAL E 75 -38.79 -17.78 33.25
CA VAL E 75 -38.55 -17.75 31.82
C VAL E 75 -39.49 -16.70 31.19
N PRO E 76 -39.01 -15.45 31.08
CA PRO E 76 -39.82 -14.40 30.41
C PRO E 76 -39.87 -14.52 28.89
N LYS E 77 -39.03 -15.38 28.31
CA LYS E 77 -39.03 -15.63 26.87
C LYS E 77 -38.65 -17.08 26.60
N GLY E 78 -39.50 -17.80 25.87
CA GLY E 78 -39.21 -19.18 25.57
C GLY E 78 -39.86 -20.23 26.47
N ARG E 79 -39.25 -21.40 26.50
CA ARG E 79 -39.78 -22.58 27.22
C ARG E 79 -38.60 -23.41 27.67
N ILE E 80 -38.53 -23.71 28.96
CA ILE E 80 -37.47 -24.62 29.45
C ILE E 80 -38.04 -25.82 30.20
N LEU E 81 -37.30 -26.93 30.20
CA LEU E 81 -37.50 -27.98 31.20
C LEU E 81 -36.50 -27.81 32.35
N ASP E 82 -37.01 -27.34 33.48
CA ASP E 82 -36.18 -27.06 34.65
C ASP E 82 -36.16 -28.25 35.61
N VAL E 83 -35.00 -28.50 36.22
CA VAL E 83 -34.75 -29.69 37.02
C VAL E 83 -34.07 -29.31 38.32
N ALA E 84 -34.57 -29.87 39.43
CA ALA E 84 -33.91 -29.71 40.74
C ALA E 84 -33.63 -31.10 41.33
N VAL E 85 -32.39 -31.32 41.76
CA VAL E 85 -31.95 -32.64 42.26
C VAL E 85 -31.48 -32.50 43.70
N ASP E 86 -32.11 -33.26 44.61
CA ASP E 86 -31.65 -33.35 45.99
C ASP E 86 -30.24 -33.92 46.02
N VAL E 87 -29.31 -33.14 46.55
CA VAL E 87 -27.93 -33.57 46.68
C VAL E 87 -27.43 -33.43 48.13
N ARG E 88 -28.36 -33.64 49.06
CA ARG E 88 -28.03 -33.70 50.48
C ARG E 88 -27.87 -35.18 50.81
N LYS E 89 -26.64 -35.59 51.14
CA LYS E 89 -26.30 -37.02 51.24
C LYS E 89 -27.14 -37.77 52.28
N SER E 90 -27.37 -37.10 53.42
CA SER E 90 -28.15 -37.68 54.52
C SER E 90 -29.65 -37.51 54.38
N SER E 91 -30.11 -36.90 53.29
CA SER E 91 -31.54 -36.85 52.96
C SER E 91 -32.07 -38.19 52.43
N PRO E 92 -33.28 -38.59 52.88
CA PRO E 92 -33.92 -39.83 52.40
C PRO E 92 -34.32 -39.78 50.92
N THR E 93 -34.39 -38.57 50.36
CA THR E 93 -34.67 -38.41 48.93
C THR E 93 -33.44 -37.97 48.11
N PHE E 94 -32.24 -38.12 48.67
CA PHE E 94 -31.00 -37.88 47.91
C PHE E 94 -31.09 -38.53 46.52
N GLY E 95 -30.78 -37.76 45.48
CA GLY E 95 -30.80 -38.24 44.12
C GLY E 95 -32.15 -38.18 43.44
N LYS E 96 -33.20 -37.89 44.21
CA LYS E 96 -34.52 -37.69 43.63
C LYS E 96 -34.53 -36.28 43.09
N TYR E 97 -35.45 -36.01 42.19
CA TYR E 97 -35.46 -34.74 41.48
C TYR E 97 -36.87 -34.38 41.04
N VAL E 98 -37.06 -33.11 40.73
CA VAL E 98 -38.32 -32.59 40.20
C VAL E 98 -38.03 -31.94 38.84
N LYS E 99 -38.91 -32.17 37.86
CA LYS E 99 -38.85 -31.50 36.55
C LYS E 99 -40.12 -30.66 36.42
N ALA E 100 -39.98 -29.38 36.07
CA ALA E 100 -41.13 -28.54 35.72
C ALA E 100 -40.86 -27.70 34.48
N GLU E 101 -41.83 -27.68 33.57
CA GLU E 101 -41.78 -26.77 32.46
C GLU E 101 -42.12 -25.33 32.87
N LEU E 102 -41.12 -24.46 32.73
CA LEU E 102 -41.32 -23.04 32.99
C LEU E 102 -41.26 -22.34 31.64
N ASN E 103 -42.26 -21.51 31.34
CA ASN E 103 -42.31 -20.82 30.07
C ASN E 103 -42.91 -19.40 30.15
N GLU E 104 -42.88 -18.67 29.03
CA GLU E 104 -43.28 -17.28 29.03
C GLU E 104 -44.81 -17.17 29.06
N GLU E 105 -45.46 -18.25 28.65
CA GLU E 105 -46.90 -18.30 28.66
C GLU E 105 -47.47 -18.58 30.06
N ASN E 106 -46.88 -19.54 30.77
CA ASN E 106 -47.36 -19.91 32.10
C ASN E 106 -46.87 -19.01 33.22
N HIS E 107 -45.76 -18.30 33.00
CA HIS E 107 -45.11 -17.39 33.97
C HIS E 107 -44.66 -18.08 35.27
N TYR E 108 -44.64 -19.41 35.26
CA TYR E 108 -44.24 -20.20 36.43
C TYR E 108 -42.78 -20.01 36.76
N MET E 109 -42.49 -20.16 38.04
CA MET E 109 -41.16 -20.03 38.57
C MET E 109 -40.88 -21.23 39.48
N LEU E 110 -39.62 -21.68 39.51
CA LEU E 110 -39.27 -22.75 40.40
C LEU E 110 -38.41 -22.21 41.52
N TRP E 111 -38.83 -22.46 42.77
CA TRP E 111 -37.98 -22.19 43.93
C TRP E 111 -37.17 -23.45 44.22
N ILE E 112 -35.85 -23.27 44.28
CA ILE E 112 -34.92 -24.37 44.53
C ILE E 112 -34.08 -24.01 45.75
N PRO E 113 -34.33 -24.69 46.88
CA PRO E 113 -33.70 -24.40 48.16
C PRO E 113 -32.22 -24.80 48.16
N PRO E 114 -31.45 -24.31 49.16
CA PRO E 114 -30.11 -24.82 49.39
C PRO E 114 -30.10 -26.35 49.54
N GLY E 115 -29.12 -27.00 48.91
CA GLY E 115 -28.98 -28.45 48.99
C GLY E 115 -29.39 -29.16 47.73
N PHE E 116 -29.72 -28.39 46.69
CA PHE E 116 -30.20 -28.94 45.44
C PHE E 116 -29.30 -28.48 44.26
N ALA E 117 -29.21 -29.31 43.22
CA ALA E 117 -28.48 -28.99 41.99
C ALA E 117 -29.49 -28.57 40.92
N HIS E 118 -29.27 -27.40 40.32
CA HIS E 118 -30.14 -26.90 39.26
C HIS E 118 -29.58 -27.10 37.83
N GLY E 119 -30.44 -27.57 36.94
CA GLY E 119 -30.14 -27.63 35.52
C GLY E 119 -31.41 -27.45 34.71
N PHE E 120 -31.26 -27.15 33.41
CA PHE E 120 -32.39 -27.10 32.51
C PHE E 120 -32.01 -27.38 31.09
N GLN E 121 -32.98 -27.75 30.27
CA GLN E 121 -32.79 -27.76 28.84
C GLN E 121 -33.75 -26.75 28.22
N ALA E 122 -33.22 -25.98 27.28
CA ALA E 122 -34.03 -25.05 26.52
C ALA E 122 -34.79 -25.82 25.46
N LEU E 123 -36.12 -25.74 25.52
CA LEU E 123 -37.00 -26.47 24.60
C LEU E 123 -37.24 -25.64 23.33
N GLU E 124 -37.04 -24.34 23.45
CA GLU E 124 -36.89 -23.43 22.33
C GLU E 124 -35.93 -22.36 22.81
N ASP E 125 -35.54 -21.44 21.94
CA ASP E 125 -34.68 -20.30 22.35
C ASP E 125 -35.31 -19.65 23.59
N SER E 126 -34.55 -19.50 24.67
CA SER E 126 -35.10 -19.08 25.96
C SER E 126 -34.23 -18.11 26.71
N ILE E 127 -34.86 -17.10 27.28
CA ILE E 127 -34.23 -16.24 28.28
C ILE E 127 -34.62 -16.78 29.65
N VAL E 128 -33.62 -17.05 30.48
CA VAL E 128 -33.85 -17.53 31.84
C VAL E 128 -33.29 -16.52 32.81
N ILE E 129 -34.11 -16.15 33.79
CA ILE E 129 -33.73 -15.31 34.92
C ILE E 129 -33.51 -16.15 36.16
N TYR E 130 -32.39 -15.90 36.85
CA TYR E 130 -32.09 -16.57 38.10
C TYR E 130 -32.06 -15.58 39.26
N PHE E 131 -33.04 -15.68 40.14
CA PHE E 131 -32.97 -14.92 41.39
C PHE E 131 -32.23 -15.80 42.38
N ILE E 132 -31.20 -15.27 42.99
CA ILE E 132 -30.35 -16.08 43.86
C ILE E 132 -30.43 -15.53 45.28
N THR E 133 -30.55 -16.43 46.25
CA THR E 133 -30.66 -16.04 47.65
C THR E 133 -29.48 -16.61 48.46
N HIS E 134 -29.30 -16.06 49.67
CA HIS E 134 -28.36 -16.55 50.69
C HIS E 134 -26.91 -16.11 50.49
N ASN E 135 -26.30 -16.49 49.36
CA ASN E 135 -24.90 -16.15 49.03
C ASN E 135 -24.70 -15.83 47.53
N GLU E 136 -23.87 -14.83 47.25
CA GLU E 136 -23.52 -14.45 45.88
C GLU E 136 -22.60 -15.47 45.17
N TYR E 137 -22.42 -15.28 43.87
CA TYR E 137 -21.45 -16.08 43.08
C TYR E 137 -20.13 -16.26 43.82
N SER E 138 -19.66 -17.51 43.89
CA SER E 138 -18.41 -17.83 44.55
C SER E 138 -17.70 -18.96 43.78
N PRO E 139 -16.79 -18.58 42.86
CA PRO E 139 -16.04 -19.59 42.07
C PRO E 139 -15.44 -20.74 42.90
N PRO E 140 -14.75 -20.46 44.02
CA PRO E 140 -14.13 -21.59 44.73
C PRO E 140 -15.14 -22.57 45.36
N HIS E 141 -16.42 -22.19 45.40
CA HIS E 141 -17.45 -23.00 46.04
C HIS E 141 -18.38 -23.73 45.06
N GLU E 142 -18.14 -23.53 43.77
CA GLU E 142 -19.02 -24.07 42.76
C GLU E 142 -18.82 -25.57 42.58
N ARG E 143 -19.92 -26.29 42.47
CA ARG E 143 -19.86 -27.71 42.21
C ARG E 143 -20.94 -28.04 41.20
N CYS E 144 -20.87 -29.25 40.66
CA CYS E 144 -21.88 -29.71 39.72
C CYS E 144 -21.94 -31.23 39.62
N ILE E 145 -23.08 -31.74 39.17
CA ILE E 145 -23.23 -33.12 38.78
C ILE E 145 -23.58 -33.16 37.29
N SER E 146 -23.22 -34.27 36.64
CA SER E 146 -23.38 -34.40 35.20
C SER E 146 -24.83 -34.22 34.73
N TYR E 147 -25.00 -33.43 33.67
CA TYR E 147 -26.27 -33.31 32.95
C TYR E 147 -26.85 -34.68 32.57
N SER E 148 -25.97 -35.67 32.36
CA SER E 148 -26.35 -36.99 31.88
C SER E 148 -27.12 -37.78 32.94
N TYR E 149 -27.05 -37.32 34.19
CA TYR E 149 -27.87 -37.88 35.27
C TYR E 149 -29.37 -37.81 34.92
N ILE E 150 -29.73 -36.86 34.04
CA ILE E 150 -31.12 -36.59 33.72
C ILE E 150 -31.39 -36.96 32.25
N ASP E 151 -32.59 -37.46 31.98
CA ASP E 151 -33.02 -37.73 30.62
C ASP E 151 -33.67 -36.47 30.07
N TRP E 152 -33.04 -35.86 29.08
CA TRP E 152 -33.53 -34.63 28.49
C TRP E 152 -34.39 -34.92 27.27
N PRO E 153 -35.48 -34.15 27.06
CA PRO E 153 -36.40 -34.39 25.94
C PRO E 153 -35.85 -34.12 24.53
N ILE E 154 -34.85 -33.24 24.39
CA ILE E 154 -34.24 -32.95 23.08
C ILE E 154 -32.90 -33.65 22.98
N LYS E 155 -32.75 -34.53 22.00
CA LYS E 155 -31.51 -35.30 21.83
C LYS E 155 -30.33 -34.42 21.39
N GLU E 156 -30.61 -33.42 20.54
CA GLU E 156 -29.59 -32.50 20.03
C GLU E 156 -29.18 -31.49 21.11
N VAL E 157 -28.47 -32.01 22.10
CA VAL E 157 -28.05 -31.32 23.28
C VAL E 157 -26.83 -30.46 22.93
N ILE E 158 -26.81 -29.23 23.44
CA ILE E 158 -25.67 -28.34 23.30
C ILE E 158 -25.18 -27.97 24.70
N ILE E 159 -23.94 -28.36 25.01
CA ILE E 159 -23.35 -28.21 26.33
C ILE E 159 -21.97 -27.60 26.29
N SER E 160 -21.66 -26.74 27.25
CA SER E 160 -20.30 -26.24 27.38
C SER E 160 -19.32 -27.35 27.78
N ASP E 161 -18.05 -27.19 27.37
CA ASP E 161 -16.91 -28.00 27.79
C ASP E 161 -16.85 -28.10 29.31
N LYS E 162 -17.07 -26.95 29.96
CA LYS E 162 -17.12 -26.86 31.40
C LYS E 162 -18.13 -27.83 32.02
N ASP E 163 -19.39 -27.78 31.55
CA ASP E 163 -20.46 -28.66 32.03
C ASP E 163 -20.21 -30.14 31.68
N LEU E 164 -19.35 -30.37 30.69
CA LEU E 164 -18.97 -31.72 30.28
C LEU E 164 -17.99 -32.36 31.28
N GLN E 165 -17.37 -31.52 32.10
CA GLN E 165 -16.45 -31.95 33.15
C GLN E 165 -17.13 -32.34 34.46
N CYS E 166 -18.43 -32.09 34.55
CA CYS E 166 -19.16 -32.34 35.78
C CYS E 166 -19.19 -33.82 36.04
N PRO E 167 -18.78 -34.24 37.26
CA PRO E 167 -18.77 -35.64 37.69
C PRO E 167 -20.17 -36.24 37.83
N SER E 168 -20.25 -37.57 37.75
CA SER E 168 -21.41 -38.35 38.13
C SER E 168 -21.89 -38.01 39.54
N LEU E 169 -23.16 -38.27 39.83
CA LEU E 169 -23.66 -38.04 41.19
C LEU E 169 -22.80 -38.80 42.21
N GLU E 170 -22.53 -40.07 41.92
CA GLU E 170 -21.74 -40.95 42.80
C GLU E 170 -20.38 -40.38 43.18
N LYS E 171 -19.68 -39.80 42.20
CA LYS E 171 -18.32 -39.30 42.42
C LYS E 171 -18.26 -37.84 42.84
N ALA E 172 -19.40 -37.14 42.82
CA ALA E 172 -19.44 -35.72 43.13
C ALA E 172 -19.32 -35.43 44.62
N GLU E 173 -18.72 -34.29 44.95
CA GLU E 173 -18.78 -33.78 46.30
C GLU E 173 -20.13 -33.06 46.48
N VAL E 174 -20.91 -33.55 47.45
CA VAL E 174 -22.29 -33.07 47.65
C VAL E 174 -22.50 -32.43 49.04
N PHE E 175 -23.73 -32.01 49.34
CA PHE E 175 -24.04 -31.48 50.67
C PHE E 175 -24.04 -32.63 51.66
N ASP E 176 -23.88 -32.33 52.94
CA ASP E 176 -24.11 -33.30 54.01
C ASP E 176 -25.55 -33.77 53.97
N MET F 1 -15.77 -3.80 35.91
CA MET F 1 -15.96 -5.29 36.01
C MET F 1 -16.46 -5.73 37.41
N PRO F 2 -17.45 -6.67 37.47
CA PRO F 2 -18.32 -7.16 36.40
C PRO F 2 -19.33 -6.10 35.94
N PHE F 3 -19.19 -4.88 36.46
CA PHE F 3 -20.05 -3.75 36.10
C PHE F 3 -19.22 -2.48 35.90
N GLU F 4 -19.59 -1.69 34.90
CA GLU F 4 -19.17 -0.29 34.79
C GLU F 4 -20.35 0.59 35.19
N PHE F 5 -20.07 1.61 36.00
CA PHE F 5 -21.09 2.56 36.45
C PHE F 5 -20.78 3.94 35.87
N GLU F 6 -21.79 4.57 35.30
CA GLU F 6 -21.66 5.91 34.74
C GLU F 6 -22.74 6.81 35.35
N ASN F 7 -22.30 7.81 36.11
CA ASN F 7 -23.19 8.84 36.64
C ASN F 7 -23.72 9.71 35.49
N LEU F 8 -25.04 9.84 35.41
CA LEU F 8 -25.67 10.62 34.35
C LEU F 8 -26.23 11.95 34.86
N GLY F 9 -25.98 12.23 36.15
CA GLY F 9 -26.45 13.45 36.79
C GLY F 9 -27.52 13.21 37.83
N MET F 10 -27.54 14.03 38.87
CA MET F 10 -28.59 14.05 39.90
C MET F 10 -28.65 12.78 40.75
N GLY F 11 -27.66 11.91 40.61
CA GLY F 11 -27.64 10.63 41.33
C GLY F 11 -28.10 9.47 40.47
N ILE F 12 -28.39 9.75 39.19
CA ILE F 12 -28.81 8.73 38.24
C ILE F 12 -27.56 8.02 37.77
N ILE F 13 -27.56 6.69 37.85
CA ILE F 13 -26.39 5.89 37.44
C ILE F 13 -26.77 4.94 36.31
N LEU F 14 -26.03 5.01 35.21
CA LEU F 14 -26.10 4.02 34.14
C LEU F 14 -25.16 2.82 34.42
N ILE F 15 -25.73 1.63 34.50
CA ILE F 15 -24.99 0.42 34.88
C ILE F 15 -24.84 -0.47 33.65
N LYS F 16 -23.59 -0.85 33.40
CA LYS F 16 -23.24 -1.63 32.22
C LYS F 16 -22.62 -2.95 32.67
N PRO F 17 -23.36 -4.06 32.48
CA PRO F 17 -22.91 -5.37 32.94
C PRO F 17 -21.93 -6.06 31.97
N LYS F 18 -21.21 -7.06 32.46
CA LYS F 18 -20.32 -7.85 31.62
C LYS F 18 -21.06 -9.04 31.02
N VAL F 19 -21.15 -9.09 29.70
CA VAL F 19 -21.91 -10.12 29.02
C VAL F 19 -20.91 -11.12 28.45
N PHE F 20 -21.19 -12.41 28.64
CA PHE F 20 -20.35 -13.49 28.12
C PHE F 20 -21.06 -14.35 27.10
N PRO F 21 -20.77 -14.11 25.79
CA PRO F 21 -21.34 -14.96 24.76
C PRO F 21 -20.52 -16.22 24.51
N ASP F 22 -21.20 -17.27 24.07
CA ASP F 22 -20.56 -18.51 23.63
C ASP F 22 -21.50 -19.23 22.67
N LYS F 23 -21.18 -20.46 22.27
CA LYS F 23 -22.04 -21.16 21.34
C LYS F 23 -23.48 -21.32 21.86
N ARG F 24 -23.64 -21.41 23.18
CA ARG F 24 -24.97 -21.68 23.77
C ARG F 24 -25.92 -20.51 23.67
N GLY F 25 -25.36 -19.30 23.64
CA GLY F 25 -26.12 -18.07 23.70
C GLY F 25 -25.23 -17.14 24.49
N PHE F 26 -25.72 -16.69 25.64
CA PHE F 26 -24.95 -15.77 26.48
C PHE F 26 -25.39 -15.76 27.93
N PHE F 27 -24.52 -15.23 28.80
CA PHE F 27 -24.74 -15.17 30.26
C PHE F 27 -24.28 -13.83 30.79
N LEU F 28 -25.03 -13.29 31.75
CA LEU F 28 -24.56 -12.15 32.54
C LEU F 28 -25.08 -12.16 33.97
N GLU F 29 -24.27 -11.61 34.88
CA GLU F 29 -24.74 -11.25 36.21
C GLU F 29 -25.34 -9.88 36.08
N VAL F 30 -26.57 -9.73 36.56
CA VAL F 30 -27.37 -8.54 36.28
C VAL F 30 -27.32 -7.57 37.45
N PHE F 31 -27.67 -8.06 38.64
CA PHE F 31 -27.34 -7.30 39.84
C PHE F 31 -26.73 -8.16 40.95
N LYS F 32 -25.81 -7.54 41.70
CA LYS F 32 -25.12 -8.17 42.83
C LYS F 32 -25.09 -7.19 44.00
N SER F 33 -25.65 -7.61 45.12
CA SER F 33 -25.84 -6.72 46.26
C SER F 33 -24.55 -6.05 46.71
N GLU F 34 -23.48 -6.83 46.88
CA GLU F 34 -22.22 -6.31 47.41
C GLU F 34 -21.63 -5.26 46.47
N ASP F 35 -21.50 -5.60 45.19
CA ASP F 35 -21.01 -4.64 44.21
C ASP F 35 -21.89 -3.40 44.16
N PHE F 36 -23.19 -3.58 44.29
CA PHE F 36 -24.11 -2.46 44.12
C PHE F 36 -24.07 -1.55 45.34
N THR F 37 -24.01 -2.15 46.53
CA THR F 37 -23.92 -1.42 47.80
C THR F 37 -22.69 -0.50 47.85
N LYS F 38 -21.58 -0.98 47.32
CA LYS F 38 -20.34 -0.21 47.21
C LYS F 38 -20.55 1.08 46.41
N MET F 39 -21.42 1.01 45.40
CA MET F 39 -21.79 2.18 44.59
C MET F 39 -23.02 2.88 45.15
N ARG F 40 -23.32 2.53 46.40
CA ARG F 40 -24.41 3.13 47.18
C ARG F 40 -25.83 2.90 46.62
N ILE F 41 -25.99 1.80 45.90
CA ILE F 41 -27.32 1.35 45.50
C ILE F 41 -27.70 0.21 46.45
N PRO F 42 -28.78 0.42 47.22
CA PRO F 42 -29.19 -0.54 48.24
C PRO F 42 -29.89 -1.78 47.71
N ASN F 43 -30.35 -2.60 48.65
CA ASN F 43 -30.91 -3.92 48.40
C ASN F 43 -32.33 -3.92 47.80
N VAL F 44 -32.57 -4.93 46.96
CA VAL F 44 -33.86 -5.14 46.31
C VAL F 44 -34.80 -5.83 47.29
N ILE F 45 -36.03 -5.32 47.38
CA ILE F 45 -37.07 -5.90 48.24
C ILE F 45 -38.30 -6.32 47.44
N GLN F 46 -38.33 -5.95 46.16
CA GLN F 46 -39.41 -6.32 45.27
C GLN F 46 -38.91 -6.28 43.81
N THR F 47 -39.40 -7.21 42.98
CA THR F 47 -39.14 -7.18 41.55
C THR F 47 -40.42 -7.38 40.74
N ASN F 48 -40.64 -6.49 39.77
CA ASN F 48 -41.80 -6.52 38.89
C ASN F 48 -41.32 -6.73 37.48
N MET F 49 -42.25 -7.16 36.62
CA MET F 49 -41.97 -7.32 35.19
C MET F 49 -43.17 -6.85 34.39
N SER F 50 -42.91 -6.16 33.29
CA SER F 50 -43.96 -5.79 32.35
C SER F 50 -43.53 -6.14 30.96
N PHE F 51 -44.52 -6.42 30.10
CA PHE F 51 -44.32 -6.53 28.68
C PHE F 51 -45.13 -5.40 28.07
N SER F 52 -44.50 -4.63 27.19
CA SER F 52 -45.13 -3.48 26.56
C SER F 52 -45.00 -3.54 25.04
N ARG F 53 -46.11 -3.34 24.36
CA ARG F 53 -46.15 -3.24 22.91
C ARG F 53 -45.41 -1.99 22.47
N LYS F 54 -44.67 -2.07 21.36
CA LYS F 54 -44.10 -0.90 20.69
C LYS F 54 -45.06 0.28 20.77
N GLY F 55 -44.59 1.40 21.31
CA GLY F 55 -45.37 2.63 21.34
C GLY F 55 -46.01 2.88 22.68
N VAL F 56 -46.11 1.84 23.50
CA VAL F 56 -46.63 1.97 24.86
C VAL F 56 -45.76 2.93 25.66
N VAL F 57 -46.40 3.86 26.35
CA VAL F 57 -45.75 4.70 27.36
C VAL F 57 -46.37 4.37 28.71
N ARG F 58 -45.50 4.15 29.69
CA ARG F 58 -45.91 3.91 31.06
C ARG F 58 -45.20 4.94 31.93
N GLY F 59 -45.92 5.56 32.88
CA GLY F 59 -45.31 6.59 33.73
C GLY F 59 -46.13 7.86 33.87
N LEU F 60 -45.56 8.90 34.51
CA LEU F 60 -44.26 8.82 35.14
C LEU F 60 -44.49 8.65 36.64
N HIS F 61 -44.09 7.49 37.15
CA HIS F 61 -44.52 7.01 38.48
C HIS F 61 -43.49 7.24 39.59
N TYR F 62 -44.00 7.49 40.79
CA TYR F 62 -43.22 7.52 42.04
C TYR F 62 -44.11 7.17 43.22
N GLN F 63 -43.50 6.71 44.32
CA GLN F 63 -44.22 6.56 45.56
C GLN F 63 -43.69 7.59 46.53
N ARG F 64 -44.62 8.22 47.24
CA ARG F 64 -44.26 9.34 48.10
C ARG F 64 -43.78 8.81 49.45
N THR F 65 -42.83 9.55 50.03
CA THR F 65 -42.42 9.39 51.40
C THR F 65 -43.66 9.26 52.30
N PRO F 66 -43.64 8.31 53.28
CA PRO F 66 -42.56 7.44 53.75
C PRO F 66 -42.46 6.04 53.07
N LYS F 67 -43.09 5.87 51.90
CA LYS F 67 -42.93 4.65 51.11
C LYS F 67 -42.15 4.85 49.81
N GLU F 68 -41.20 5.78 49.81
CA GLU F 68 -40.41 6.06 48.60
C GLU F 68 -39.65 4.83 48.05
N GLN F 69 -39.36 4.85 46.76
CA GLN F 69 -38.75 3.67 46.13
C GLN F 69 -37.56 4.06 45.28
N GLY F 70 -36.47 3.29 45.37
CA GLY F 70 -35.39 3.36 44.38
C GLY F 70 -35.72 2.30 43.32
N LYS F 71 -35.17 2.46 42.11
CA LYS F 71 -35.48 1.56 40.99
C LYS F 71 -34.27 1.26 40.11
N ILE F 72 -34.07 -0.01 39.79
CA ILE F 72 -33.10 -0.39 38.77
C ILE F 72 -33.86 -1.00 37.59
N ILE F 73 -33.73 -0.36 36.43
CA ILE F 73 -34.53 -0.70 35.26
C ILE F 73 -33.66 -1.49 34.29
N PHE F 74 -34.16 -2.64 33.84
CA PHE F 74 -33.36 -3.58 33.04
C PHE F 74 -34.25 -4.08 31.91
N VAL F 75 -33.70 -4.16 30.70
CA VAL F 75 -34.49 -4.54 29.51
C VAL F 75 -33.92 -5.82 28.85
N PRO F 76 -34.33 -7.02 29.35
CA PRO F 76 -33.82 -8.26 28.72
C PRO F 76 -34.40 -8.55 27.31
N LYS F 77 -35.49 -7.89 26.97
CA LYS F 77 -36.03 -8.05 25.62
C LYS F 77 -36.59 -6.73 25.11
N GLY F 78 -36.20 -6.38 23.89
CA GLY F 78 -36.70 -5.19 23.25
C GLY F 78 -35.81 -3.99 23.49
N ARG F 79 -36.43 -2.84 23.53
CA ARG F 79 -35.75 -1.55 23.43
C ARG F 79 -36.69 -0.48 23.94
N ILE F 80 -36.23 0.32 24.91
CA ILE F 80 -37.07 1.37 25.50
C ILE F 80 -36.31 2.69 25.60
N LEU F 81 -37.02 3.81 25.63
CA LEU F 81 -36.40 5.06 26.02
C LEU F 81 -36.86 5.26 27.44
N ASP F 82 -35.92 5.16 28.36
CA ASP F 82 -36.19 5.24 29.78
C ASP F 82 -35.94 6.65 30.27
N VAL F 83 -36.81 7.12 31.18
CA VAL F 83 -36.76 8.50 31.67
C VAL F 83 -36.91 8.57 33.19
N ALA F 84 -36.08 9.40 33.82
CA ALA F 84 -36.14 9.69 35.26
C ALA F 84 -36.25 11.21 35.43
N VAL F 85 -37.34 11.71 36.00
CA VAL F 85 -37.42 13.17 36.23
C VAL F 85 -37.34 13.57 37.71
N ASP F 86 -36.48 14.55 38.00
CA ASP F 86 -36.31 15.04 39.39
C ASP F 86 -37.60 15.67 39.87
N VAL F 87 -38.19 15.05 40.87
CA VAL F 87 -39.49 15.42 41.34
C VAL F 87 -39.45 15.95 42.82
N ARG F 88 -38.24 16.26 43.30
CA ARG F 88 -38.05 16.80 44.66
C ARG F 88 -38.14 18.33 44.59
N LYS F 89 -39.23 18.90 45.09
CA LYS F 89 -39.48 20.35 44.91
C LYS F 89 -38.40 21.27 45.49
N SER F 90 -37.67 20.78 46.49
CA SER F 90 -36.57 21.55 47.08
C SER F 90 -35.23 21.13 46.51
N SER F 91 -35.23 20.56 45.31
CA SER F 91 -33.98 20.18 44.63
C SER F 91 -33.59 21.24 43.61
N PRO F 92 -32.28 21.55 43.50
CA PRO F 92 -31.80 22.53 42.50
C PRO F 92 -32.08 22.12 41.06
N THR F 93 -32.32 20.82 40.83
CA THR F 93 -32.63 20.34 39.50
C THR F 93 -34.05 19.78 39.41
N PHE F 94 -34.95 20.26 40.27
CA PHE F 94 -36.38 19.92 40.20
C PHE F 94 -36.88 20.08 38.76
N GLY F 95 -37.58 19.05 38.27
CA GLY F 95 -38.12 19.07 36.92
C GLY F 95 -37.13 18.77 35.80
N LYS F 96 -35.85 18.62 36.13
CA LYS F 96 -34.87 18.22 35.13
C LYS F 96 -34.88 16.70 34.98
N TYR F 97 -34.41 16.17 33.85
CA TYR F 97 -34.55 14.74 33.60
C TYR F 97 -33.40 14.14 32.82
N VAL F 98 -33.30 12.82 32.93
CA VAL F 98 -32.32 12.02 32.23
C VAL F 98 -33.09 11.04 31.36
N LYS F 99 -32.69 10.94 30.09
CA LYS F 99 -33.23 9.95 29.16
C LYS F 99 -32.12 8.95 28.87
N ALA F 100 -32.46 7.67 28.84
CA ALA F 100 -31.47 6.61 28.54
C ALA F 100 -32.06 5.49 27.69
N GLU F 101 -31.32 5.09 26.67
CA GLU F 101 -31.73 3.94 25.87
C GLU F 101 -31.26 2.64 26.51
N LEU F 102 -32.24 1.88 26.99
CA LEU F 102 -32.00 0.59 27.64
C LEU F 102 -32.62 -0.48 26.76
N ASN F 103 -31.85 -1.50 26.44
CA ASN F 103 -32.29 -2.46 25.43
C ASN F 103 -31.57 -3.78 25.57
N GLU F 104 -32.04 -4.77 24.81
CA GLU F 104 -31.48 -6.13 24.83
C GLU F 104 -30.12 -6.24 24.17
N GLU F 105 -29.76 -5.21 23.39
CA GLU F 105 -28.49 -5.13 22.67
C GLU F 105 -27.37 -4.76 23.64
N ASN F 106 -27.62 -3.74 24.46
CA ASN F 106 -26.64 -3.27 25.43
C ASN F 106 -26.73 -3.93 26.84
N HIS F 107 -27.91 -4.45 27.20
CA HIS F 107 -28.16 -4.94 28.57
C HIS F 107 -27.84 -3.91 29.68
N TYR F 108 -27.88 -2.63 29.33
CA TYR F 108 -27.70 -1.56 30.30
C TYR F 108 -28.88 -1.43 31.27
N MET F 109 -28.58 -0.98 32.48
CA MET F 109 -29.58 -0.72 33.50
C MET F 109 -29.47 0.72 33.94
N LEU F 110 -30.57 1.26 34.42
CA LEU F 110 -30.57 2.61 34.98
C LEU F 110 -31.00 2.54 36.45
N TRP F 111 -30.16 3.07 37.34
CA TRP F 111 -30.51 3.28 38.76
C TRP F 111 -31.15 4.65 38.93
N ILE F 112 -32.33 4.65 39.56
CA ILE F 112 -33.14 5.85 39.77
C ILE F 112 -33.45 5.92 41.26
N PRO F 113 -32.79 6.84 41.99
CA PRO F 113 -32.96 6.90 43.45
C PRO F 113 -34.35 7.42 43.82
N PRO F 114 -34.75 7.29 45.11
CA PRO F 114 -35.98 7.99 45.53
C PRO F 114 -35.98 9.46 45.11
N GLY F 115 -37.16 10.02 44.85
CA GLY F 115 -37.27 11.45 44.53
C GLY F 115 -37.48 11.77 43.07
N PHE F 116 -37.59 10.72 42.26
CA PHE F 116 -37.72 10.81 40.81
C PHE F 116 -39.01 10.13 40.34
N ALA F 117 -39.54 10.64 39.23
CA ALA F 117 -40.66 10.01 38.54
C ALA F 117 -40.13 9.18 37.36
N HIS F 118 -40.45 7.89 37.34
CA HIS F 118 -39.96 7.02 36.28
C HIS F 118 -40.99 6.67 35.20
N GLY F 119 -40.56 6.70 33.94
CA GLY F 119 -41.37 6.13 32.89
C GLY F 119 -40.58 5.86 31.64
N PHE F 120 -41.22 5.22 30.68
CA PHE F 120 -40.52 4.91 29.44
C PHE F 120 -41.49 4.79 28.27
N GLN F 121 -40.94 4.83 27.06
CA GLN F 121 -41.69 4.37 25.89
C GLN F 121 -40.99 3.17 25.29
N ALA F 122 -41.78 2.14 24.99
CA ALA F 122 -41.26 0.96 24.33
C ALA F 122 -41.04 1.32 22.87
N LEU F 123 -39.79 1.23 22.42
CA LEU F 123 -39.43 1.56 21.03
C LEU F 123 -39.65 0.31 20.17
N GLU F 124 -39.59 -0.84 20.82
CA GLU F 124 -39.98 -2.14 20.25
C GLU F 124 -40.84 -2.85 21.31
N ASP F 125 -41.43 -3.99 20.96
CA ASP F 125 -42.13 -4.81 21.97
C ASP F 125 -41.09 -5.12 23.03
N SER F 126 -41.40 -4.82 24.29
CA SER F 126 -40.35 -4.88 25.33
C SER F 126 -40.74 -5.57 26.59
N ILE F 127 -39.81 -6.33 27.16
CA ILE F 127 -39.88 -6.80 28.54
C ILE F 127 -39.01 -5.90 29.42
N VAL F 128 -39.62 -5.30 30.42
CA VAL F 128 -38.86 -4.54 31.41
C VAL F 128 -38.94 -5.26 32.75
N ILE F 129 -37.79 -5.36 33.40
CA ILE F 129 -37.73 -5.81 34.80
C ILE F 129 -37.42 -4.58 35.66
N TYR F 130 -38.15 -4.42 36.76
CA TYR F 130 -37.89 -3.33 37.67
C TYR F 130 -37.44 -3.94 38.99
N PHE F 131 -36.18 -3.73 39.35
CA PHE F 131 -35.67 -4.13 40.67
C PHE F 131 -35.94 -2.94 41.60
N ILE F 132 -36.75 -3.15 42.63
CA ILE F 132 -37.22 -2.04 43.47
C ILE F 132 -36.56 -2.05 44.85
N THR F 133 -36.08 -0.87 45.26
CA THR F 133 -35.45 -0.70 46.57
C THR F 133 -36.32 0.12 47.53
N HIS F 134 -35.93 0.06 48.81
CA HIS F 134 -36.48 0.87 49.91
C HIS F 134 -37.79 0.35 50.45
N ASN F 135 -38.81 0.35 49.58
CA ASN F 135 -40.19 0.04 49.96
C ASN F 135 -40.96 -0.71 48.90
N GLU F 136 -41.79 -1.66 49.36
CA GLU F 136 -42.68 -2.43 48.49
C GLU F 136 -43.80 -1.56 47.91
N TYR F 137 -44.54 -2.14 46.97
CA TYR F 137 -45.74 -1.56 46.38
C TYR F 137 -46.69 -1.06 47.47
N SER F 138 -47.04 0.23 47.41
CA SER F 138 -48.01 0.80 48.34
C SER F 138 -49.01 1.72 47.66
N PRO F 139 -50.19 1.19 47.30
CA PRO F 139 -51.22 2.00 46.60
C PRO F 139 -51.42 3.42 47.19
N PRO F 140 -51.75 3.55 48.50
CA PRO F 140 -51.90 4.88 49.12
C PRO F 140 -50.85 5.95 48.80
N HIS F 141 -49.59 5.54 48.57
CA HIS F 141 -48.50 6.49 48.34
C HIS F 141 -48.13 6.72 46.87
N GLU F 142 -48.77 6.00 45.97
CA GLU F 142 -48.50 6.11 44.53
C GLU F 142 -48.93 7.49 43.96
N ARG F 143 -47.98 8.23 43.40
CA ARG F 143 -48.29 9.44 42.64
C ARG F 143 -47.66 9.39 41.24
N CYS F 144 -48.06 10.32 40.38
CA CYS F 144 -47.50 10.38 39.05
C CYS F 144 -47.58 11.78 38.47
N ILE F 145 -46.75 12.00 37.47
CA ILE F 145 -46.85 13.18 36.64
C ILE F 145 -47.09 12.74 35.19
N SER F 146 -47.74 13.60 34.42
CA SER F 146 -48.13 13.25 33.07
C SER F 146 -46.93 12.92 32.20
N TYR F 147 -47.04 11.80 31.48
CA TYR F 147 -46.12 11.39 30.39
C TYR F 147 -45.84 12.53 29.40
N SER F 148 -46.78 13.48 29.28
CA SER F 148 -46.70 14.52 28.26
C SER F 148 -45.59 15.53 28.56
N TYR F 149 -45.02 15.42 29.75
CA TYR F 149 -43.84 16.19 30.14
C TYR F 149 -42.71 15.94 29.16
N ILE F 150 -42.70 14.76 28.58
CA ILE F 150 -41.62 14.32 27.72
C ILE F 150 -42.06 14.30 26.25
N ASP F 151 -41.13 14.68 25.37
CA ASP F 151 -41.34 14.49 23.94
C ASP F 151 -40.91 13.06 23.55
N TRP F 152 -41.89 12.21 23.30
CA TRP F 152 -41.63 10.80 23.00
C TRP F 152 -41.42 10.59 21.49
N PRO F 153 -40.48 9.69 21.12
CA PRO F 153 -40.19 9.47 19.71
C PRO F 153 -41.22 8.69 18.88
N ILE F 154 -42.10 7.91 19.51
CA ILE F 154 -43.11 7.17 18.74
C ILE F 154 -44.49 7.82 18.90
N LYS F 155 -45.09 8.14 17.75
CA LYS F 155 -46.31 8.94 17.69
C LYS F 155 -47.56 8.15 18.07
N GLU F 156 -47.61 6.86 17.69
CA GLU F 156 -48.71 5.98 18.07
C GLU F 156 -48.61 5.52 19.54
N VAL F 157 -48.82 6.48 20.44
CA VAL F 157 -48.75 6.27 21.89
C VAL F 157 -49.87 5.37 22.37
N ILE F 158 -49.51 4.30 23.08
CA ILE F 158 -50.52 3.50 23.76
C ILE F 158 -50.37 3.65 25.29
N ILE F 159 -51.45 4.08 25.95
CA ILE F 159 -51.36 4.48 27.34
C ILE F 159 -52.64 4.15 28.09
N SER F 160 -52.48 3.76 29.36
CA SER F 160 -53.62 3.41 30.22
C SER F 160 -54.43 4.62 30.69
N ASP F 161 -55.70 4.36 31.04
CA ASP F 161 -56.58 5.38 31.60
C ASP F 161 -56.01 6.06 32.83
N LYS F 162 -55.41 5.26 33.73
CA LYS F 162 -54.74 5.78 34.93
C LYS F 162 -53.61 6.74 34.58
N ASP F 163 -52.77 6.36 33.62
CA ASP F 163 -51.66 7.21 33.22
C ASP F 163 -52.13 8.46 32.46
N LEU F 164 -53.26 8.34 31.79
CA LEU F 164 -53.91 9.49 31.12
C LEU F 164 -54.34 10.57 32.15
N GLN F 165 -54.65 10.09 33.35
CA GLN F 165 -55.13 10.89 34.48
C GLN F 165 -54.04 11.67 35.21
N CYS F 166 -52.79 11.30 35.01
CA CYS F 166 -51.68 11.89 35.75
C CYS F 166 -51.62 13.40 35.54
N PRO F 167 -51.52 14.17 36.64
CA PRO F 167 -51.48 15.62 36.55
C PRO F 167 -50.14 16.12 36.01
N SER F 168 -50.12 17.33 35.46
CA SER F 168 -48.87 17.97 35.04
C SER F 168 -47.99 18.25 36.24
N LEU F 169 -46.69 18.41 35.99
CA LEU F 169 -45.71 18.59 37.07
C LEU F 169 -46.10 19.68 38.07
N GLU F 170 -46.44 20.86 37.57
CA GLU F 170 -46.83 22.01 38.42
C GLU F 170 -47.99 21.71 39.38
N LYS F 171 -48.90 20.83 38.95
CA LYS F 171 -50.13 20.58 39.70
C LYS F 171 -50.11 19.24 40.44
N ALA F 172 -48.96 18.58 40.44
CA ALA F 172 -48.82 17.25 41.05
C ALA F 172 -48.35 17.34 42.49
N GLU F 173 -48.77 16.38 43.31
CA GLU F 173 -48.24 16.24 44.67
C GLU F 173 -46.87 15.56 44.58
N VAL F 174 -45.81 16.35 44.74
CA VAL F 174 -44.44 15.86 44.47
C VAL F 174 -43.64 15.57 45.76
N PHE F 175 -42.34 15.36 45.59
CA PHE F 175 -41.43 15.14 46.72
C PHE F 175 -41.03 16.46 47.35
N ASP F 176 -40.94 16.46 48.67
CA ASP F 176 -40.47 17.63 49.42
C ASP F 176 -39.08 18.07 48.97
N MET G 1 8.82 19.30 -47.07
CA MET G 1 8.29 20.67 -46.78
C MET G 1 8.56 21.13 -45.31
N PRO G 2 9.82 21.51 -45.02
CA PRO G 2 10.21 21.76 -43.64
C PRO G 2 9.88 23.16 -43.10
N PHE G 3 9.44 24.09 -43.96
CA PHE G 3 9.13 25.46 -43.49
C PHE G 3 7.79 26.02 -43.95
N GLU G 4 7.08 26.64 -43.02
CA GLU G 4 5.98 27.52 -43.40
C GLU G 4 6.41 28.97 -43.24
N PHE G 5 6.28 29.74 -44.32
CA PHE G 5 6.60 31.16 -44.31
C PHE G 5 5.32 31.99 -44.30
N GLU G 6 5.22 32.89 -43.32
CA GLU G 6 4.08 33.78 -43.18
C GLU G 6 4.55 35.24 -43.18
N ASN G 7 4.03 36.02 -44.13
CA ASN G 7 4.29 37.45 -44.16
C ASN G 7 3.57 38.17 -43.01
N LEU G 8 4.34 38.87 -42.19
CA LEU G 8 3.79 39.67 -41.08
C LEU G 8 3.69 41.17 -41.39
N GLY G 9 4.14 41.54 -42.59
CA GLY G 9 4.06 42.91 -43.07
C GLY G 9 5.42 43.57 -43.14
N MET G 10 5.53 44.56 -44.03
CA MET G 10 6.73 45.38 -44.19
C MET G 10 7.93 44.59 -44.64
N GLY G 11 7.71 43.33 -45.01
CA GLY G 11 8.81 42.43 -45.39
C GLY G 11 9.21 41.47 -44.26
N ILE G 12 8.64 41.67 -43.08
CA ILE G 12 8.92 40.80 -41.93
C ILE G 12 8.24 39.47 -42.15
N ILE G 13 8.99 38.38 -42.04
CA ILE G 13 8.46 37.03 -42.29
C ILE G 13 8.61 36.11 -41.07
N LEU G 14 7.48 35.51 -40.66
CA LEU G 14 7.45 34.49 -39.63
C LEU G 14 7.71 33.11 -40.25
N ILE G 15 8.72 32.40 -39.75
CA ILE G 15 9.08 31.08 -40.25
C ILE G 15 8.74 30.00 -39.21
N LYS G 16 7.99 28.99 -39.64
CA LYS G 16 7.55 27.90 -38.78
C LYS G 16 8.14 26.59 -39.34
N PRO G 17 9.19 26.08 -38.67
CA PRO G 17 9.81 24.82 -39.08
C PRO G 17 8.98 23.60 -38.72
N LYS G 18 9.17 22.52 -39.46
CA LYS G 18 8.56 21.25 -39.17
C LYS G 18 9.31 20.60 -38.01
N VAL G 19 8.60 20.28 -36.94
CA VAL G 19 9.21 19.61 -35.78
C VAL G 19 8.79 18.12 -35.74
N PHE G 20 9.77 17.22 -35.67
CA PHE G 20 9.51 15.79 -35.65
C PHE G 20 9.80 15.25 -34.27
N PRO G 21 8.76 15.08 -33.45
CA PRO G 21 8.95 14.51 -32.12
C PRO G 21 8.93 12.99 -32.11
N ASP G 22 9.77 12.39 -31.28
CA ASP G 22 9.71 10.96 -31.08
C ASP G 22 10.15 10.63 -29.68
N LYS G 23 10.38 9.36 -29.40
CA LYS G 23 10.74 8.97 -28.05
C LYS G 23 12.10 9.57 -27.63
N ARG G 24 12.93 9.98 -28.60
CA ARG G 24 14.28 10.52 -28.29
C ARG G 24 14.26 11.96 -27.82
N GLY G 25 13.22 12.68 -28.20
CA GLY G 25 13.17 14.13 -28.06
C GLY G 25 12.48 14.62 -29.30
N PHE G 26 13.15 15.51 -30.03
CA PHE G 26 12.65 16.05 -31.29
C PHE G 26 13.77 16.54 -32.18
N PHE G 27 13.43 16.75 -33.44
CA PHE G 27 14.39 17.16 -34.46
C PHE G 27 13.70 18.16 -35.37
N LEU G 28 14.47 19.15 -35.82
CA LEU G 28 14.02 20.10 -36.84
C LEU G 28 15.19 20.66 -37.66
N GLU G 29 14.94 20.82 -38.94
CA GLU G 29 15.75 21.69 -39.78
C GLU G 29 15.37 23.13 -39.41
N VAL G 30 16.36 23.97 -39.19
CA VAL G 30 16.17 25.34 -38.71
C VAL G 30 16.36 26.37 -39.83
N PHE G 31 17.52 26.32 -40.50
CA PHE G 31 17.80 27.22 -41.63
C PHE G 31 18.29 26.39 -42.79
N LYS G 32 17.84 26.72 -44.00
CA LYS G 32 18.22 25.99 -45.20
C LYS G 32 18.32 26.95 -46.38
N SER G 33 19.54 27.06 -46.91
CA SER G 33 19.85 28.07 -47.93
C SER G 33 18.93 27.98 -49.16
N GLU G 34 18.83 26.78 -49.73
CA GLU G 34 17.96 26.48 -50.87
C GLU G 34 16.51 26.89 -50.61
N ASP G 35 15.97 26.51 -49.46
CA ASP G 35 14.60 26.85 -49.08
C ASP G 35 14.36 28.34 -48.81
N PHE G 36 15.28 28.97 -48.10
CA PHE G 36 15.14 30.38 -47.72
C PHE G 36 15.44 31.30 -48.90
N THR G 37 16.35 30.86 -49.77
CA THR G 37 16.74 31.63 -50.98
C THR G 37 15.54 31.95 -51.86
N LYS G 38 14.59 31.01 -51.92
CA LYS G 38 13.41 31.17 -52.75
C LYS G 38 12.47 32.25 -52.20
N MET G 39 12.46 32.43 -50.88
CA MET G 39 11.71 33.51 -50.24
C MET G 39 12.57 34.76 -50.05
N ARG G 40 13.71 34.78 -50.75
CA ARG G 40 14.61 35.94 -50.87
C ARG G 40 15.35 36.26 -49.57
N ILE G 41 15.71 35.20 -48.85
CA ILE G 41 16.54 35.28 -47.66
C ILE G 41 17.90 34.65 -47.99
N PRO G 42 18.94 35.49 -48.17
CA PRO G 42 20.24 34.99 -48.62
C PRO G 42 20.95 34.15 -47.55
N ASN G 43 22.19 33.79 -47.83
CA ASN G 43 22.96 32.91 -46.97
C ASN G 43 23.51 33.63 -45.75
N VAL G 44 23.78 32.84 -44.71
CA VAL G 44 24.27 33.34 -43.44
C VAL G 44 25.76 33.59 -43.57
N ILE G 45 26.23 34.70 -43.00
CA ILE G 45 27.66 35.00 -42.96
C ILE G 45 28.19 35.10 -41.53
N GLN G 46 27.26 35.21 -40.57
CA GLN G 46 27.61 35.15 -39.16
C GLN G 46 26.45 34.56 -38.35
N THR G 47 26.79 33.83 -37.29
CA THR G 47 25.78 33.35 -36.33
C THR G 47 26.23 33.62 -34.88
N ASN G 48 25.41 34.38 -34.14
CA ASN G 48 25.70 34.69 -32.74
C ASN G 48 24.75 33.95 -31.82
N MET G 49 25.07 33.97 -30.52
CA MET G 49 24.20 33.41 -29.52
C MET G 49 24.26 34.19 -28.22
N SER G 50 23.10 34.46 -27.65
CA SER G 50 23.02 35.12 -26.37
C SER G 50 22.21 34.28 -25.38
N PHE G 51 22.55 34.43 -24.09
CA PHE G 51 21.71 33.98 -23.00
C PHE G 51 21.28 35.23 -22.27
N SER G 52 20.00 35.33 -21.97
CA SER G 52 19.45 36.50 -21.33
C SER G 52 18.56 36.06 -20.18
N ARG G 53 18.84 36.62 -19.01
CA ARG G 53 18.03 36.36 -17.83
C ARG G 53 16.69 37.04 -18.04
N LYS G 54 15.64 36.46 -17.48
CA LYS G 54 14.30 37.05 -17.55
C LYS G 54 14.29 38.57 -17.28
N GLY G 55 13.60 39.31 -18.14
CA GLY G 55 13.45 40.75 -17.98
C GLY G 55 14.51 41.54 -18.74
N VAL G 56 15.55 40.85 -19.22
CA VAL G 56 16.63 41.50 -19.99
C VAL G 56 16.03 42.04 -21.27
N VAL G 57 16.35 43.30 -21.57
CA VAL G 57 16.05 43.91 -22.86
C VAL G 57 17.38 44.13 -23.57
N ARG G 58 17.41 43.74 -24.86
CA ARG G 58 18.54 44.00 -25.76
C ARG G 58 17.95 44.61 -27.02
N GLY G 59 18.56 45.70 -27.49
CA GLY G 59 18.09 46.43 -28.68
C GLY G 59 17.98 47.93 -28.46
N LEU G 60 17.41 48.66 -29.42
CA LEU G 60 17.00 48.09 -30.70
C LEU G 60 18.10 48.40 -31.72
N HIS G 61 18.73 47.34 -32.23
CA HIS G 61 19.98 47.45 -33.00
C HIS G 61 19.81 47.34 -34.52
N TYR G 62 20.73 47.97 -35.23
CA TYR G 62 20.81 47.94 -36.70
C TYR G 62 22.14 48.54 -37.16
N GLN G 63 22.69 47.99 -38.25
CA GLN G 63 23.90 48.53 -38.86
C GLN G 63 23.56 49.29 -40.13
N ARG G 64 24.29 50.37 -40.39
CA ARG G 64 23.98 51.23 -41.53
C ARG G 64 24.45 50.69 -42.87
N THR G 65 23.65 50.97 -43.91
CA THR G 65 24.00 50.76 -45.32
C THR G 65 25.31 51.46 -45.67
N PRO G 66 26.27 50.73 -46.29
CA PRO G 66 26.16 49.38 -46.82
C PRO G 66 26.76 48.26 -45.94
N LYS G 67 26.62 48.39 -44.61
CA LYS G 67 26.95 47.28 -43.71
C LYS G 67 25.70 46.72 -43.03
N GLU G 68 24.55 47.07 -43.61
CA GLU G 68 23.23 46.61 -43.19
C GLU G 68 23.15 45.07 -43.08
N GLN G 69 22.24 44.61 -42.23
CA GLN G 69 22.13 43.19 -41.94
C GLN G 69 20.68 42.74 -41.94
N GLY G 70 20.45 41.55 -42.46
CA GLY G 70 19.19 40.87 -42.25
C GLY G 70 19.43 39.93 -41.09
N LYS G 71 18.37 39.55 -40.38
CA LYS G 71 18.51 38.63 -39.25
C LYS G 71 17.38 37.63 -39.22
N ILE G 72 17.73 36.36 -39.01
CA ILE G 72 16.76 35.35 -38.62
C ILE G 72 16.95 35.06 -37.14
N ILE G 73 15.90 35.25 -36.35
CA ILE G 73 15.98 35.16 -34.90
C ILE G 73 15.31 33.86 -34.42
N PHE G 74 16.08 33.02 -33.74
CA PHE G 74 15.62 31.69 -33.32
C PHE G 74 15.79 31.55 -31.80
N VAL G 75 14.81 30.95 -31.13
CA VAL G 75 14.82 30.77 -29.65
C VAL G 75 14.72 29.27 -29.28
N PRO G 76 15.86 28.56 -29.26
CA PRO G 76 15.86 27.15 -28.90
C PRO G 76 15.61 26.85 -27.41
N LYS G 77 15.69 27.87 -26.56
CA LYS G 77 15.41 27.72 -25.14
C LYS G 77 14.85 29.03 -24.59
N GLY G 78 13.79 28.95 -23.78
CA GLY G 78 13.13 30.13 -23.22
C GLY G 78 12.03 30.71 -24.09
N ARG G 79 11.74 31.98 -23.87
CA ARG G 79 10.61 32.69 -24.46
C ARG G 79 10.98 34.15 -24.54
N ILE G 80 10.81 34.78 -25.71
CA ILE G 80 11.06 36.22 -25.87
C ILE G 80 9.92 36.98 -26.56
N LEU G 81 9.82 38.28 -26.29
CA LEU G 81 9.01 39.14 -27.12
C LEU G 81 9.98 39.88 -28.05
N ASP G 82 10.03 39.42 -29.30
CA ASP G 82 10.93 39.98 -30.31
C ASP G 82 10.25 41.14 -31.03
N VAL G 83 11.03 42.18 -31.35
CA VAL G 83 10.47 43.36 -32.03
C VAL G 83 11.32 43.75 -33.21
N ALA G 84 10.65 44.15 -34.29
CA ALA G 84 11.29 44.72 -35.48
C ALA G 84 10.66 46.08 -35.81
N VAL G 85 11.46 47.14 -35.71
CA VAL G 85 11.02 48.50 -36.03
C VAL G 85 11.54 48.99 -37.39
N ASP G 86 10.64 49.40 -38.28
CA ASP G 86 11.03 50.02 -39.56
C ASP G 86 11.77 51.34 -39.32
N VAL G 87 13.09 51.35 -39.56
CA VAL G 87 13.90 52.56 -39.37
C VAL G 87 14.49 53.11 -40.69
N ARG G 88 13.70 53.05 -41.76
CA ARG G 88 14.08 53.59 -43.06
C ARG G 88 13.30 54.89 -43.27
N LYS G 89 14.01 56.02 -43.35
CA LYS G 89 13.36 57.33 -43.52
C LYS G 89 12.37 57.31 -44.68
N SER G 90 12.86 56.84 -45.84
CA SER G 90 12.06 56.67 -47.06
C SER G 90 10.70 56.01 -46.85
N SER G 91 10.69 54.87 -46.15
CA SER G 91 9.51 54.03 -45.97
C SER G 91 8.28 54.78 -45.40
N PRO G 92 7.09 54.55 -46.00
CA PRO G 92 5.81 55.04 -45.46
C PRO G 92 5.45 54.47 -44.08
N THR G 93 6.08 53.34 -43.72
CA THR G 93 5.83 52.64 -42.47
C THR G 93 6.93 52.89 -41.44
N PHE G 94 7.82 53.84 -41.73
CA PHE G 94 8.85 54.27 -40.79
C PHE G 94 8.23 54.42 -39.40
N GLY G 95 8.87 53.82 -38.39
CA GLY G 95 8.39 53.90 -37.01
C GLY G 95 7.31 52.89 -36.63
N LYS G 96 6.81 52.13 -37.60
CA LYS G 96 5.92 51.02 -37.32
C LYS G 96 6.76 49.78 -36.96
N TYR G 97 6.15 48.84 -36.25
CA TYR G 97 6.84 47.65 -35.77
C TYR G 97 5.95 46.42 -35.74
N VAL G 98 6.62 45.27 -35.62
CA VAL G 98 5.99 43.95 -35.48
C VAL G 98 6.54 43.31 -34.21
N LYS G 99 5.65 42.87 -33.32
CA LYS G 99 6.04 42.07 -32.16
C LYS G 99 5.69 40.61 -32.43
N ALA G 100 6.62 39.71 -32.09
CA ALA G 100 6.38 38.28 -32.26
C ALA G 100 6.89 37.51 -31.05
N GLU G 101 6.06 36.61 -30.54
CA GLU G 101 6.50 35.73 -29.49
C GLU G 101 7.23 34.55 -30.11
N LEU G 102 8.54 34.50 -29.85
CA LEU G 102 9.40 33.43 -30.33
C LEU G 102 9.86 32.63 -29.11
N ASN G 103 9.64 31.32 -29.09
CA ASN G 103 9.94 30.55 -27.88
C ASN G 103 10.29 29.12 -28.22
N GLU G 104 10.71 28.35 -27.21
CA GLU G 104 11.11 26.96 -27.42
C GLU G 104 9.92 26.03 -27.68
N GLU G 105 8.73 26.45 -27.26
CA GLU G 105 7.46 25.74 -27.53
C GLU G 105 7.05 25.76 -29.01
N ASN G 106 7.23 26.90 -29.69
CA ASN G 106 6.86 26.97 -31.10
C ASN G 106 8.02 26.78 -32.09
N HIS G 107 9.25 27.05 -31.62
CA HIS G 107 10.43 27.07 -32.48
C HIS G 107 10.29 28.02 -33.68
N TYR G 108 9.42 29.02 -33.56
CA TYR G 108 9.20 30.01 -34.63
C TYR G 108 10.41 30.92 -34.78
N MET G 109 10.61 31.41 -36.00
CA MET G 109 11.69 32.35 -36.29
C MET G 109 11.11 33.62 -36.92
N LEU G 110 11.79 34.74 -36.71
CA LEU G 110 11.51 35.96 -37.45
C LEU G 110 12.62 36.27 -38.45
N TRP G 111 12.24 36.45 -39.71
CA TRP G 111 13.13 37.07 -40.69
C TRP G 111 12.98 38.58 -40.58
N ILE G 112 14.07 39.26 -40.27
CA ILE G 112 14.08 40.73 -40.15
C ILE G 112 15.01 41.37 -41.21
N PRO G 113 14.44 41.86 -42.33
CA PRO G 113 15.19 42.47 -43.42
C PRO G 113 16.11 43.62 -43.01
N PRO G 114 17.15 43.89 -43.83
CA PRO G 114 17.90 45.15 -43.72
C PRO G 114 16.95 46.35 -43.62
N GLY G 115 17.24 47.25 -42.70
CA GLY G 115 16.46 48.49 -42.54
C GLY G 115 15.49 48.56 -41.38
N PHE G 116 15.51 47.51 -40.55
CA PHE G 116 14.75 47.44 -39.31
C PHE G 116 15.66 47.45 -38.08
N ALA G 117 15.13 47.96 -36.98
CA ALA G 117 15.81 47.89 -35.69
C ALA G 117 15.26 46.71 -34.87
N HIS G 118 16.16 45.83 -34.43
CA HIS G 118 15.75 44.59 -33.75
C HIS G 118 16.07 44.64 -32.25
N GLY G 119 15.09 44.22 -31.46
CA GLY G 119 15.32 43.97 -30.06
C GLY G 119 14.30 43.03 -29.49
N PHE G 120 14.51 42.65 -28.23
CA PHE G 120 13.61 41.75 -27.52
C PHE G 120 13.69 41.91 -26.02
N GLN G 121 12.66 41.47 -25.34
CA GLN G 121 12.75 41.22 -23.92
C GLN G 121 12.64 39.71 -23.68
N ALA G 122 13.55 39.18 -22.87
CA ALA G 122 13.47 37.80 -22.40
C ALA G 122 12.33 37.66 -21.40
N LEU G 123 11.33 36.86 -21.78
CA LEU G 123 10.15 36.69 -20.92
C LEU G 123 10.42 35.62 -19.87
N GLU G 124 11.38 34.75 -20.18
CA GLU G 124 11.98 33.79 -19.26
C GLU G 124 13.45 33.78 -19.62
N ASP G 125 14.29 33.16 -18.79
CA ASP G 125 15.70 32.92 -19.17
C ASP G 125 15.71 32.28 -20.57
N SER G 126 16.42 32.93 -21.50
CA SER G 126 16.36 32.53 -22.90
C SER G 126 17.73 32.45 -23.58
N ILE G 127 17.87 31.45 -24.44
CA ILE G 127 18.96 31.40 -25.39
C ILE G 127 18.39 31.85 -26.73
N VAL G 128 19.07 32.79 -27.37
CA VAL G 128 18.65 33.34 -28.64
C VAL G 128 19.80 33.15 -29.60
N ILE G 129 19.48 32.59 -30.76
CA ILE G 129 20.44 32.44 -31.84
C ILE G 129 20.10 33.45 -32.92
N TYR G 130 21.10 34.14 -33.44
CA TYR G 130 20.88 35.15 -34.48
C TYR G 130 21.65 34.73 -35.71
N PHE G 131 20.93 34.43 -36.78
CA PHE G 131 21.55 34.11 -38.06
C PHE G 131 21.63 35.42 -38.82
N ILE G 132 22.85 35.88 -39.10
CA ILE G 132 23.09 37.18 -39.71
C ILE G 132 23.44 37.06 -41.21
N THR G 133 22.79 37.89 -42.02
CA THR G 133 22.92 37.87 -43.47
C THR G 133 23.40 39.23 -43.98
N HIS G 134 23.68 39.30 -45.30
CA HIS G 134 24.08 40.53 -46.01
C HIS G 134 25.50 40.99 -45.67
N ASN G 135 25.68 41.57 -44.49
CA ASN G 135 26.98 42.11 -44.08
C ASN G 135 27.44 41.63 -42.71
N GLU G 136 28.75 41.48 -42.54
CA GLU G 136 29.31 40.88 -41.31
C GLU G 136 29.45 41.90 -40.18
N TYR G 137 29.92 41.43 -39.02
CA TYR G 137 30.09 42.27 -37.83
C TYR G 137 31.12 43.38 -38.08
N SER G 138 30.66 44.62 -37.95
CA SER G 138 31.52 45.79 -38.12
C SER G 138 31.00 46.92 -37.23
N PRO G 139 31.57 47.05 -36.01
CA PRO G 139 31.14 48.04 -35.02
C PRO G 139 30.93 49.50 -35.50
N PRO G 140 31.93 50.12 -36.18
CA PRO G 140 31.75 51.49 -36.70
C PRO G 140 30.38 51.77 -37.35
N HIS G 141 29.69 50.70 -37.75
CA HIS G 141 28.41 50.83 -38.44
C HIS G 141 27.19 50.65 -37.54
N GLU G 142 27.41 50.11 -36.34
CA GLU G 142 26.36 49.89 -35.33
C GLU G 142 25.62 51.17 -34.93
N ARG G 143 24.28 51.12 -35.01
CA ARG G 143 23.40 52.17 -34.51
C ARG G 143 22.33 51.54 -33.61
N CYS G 144 21.60 52.37 -32.87
CA CYS G 144 20.47 51.86 -32.09
C CYS G 144 19.43 52.94 -31.79
N ILE G 145 18.21 52.49 -31.51
CA ILE G 145 17.19 53.38 -30.99
C ILE G 145 16.75 52.86 -29.61
N SER G 146 16.16 53.75 -28.83
CA SER G 146 15.82 53.46 -27.43
C SER G 146 14.81 52.32 -27.30
N TYR G 147 15.16 51.34 -26.47
CA TYR G 147 14.26 50.28 -26.00
C TYR G 147 12.90 50.87 -25.59
N SER G 148 12.92 52.11 -25.09
CA SER G 148 11.73 52.78 -24.53
C SER G 148 10.69 53.20 -25.56
N TYR G 149 11.03 53.05 -26.85
CA TYR G 149 10.06 53.19 -27.93
C TYR G 149 8.93 52.16 -27.79
N ILE G 150 9.22 51.09 -27.05
CA ILE G 150 8.35 49.93 -26.95
C ILE G 150 7.85 49.80 -25.52
N ASP G 151 6.63 49.30 -25.37
CA ASP G 151 6.06 48.97 -24.05
C ASP G 151 6.34 47.51 -23.76
N TRP G 152 7.24 47.27 -22.81
CA TRP G 152 7.70 45.93 -22.54
C TRP G 152 6.89 45.34 -21.39
N PRO G 153 6.55 44.03 -21.49
CA PRO G 153 5.67 43.42 -20.49
C PRO G 153 6.27 43.29 -19.10
N ILE G 154 7.59 43.13 -19.00
CA ILE G 154 8.24 42.91 -17.70
C ILE G 154 8.90 44.18 -17.17
N LYS G 155 8.57 44.54 -15.93
CA LYS G 155 9.01 45.80 -15.34
C LYS G 155 10.46 45.77 -14.82
N GLU G 156 10.92 44.62 -14.37
CA GLU G 156 12.29 44.51 -13.87
C GLU G 156 13.26 44.40 -15.06
N VAL G 157 13.35 45.49 -15.83
CA VAL G 157 14.19 45.51 -17.03
C VAL G 157 15.67 45.47 -16.66
N ILE G 158 16.39 44.53 -17.27
CA ILE G 158 17.83 44.47 -17.15
C ILE G 158 18.41 44.89 -18.48
N ILE G 159 19.26 45.92 -18.48
CA ILE G 159 19.69 46.55 -19.73
C ILE G 159 21.09 47.15 -19.62
N SER G 160 21.90 47.01 -20.68
CA SER G 160 23.29 47.49 -20.64
C SER G 160 23.40 49.02 -20.78
N ASP G 161 24.55 49.58 -20.41
CA ASP G 161 24.82 51.00 -20.53
C ASP G 161 24.70 51.47 -21.98
N LYS G 162 25.22 50.68 -22.92
CA LYS G 162 25.18 51.03 -24.33
C LYS G 162 23.75 51.14 -24.83
N ASP G 163 22.90 50.22 -24.37
CA ASP G 163 21.48 50.26 -24.76
C ASP G 163 20.76 51.40 -24.06
N LEU G 164 21.22 51.71 -22.84
CA LEU G 164 20.71 52.83 -22.07
C LEU G 164 20.94 54.18 -22.76
N GLN G 165 21.99 54.28 -23.57
CA GLN G 165 22.40 55.55 -24.20
C GLN G 165 21.91 55.70 -25.64
N CYS G 166 21.18 54.69 -26.12
CA CYS G 166 20.55 54.73 -27.44
C CYS G 166 19.54 55.87 -27.49
N PRO G 167 19.62 56.72 -28.53
CA PRO G 167 18.78 57.91 -28.68
C PRO G 167 17.32 57.55 -29.02
N SER G 168 16.40 58.50 -28.83
CA SER G 168 15.02 58.28 -29.25
C SER G 168 14.95 58.12 -30.78
N LEU G 169 13.86 57.53 -31.28
CA LEU G 169 13.68 57.33 -32.72
C LEU G 169 13.82 58.66 -33.49
N GLU G 170 13.23 59.71 -32.94
CA GLU G 170 13.28 61.05 -33.54
C GLU G 170 14.69 61.66 -33.64
N LYS G 171 15.61 61.18 -32.80
CA LYS G 171 16.96 61.73 -32.71
C LYS G 171 18.06 60.82 -33.28
N ALA G 172 17.67 59.78 -34.00
CA ALA G 172 18.63 58.74 -34.43
C ALA G 172 19.14 58.88 -35.87
N GLU G 173 20.34 58.36 -36.13
CA GLU G 173 20.85 58.22 -37.49
C GLU G 173 20.39 56.88 -38.06
N VAL G 174 19.32 56.93 -38.83
CA VAL G 174 18.62 55.74 -39.31
C VAL G 174 18.98 55.40 -40.78
N PHE G 175 18.15 54.57 -41.42
CA PHE G 175 18.31 54.20 -42.83
C PHE G 175 17.72 55.26 -43.75
N ASP G 176 18.07 55.19 -45.04
CA ASP G 176 17.53 56.08 -46.06
C ASP G 176 16.05 55.83 -46.41
N MET H 1 39.75 35.99 -30.06
CA MET H 1 40.13 36.46 -31.43
C MET H 1 38.97 36.45 -32.45
N PRO H 2 37.76 36.03 -32.04
CA PRO H 2 37.31 35.45 -30.77
C PRO H 2 37.13 33.91 -30.79
N PHE H 3 38.10 33.20 -31.36
CA PHE H 3 38.13 31.73 -31.31
C PHE H 3 39.55 31.21 -31.13
N GLU H 4 39.72 30.17 -30.31
CA GLU H 4 40.88 29.29 -30.44
C GLU H 4 40.44 28.08 -31.26
N PHE H 5 41.40 27.42 -31.87
CA PHE H 5 41.16 26.21 -32.64
C PHE H 5 42.17 25.19 -32.16
N GLU H 6 41.71 23.99 -31.82
CA GLU H 6 42.63 22.91 -31.49
C GLU H 6 42.46 21.79 -32.49
N ASN H 7 43.55 21.47 -33.20
CA ASN H 7 43.59 20.32 -34.09
C ASN H 7 43.61 19.03 -33.31
N LEU H 8 42.59 18.20 -33.54
CA LEU H 8 42.45 16.94 -32.81
C LEU H 8 42.94 15.71 -33.58
N GLY H 9 43.38 15.92 -34.82
CA GLY H 9 43.86 14.83 -35.67
C GLY H 9 42.86 14.48 -36.76
N MET H 10 43.38 14.02 -37.89
CA MET H 10 42.62 13.60 -39.06
C MET H 10 41.83 14.72 -39.75
N GLY H 11 42.10 15.97 -39.38
CA GLY H 11 41.32 17.11 -39.86
C GLY H 11 40.17 17.57 -38.95
N ILE H 12 39.96 16.84 -37.84
CA ILE H 12 39.00 17.24 -36.79
C ILE H 12 39.56 18.45 -36.00
N ILE H 13 38.79 19.51 -35.90
CA ILE H 13 39.18 20.72 -35.15
C ILE H 13 38.19 21.02 -34.01
N LEU H 14 38.72 21.11 -32.79
CA LEU H 14 37.96 21.60 -31.67
C LEU H 14 37.96 23.13 -31.65
N ILE H 15 36.77 23.73 -31.71
CA ILE H 15 36.65 25.19 -31.78
C ILE H 15 36.13 25.75 -30.45
N LYS H 16 36.76 26.83 -29.99
CA LYS H 16 36.54 27.34 -28.64
C LYS H 16 36.21 28.81 -28.73
N PRO H 17 34.90 29.15 -28.75
CA PRO H 17 34.43 30.53 -28.85
C PRO H 17 34.69 31.32 -27.57
N LYS H 18 34.95 32.61 -27.71
CA LYS H 18 35.12 33.47 -26.54
C LYS H 18 33.77 33.97 -26.08
N VAL H 19 33.44 33.67 -24.82
CA VAL H 19 32.16 33.99 -24.25
C VAL H 19 32.30 35.27 -23.42
N PHE H 20 31.32 36.15 -23.52
CA PHE H 20 31.36 37.44 -22.82
C PHE H 20 30.24 37.51 -21.76
N PRO H 21 30.57 37.22 -20.48
CA PRO H 21 29.54 37.25 -19.44
C PRO H 21 29.29 38.69 -18.97
N ASP H 22 28.06 38.98 -18.60
CA ASP H 22 27.71 40.21 -17.88
C ASP H 22 26.44 40.01 -17.08
N LYS H 23 25.85 41.12 -16.63
CA LYS H 23 24.68 41.05 -15.76
C LYS H 23 23.42 40.54 -16.48
N ARG H 24 23.41 40.60 -17.81
CA ARG H 24 22.28 40.12 -18.61
C ARG H 24 22.33 38.60 -18.84
N GLY H 25 23.52 38.03 -18.72
CA GLY H 25 23.77 36.63 -19.04
C GLY H 25 25.09 36.50 -19.78
N PHE H 26 25.03 36.14 -21.06
CA PHE H 26 26.25 36.13 -21.89
C PHE H 26 25.97 36.28 -23.37
N PHE H 27 27.05 36.53 -24.11
CA PHE H 27 27.03 36.68 -25.54
C PHE H 27 28.27 35.98 -26.11
N LEU H 28 28.10 35.33 -27.24
CA LEU H 28 29.23 34.79 -28.00
C LEU H 28 28.91 34.76 -29.49
N GLU H 29 29.97 34.89 -30.29
CA GLU H 29 29.97 34.61 -31.71
C GLU H 29 30.20 33.10 -31.89
N VAL H 30 29.29 32.44 -32.60
CA VAL H 30 29.36 30.98 -32.78
C VAL H 30 29.93 30.58 -34.16
N PHE H 31 29.55 31.32 -35.20
CA PHE H 31 30.14 31.15 -36.53
C PHE H 31 30.48 32.51 -37.09
N LYS H 32 31.70 32.66 -37.58
CA LYS H 32 32.14 33.87 -38.31
C LYS H 32 32.88 33.43 -39.57
N SER H 33 32.31 33.75 -40.72
CA SER H 33 32.88 33.35 -42.00
C SER H 33 34.37 33.70 -42.11
N GLU H 34 34.72 34.95 -41.80
CA GLU H 34 36.09 35.42 -41.85
C GLU H 34 37.07 34.57 -41.02
N ASP H 35 36.69 34.28 -39.78
CA ASP H 35 37.57 33.56 -38.86
C ASP H 35 37.68 32.07 -39.22
N PHE H 36 36.57 31.52 -39.68
CA PHE H 36 36.49 30.09 -40.02
C PHE H 36 37.19 29.76 -41.33
N THR H 37 37.07 30.67 -42.30
CA THR H 37 37.69 30.52 -43.62
C THR H 37 39.22 30.52 -43.52
N LYS H 38 39.74 31.29 -42.56
CA LYS H 38 41.18 31.28 -42.24
C LYS H 38 41.64 29.87 -41.90
N MET H 39 40.84 29.18 -41.09
CA MET H 39 41.11 27.80 -40.71
C MET H 39 40.60 26.80 -41.77
N ARG H 40 40.30 27.34 -42.95
CA ARG H 40 39.78 26.58 -44.12
C ARG H 40 38.55 25.75 -43.80
N ILE H 41 37.69 26.31 -42.95
CA ILE H 41 36.38 25.73 -42.71
C ILE H 41 35.44 26.59 -43.50
N PRO H 42 34.79 26.00 -44.52
CA PRO H 42 33.90 26.71 -45.41
C PRO H 42 32.60 27.13 -44.72
N ASN H 43 31.75 27.82 -45.49
CA ASN H 43 30.56 28.46 -44.99
C ASN H 43 29.37 27.53 -44.74
N VAL H 44 28.57 27.92 -43.78
CA VAL H 44 27.41 27.16 -43.31
C VAL H 44 26.25 27.40 -44.26
N ILE H 45 25.70 26.32 -44.80
CA ILE H 45 24.58 26.47 -45.73
C ILE H 45 23.24 25.89 -45.24
N GLN H 46 23.29 25.15 -44.13
CA GLN H 46 22.08 24.64 -43.47
C GLN H 46 22.36 24.54 -41.99
N THR H 47 21.32 24.74 -41.17
CA THR H 47 21.37 24.50 -39.71
C THR H 47 20.21 23.64 -39.26
N ASN H 48 20.52 22.61 -38.47
CA ASN H 48 19.49 21.80 -37.83
C ASN H 48 19.63 21.87 -36.32
N MET H 49 18.65 21.31 -35.62
CA MET H 49 18.68 21.25 -34.17
C MET H 49 17.99 19.96 -33.70
N SER H 50 18.52 19.36 -32.65
CA SER H 50 17.80 18.28 -31.99
C SER H 50 17.79 18.51 -30.51
N PHE H 51 16.73 18.03 -29.88
CA PHE H 51 16.71 17.82 -28.44
C PHE H 51 16.72 16.32 -28.18
N SER H 52 17.55 15.86 -27.23
CA SER H 52 17.65 14.44 -26.89
C SER H 52 17.65 14.22 -25.39
N ARG H 53 16.82 13.29 -24.92
CA ARG H 53 16.83 12.86 -23.53
C ARG H 53 18.18 12.23 -23.23
N LYS H 54 18.55 12.24 -21.96
CA LYS H 54 19.76 11.57 -21.49
C LYS H 54 19.82 10.12 -21.97
N GLY H 55 20.99 9.70 -22.47
CA GLY H 55 21.20 8.28 -22.90
C GLY H 55 20.97 8.08 -24.39
N VAL H 56 20.30 9.04 -25.03
CA VAL H 56 19.99 8.92 -26.46
C VAL H 56 21.29 8.86 -27.27
N VAL H 57 21.38 7.91 -28.22
CA VAL H 57 22.44 7.93 -29.21
C VAL H 57 21.85 8.21 -30.58
N ARG H 58 22.45 9.14 -31.30
CA ARG H 58 22.12 9.40 -32.71
C ARG H 58 23.36 9.23 -33.58
N GLY H 59 23.23 8.51 -34.69
CA GLY H 59 24.37 8.30 -35.58
C GLY H 59 24.48 6.84 -36.00
N LEU H 60 25.58 6.46 -36.65
CA LEU H 60 26.66 7.38 -37.04
C LEU H 60 26.44 7.78 -38.48
N HIS H 61 26.17 9.07 -38.72
CA HIS H 61 25.68 9.58 -39.99
C HIS H 61 26.69 10.30 -40.88
N TYR H 62 26.52 10.11 -42.19
CA TYR H 62 27.23 10.87 -43.23
C TYR H 62 26.47 10.82 -44.55
N GLN H 63 26.78 11.77 -45.44
CA GLN H 63 26.29 11.72 -46.82
C GLN H 63 27.42 11.44 -47.80
N ARG H 64 27.19 10.52 -48.72
CA ARG H 64 28.22 10.09 -49.67
C ARG H 64 28.36 11.13 -50.78
N THR H 65 29.48 11.08 -51.50
CA THR H 65 29.67 11.88 -52.71
C THR H 65 28.52 11.66 -53.71
N PRO H 66 28.04 12.72 -54.40
CA PRO H 66 28.52 14.10 -54.46
C PRO H 66 27.82 15.05 -53.48
N LYS H 67 27.13 14.53 -52.46
CA LYS H 67 26.43 15.43 -51.56
C LYS H 67 27.06 15.37 -50.17
N GLU H 68 28.39 15.29 -50.15
CA GLU H 68 29.15 15.21 -48.91
C GLU H 68 28.98 16.47 -48.05
N GLN H 69 29.04 16.29 -46.74
CA GLN H 69 28.74 17.35 -45.78
C GLN H 69 29.84 17.50 -44.77
N GLY H 70 30.29 18.73 -44.55
CA GLY H 70 31.08 19.07 -43.38
C GLY H 70 30.12 19.48 -42.28
N LYS H 71 30.52 19.36 -41.01
CA LYS H 71 29.60 19.66 -39.89
C LYS H 71 30.31 20.37 -38.74
N ILE H 72 29.69 21.43 -38.22
CA ILE H 72 30.09 22.02 -36.94
C ILE H 72 29.01 21.74 -35.88
N ILE H 73 29.40 21.01 -34.84
CA ILE H 73 28.47 20.54 -33.82
C ILE H 73 28.69 21.34 -32.52
N PHE H 74 27.59 21.83 -31.97
CA PHE H 74 27.61 22.83 -30.91
C PHE H 74 26.47 22.45 -29.94
N VAL H 75 26.68 22.66 -28.64
CA VAL H 75 25.70 22.28 -27.58
C VAL H 75 25.33 23.45 -26.64
N PRO H 76 24.28 24.22 -26.99
CA PRO H 76 23.82 25.36 -26.15
C PRO H 76 23.09 24.98 -24.85
N LYS H 77 22.76 23.70 -24.68
CA LYS H 77 22.06 23.25 -23.48
C LYS H 77 22.43 21.82 -23.28
N GLY H 78 22.98 21.49 -22.11
CA GLY H 78 23.30 20.10 -21.78
C GLY H 78 24.73 19.69 -22.06
N ARG H 79 24.91 18.43 -22.49
CA ARG H 79 26.22 17.77 -22.48
C ARG H 79 26.21 16.46 -23.29
N ILE H 80 27.10 16.37 -24.28
CA ILE H 80 27.15 15.19 -25.14
C ILE H 80 28.59 14.65 -25.26
N LEU H 81 28.73 13.38 -25.64
CA LEU H 81 30.00 12.85 -26.10
C LEU H 81 29.87 12.78 -27.58
N ASP H 82 30.51 13.71 -28.27
CA ASP H 82 30.45 13.77 -29.73
C ASP H 82 31.57 12.93 -30.39
N VAL H 83 31.24 12.27 -31.49
CA VAL H 83 32.14 11.30 -32.11
C VAL H 83 32.20 11.49 -33.62
N ALA H 84 33.43 11.44 -34.14
CA ALA H 84 33.68 11.50 -35.58
C ALA H 84 34.55 10.28 -35.98
N VAL H 85 34.06 9.40 -36.82
CA VAL H 85 34.91 8.29 -37.31
C VAL H 85 35.27 8.40 -38.80
N ASP H 86 36.57 8.28 -39.08
CA ASP H 86 37.10 8.34 -40.44
C ASP H 86 36.47 7.22 -41.24
N VAL H 87 35.72 7.58 -42.25
CA VAL H 87 35.01 6.60 -43.07
C VAL H 87 35.50 6.58 -44.55
N ARG H 88 36.70 7.10 -44.78
CA ARG H 88 37.34 7.09 -46.13
C ARG H 88 38.24 5.85 -46.27
N LYS H 89 37.87 4.93 -47.16
CA LYS H 89 38.53 3.61 -47.23
C LYS H 89 40.06 3.68 -47.40
N SER H 90 40.51 4.62 -48.23
CA SER H 90 41.93 4.79 -48.55
C SER H 90 42.72 5.57 -47.51
N SER H 91 42.03 6.28 -46.62
CA SER H 91 42.70 7.01 -45.54
C SER H 91 43.51 6.05 -44.66
N PRO H 92 44.72 6.47 -44.25
CA PRO H 92 45.52 5.68 -43.30
C PRO H 92 44.87 5.53 -41.93
N THR H 93 43.90 6.39 -41.61
CA THR H 93 43.24 6.37 -40.31
C THR H 93 41.77 5.92 -40.43
N PHE H 94 41.47 5.19 -41.50
CA PHE H 94 40.14 4.62 -41.68
C PHE H 94 39.75 3.78 -40.45
N GLY H 95 38.58 4.07 -39.88
CA GLY H 95 38.08 3.33 -38.74
C GLY H 95 38.46 3.93 -37.40
N LYS H 96 39.42 4.87 -37.40
CA LYS H 96 39.78 5.58 -36.18
C LYS H 96 38.79 6.71 -35.95
N TYR H 97 38.78 7.23 -34.74
CA TYR H 97 37.79 8.20 -34.34
C TYR H 97 38.33 9.20 -33.34
N VAL H 98 37.66 10.35 -33.26
CA VAL H 98 37.87 11.35 -32.21
C VAL H 98 36.58 11.40 -31.40
N LYS H 99 36.72 11.34 -30.06
CA LYS H 99 35.61 11.69 -29.14
C LYS H 99 35.91 13.04 -28.45
N ALA H 100 34.90 13.91 -28.36
CA ALA H 100 35.00 15.18 -27.63
C ALA H 100 33.72 15.50 -26.84
N GLU H 101 33.87 15.86 -25.55
CA GLU H 101 32.71 16.39 -24.81
C GLU H 101 32.39 17.83 -25.16
N LEU H 102 31.20 18.03 -25.72
CA LEU H 102 30.70 19.36 -26.02
C LEU H 102 29.53 19.63 -25.07
N ASN H 103 29.54 20.79 -24.43
CA ASN H 103 28.52 21.11 -23.45
C ASN H 103 28.27 22.61 -23.40
N GLU H 104 27.27 23.01 -22.61
CA GLU H 104 26.88 24.42 -22.53
C GLU H 104 27.85 25.24 -21.68
N GLU H 105 28.66 24.57 -20.86
CA GLU H 105 29.67 25.24 -20.05
C GLU H 105 30.91 25.56 -20.89
N ASN H 106 31.46 24.57 -21.59
CA ASN H 106 32.63 24.85 -22.41
C ASN H 106 32.32 25.65 -23.68
N HIS H 107 31.06 25.61 -24.13
CA HIS H 107 30.62 26.07 -25.47
C HIS H 107 31.51 25.64 -26.64
N TYR H 108 32.25 24.53 -26.49
CA TYR H 108 33.10 24.08 -27.60
C TYR H 108 32.26 23.55 -28.76
N MET H 109 32.88 23.55 -29.94
CA MET H 109 32.23 23.05 -31.15
C MET H 109 33.19 22.07 -31.82
N LEU H 110 32.64 21.09 -32.51
CA LEU H 110 33.49 20.15 -33.23
C LEU H 110 33.29 20.34 -34.74
N TRP H 111 34.40 20.60 -35.43
CA TRP H 111 34.43 20.62 -36.89
C TRP H 111 34.78 19.24 -37.39
N ILE H 112 33.89 18.73 -38.24
CA ILE H 112 33.99 17.39 -38.80
C ILE H 112 33.94 17.55 -40.31
N PRO H 113 35.10 17.38 -40.99
CA PRO H 113 35.13 17.55 -42.44
C PRO H 113 34.39 16.40 -43.14
N PRO H 114 34.06 16.56 -44.43
CA PRO H 114 33.55 15.44 -45.23
C PRO H 114 34.40 14.17 -45.14
N GLY H 115 33.76 13.01 -45.13
CA GLY H 115 34.48 11.74 -45.06
C GLY H 115 34.41 11.10 -43.69
N PHE H 116 33.65 11.74 -42.79
CA PHE H 116 33.48 11.25 -41.43
C PHE H 116 32.03 10.92 -41.13
N ALA H 117 31.84 9.85 -40.35
CA ALA H 117 30.54 9.51 -39.78
C ALA H 117 30.41 10.18 -38.40
N HIS H 118 29.30 10.90 -38.19
CA HIS H 118 29.04 11.65 -36.97
C HIS H 118 27.97 11.01 -36.08
N GLY H 119 28.28 10.90 -34.80
CA GLY H 119 27.30 10.48 -33.81
C GLY H 119 27.59 11.08 -32.47
N PHE H 120 26.62 10.98 -31.56
CA PHE H 120 26.82 11.43 -30.18
C PHE H 120 25.88 10.69 -29.24
N GLN H 121 26.27 10.62 -27.97
CA GLN H 121 25.35 10.27 -26.88
C GLN H 121 25.08 11.50 -26.03
N ALA H 122 23.81 11.75 -25.70
CA ALA H 122 23.46 12.78 -24.72
C ALA H 122 23.73 12.27 -23.30
N LEU H 123 24.66 12.93 -22.63
CA LEU H 123 25.11 12.58 -21.28
C LEU H 123 24.15 13.12 -20.25
N GLU H 124 23.40 14.12 -20.67
CA GLU H 124 22.24 14.61 -19.96
C GLU H 124 21.30 15.10 -21.07
N ASP H 125 20.09 15.53 -20.71
CA ASP H 125 19.18 16.09 -21.71
C ASP H 125 19.91 17.21 -22.43
N SER H 126 19.92 17.19 -23.77
CA SER H 126 20.72 18.15 -24.55
C SER H 126 20.07 18.72 -25.80
N ILE H 127 20.27 20.03 -26.01
CA ILE H 127 20.01 20.66 -27.30
C ILE H 127 21.33 20.66 -28.09
N VAL H 128 21.28 20.13 -29.32
CA VAL H 128 22.43 20.09 -30.21
C VAL H 128 22.13 20.88 -31.47
N ILE H 129 23.11 21.69 -31.89
CA ILE H 129 22.95 22.43 -33.12
C ILE H 129 23.95 21.87 -34.14
N TYR H 130 23.49 21.75 -35.38
CA TYR H 130 24.33 21.21 -36.42
C TYR H 130 24.44 22.27 -37.49
N PHE H 131 25.62 22.86 -37.63
CA PHE H 131 25.92 23.73 -38.78
C PHE H 131 26.46 22.83 -39.89
N ILE H 132 25.83 22.88 -41.04
CA ILE H 132 26.18 21.99 -42.14
C ILE H 132 26.81 22.77 -43.30
N THR H 133 27.88 22.22 -43.87
CA THR H 133 28.63 22.85 -44.98
C THR H 133 28.65 21.92 -46.20
N HIS H 134 29.12 22.45 -47.35
CA HIS H 134 29.28 21.69 -48.60
C HIS H 134 27.96 21.41 -49.29
N ASN H 135 27.11 20.58 -48.68
CA ASN H 135 25.84 20.23 -49.30
C ASN H 135 24.70 20.14 -48.29
N GLU H 136 23.48 20.36 -48.77
CA GLU H 136 22.31 20.24 -47.92
C GLU H 136 21.87 18.78 -47.83
N TYR H 137 20.90 18.56 -46.94
CA TYR H 137 20.18 17.31 -46.77
C TYR H 137 19.76 16.68 -48.09
N SER H 138 20.09 15.40 -48.25
CA SER H 138 19.83 14.68 -49.50
C SER H 138 19.57 13.22 -49.17
N PRO H 139 18.29 12.85 -48.93
CA PRO H 139 17.88 11.48 -48.59
C PRO H 139 18.55 10.35 -49.39
N PRO H 140 18.63 10.46 -50.75
CA PRO H 140 19.32 9.40 -51.52
C PRO H 140 20.78 9.16 -51.15
N HIS H 141 21.43 10.17 -50.58
CA HIS H 141 22.86 10.07 -50.31
C HIS H 141 23.18 9.76 -48.85
N GLU H 142 22.14 9.59 -48.02
CA GLU H 142 22.29 9.31 -46.59
C GLU H 142 22.79 7.92 -46.30
N ARG H 143 23.88 7.82 -45.54
CA ARG H 143 24.38 6.53 -45.09
C ARG H 143 24.63 6.59 -43.59
N CYS H 144 24.92 5.43 -43.02
CA CYS H 144 25.33 5.35 -41.63
C CYS H 144 26.10 4.08 -41.31
N ILE H 145 26.87 4.16 -40.24
CA ILE H 145 27.50 3.02 -39.62
C ILE H 145 26.77 2.82 -38.31
N SER H 146 26.69 1.56 -37.90
CA SER H 146 26.12 1.20 -36.60
C SER H 146 26.72 1.98 -35.41
N TYR H 147 25.83 2.56 -34.60
CA TYR H 147 26.17 3.17 -33.33
C TYR H 147 27.07 2.25 -32.50
N SER H 148 26.89 0.94 -32.67
CA SER H 148 27.55 -0.05 -31.80
C SER H 148 29.06 -0.18 -32.07
N TYR H 149 29.50 0.45 -33.16
CA TYR H 149 30.94 0.62 -33.45
C TYR H 149 31.69 1.32 -32.32
N ILE H 150 30.99 2.23 -31.64
CA ILE H 150 31.55 3.02 -30.56
C ILE H 150 31.09 2.48 -29.21
N ASP H 151 31.94 2.59 -28.20
CA ASP H 151 31.58 2.19 -26.84
C ASP H 151 31.11 3.46 -26.16
N TRP H 152 29.82 3.48 -25.83
CA TRP H 152 29.17 4.68 -25.29
C TRP H 152 29.17 4.65 -23.76
N PRO H 153 29.35 5.82 -23.14
CA PRO H 153 29.44 5.89 -21.67
C PRO H 153 28.16 5.54 -20.90
N ILE H 154 27.00 5.78 -21.48
CA ILE H 154 25.75 5.41 -20.79
C ILE H 154 25.19 4.11 -21.35
N LYS H 155 24.99 3.13 -20.47
CA LYS H 155 24.53 1.79 -20.84
C LYS H 155 23.08 1.83 -21.36
N GLU H 156 22.27 2.71 -20.79
CA GLU H 156 20.84 2.78 -21.09
C GLU H 156 20.60 3.60 -22.35
N VAL H 157 20.99 3.02 -23.46
CA VAL H 157 20.92 3.69 -24.75
C VAL H 157 19.47 3.71 -25.27
N ILE H 158 19.12 4.81 -25.93
CA ILE H 158 17.83 5.02 -26.57
C ILE H 158 18.10 5.39 -28.03
N ILE H 159 17.69 4.53 -28.94
CA ILE H 159 18.03 4.63 -30.36
C ILE H 159 16.77 4.48 -31.22
N SER H 160 16.68 5.25 -32.29
CA SER H 160 15.58 5.11 -33.26
C SER H 160 15.64 3.77 -34.00
N ASP H 161 14.47 3.33 -34.51
CA ASP H 161 14.37 2.08 -35.26
C ASP H 161 15.29 2.18 -36.49
N LYS H 162 15.27 3.35 -37.12
CA LYS H 162 16.14 3.68 -38.24
C LYS H 162 17.65 3.55 -37.93
N ASP H 163 18.10 4.11 -36.81
CA ASP H 163 19.53 4.02 -36.47
C ASP H 163 19.94 2.58 -36.12
N LEU H 164 18.97 1.78 -35.69
CA LEU H 164 19.19 0.35 -35.45
C LEU H 164 19.41 -0.43 -36.75
N GLN H 165 19.02 0.18 -37.87
CA GLN H 165 19.13 -0.43 -39.18
C GLN H 165 20.52 -0.20 -39.80
N CYS H 166 21.32 0.69 -39.20
CA CYS H 166 22.64 1.04 -39.74
C CYS H 166 23.58 -0.16 -39.79
N PRO H 167 24.18 -0.41 -40.98
CA PRO H 167 25.09 -1.56 -41.10
C PRO H 167 26.39 -1.40 -40.30
N SER H 168 27.09 -2.51 -40.05
CA SER H 168 28.42 -2.48 -39.45
C SER H 168 29.41 -1.67 -40.31
N LEU H 169 30.58 -1.33 -39.77
CA LEU H 169 31.62 -0.65 -40.57
C LEU H 169 31.96 -1.47 -41.82
N GLU H 170 32.19 -2.77 -41.61
CA GLU H 170 32.59 -3.71 -42.68
C GLU H 170 31.55 -3.84 -43.79
N LYS H 171 30.30 -3.64 -43.46
CA LYS H 171 29.23 -3.89 -44.41
C LYS H 171 28.69 -2.62 -45.06
N ALA H 172 29.05 -1.46 -44.53
CA ALA H 172 28.56 -0.18 -45.06
C ALA H 172 29.27 0.26 -46.33
N GLU H 173 28.56 1.00 -47.17
CA GLU H 173 29.20 1.69 -48.28
C GLU H 173 29.74 3.02 -47.75
N VAL H 174 31.05 3.19 -47.84
CA VAL H 174 31.76 4.30 -47.21
C VAL H 174 32.39 5.22 -48.27
N PHE H 175 33.19 6.18 -47.83
CA PHE H 175 33.93 7.04 -48.76
C PHE H 175 35.12 6.30 -49.39
N ASP H 176 35.48 6.69 -50.61
CA ASP H 176 36.76 6.34 -51.24
C ASP H 176 37.96 6.66 -50.34
N MET I 1 -15.63 -45.29 -4.91
CA MET I 1 -14.68 -45.54 -3.79
C MET I 1 -14.40 -44.27 -2.98
N PRO I 2 -14.18 -44.42 -1.65
CA PRO I 2 -13.62 -43.36 -0.82
C PRO I 2 -12.12 -43.25 -1.07
N PHE I 3 -11.68 -43.89 -2.16
CA PHE I 3 -10.26 -43.96 -2.51
C PHE I 3 -10.00 -43.37 -3.90
N GLU I 4 -9.03 -42.47 -3.95
CA GLU I 4 -8.38 -42.09 -5.19
C GLU I 4 -7.12 -42.95 -5.26
N PHE I 5 -6.69 -43.31 -6.46
CA PHE I 5 -5.37 -43.90 -6.64
C PHE I 5 -4.63 -43.41 -7.89
N GLU I 6 -3.31 -43.57 -7.90
CA GLU I 6 -2.48 -43.22 -9.06
C GLU I 6 -1.65 -44.43 -9.47
N ASN I 7 -1.61 -44.72 -10.78
CA ASN I 7 -0.66 -45.69 -11.32
C ASN I 7 0.69 -45.01 -11.45
N LEU I 8 1.66 -45.41 -10.63
CA LEU I 8 2.99 -44.81 -10.66
C LEU I 8 3.91 -45.50 -11.68
N GLY I 9 3.44 -46.63 -12.21
CA GLY I 9 4.15 -47.32 -13.26
C GLY I 9 4.58 -48.67 -12.75
N MET I 10 4.72 -49.62 -13.69
CA MET I 10 5.15 -50.99 -13.38
C MET I 10 4.19 -51.76 -12.48
N GLY I 11 2.95 -51.30 -12.38
CA GLY I 11 1.99 -51.95 -11.48
C GLY I 11 2.04 -51.43 -10.04
N ILE I 12 2.91 -50.45 -9.79
CA ILE I 12 2.99 -49.85 -8.46
C ILE I 12 1.89 -48.81 -8.32
N ILE I 13 1.14 -48.90 -7.23
CA ILE I 13 -0.04 -48.05 -7.05
C ILE I 13 0.06 -47.21 -5.80
N LEU I 14 -0.13 -45.90 -5.95
CA LEU I 14 -0.23 -44.99 -4.82
C LEU I 14 -1.71 -44.81 -4.48
N ILE I 15 -2.11 -45.19 -3.27
CA ILE I 15 -3.50 -45.10 -2.81
C ILE I 15 -3.63 -43.89 -1.88
N LYS I 16 -4.71 -43.13 -2.03
CA LYS I 16 -4.81 -41.80 -1.39
C LYS I 16 -6.09 -41.66 -0.53
N PRO I 17 -6.03 -42.07 0.75
CA PRO I 17 -7.21 -42.07 1.64
C PRO I 17 -7.65 -40.66 2.04
N LYS I 18 -8.96 -40.48 2.22
CA LYS I 18 -9.55 -39.21 2.64
C LYS I 18 -9.68 -39.02 4.14
N VAL I 19 -8.96 -38.01 4.64
CA VAL I 19 -8.96 -37.65 6.05
C VAL I 19 -10.13 -36.70 6.37
N PHE I 20 -10.62 -36.78 7.61
CA PHE I 20 -11.69 -35.91 8.10
C PHE I 20 -11.26 -35.30 9.41
N PRO I 21 -10.84 -34.02 9.37
CA PRO I 21 -10.44 -33.39 10.60
C PRO I 21 -11.69 -32.90 11.37
N ASP I 22 -11.52 -32.72 12.67
CA ASP I 22 -12.45 -31.98 13.53
C ASP I 22 -11.78 -31.65 14.86
N LYS I 23 -12.58 -31.15 15.81
CA LYS I 23 -12.03 -30.72 17.09
C LYS I 23 -11.32 -31.84 17.85
N ARG I 24 -11.67 -33.08 17.56
CA ARG I 24 -11.02 -34.23 18.24
C ARG I 24 -9.67 -34.59 17.61
N GLY I 25 -9.54 -34.28 16.32
CA GLY I 25 -8.29 -34.51 15.58
C GLY I 25 -8.71 -34.92 14.21
N PHE I 26 -8.52 -36.19 13.87
CA PHE I 26 -9.00 -36.65 12.58
C PHE I 26 -9.35 -38.14 12.52
N PHE I 27 -10.18 -38.48 11.52
CA PHE I 27 -10.53 -39.86 11.24
C PHE I 27 -10.28 -40.15 9.77
N LEU I 28 -9.82 -41.36 9.49
CA LEU I 28 -9.77 -41.87 8.13
C LEU I 28 -9.98 -43.38 8.07
N GLU I 29 -10.70 -43.75 7.03
CA GLU I 29 -10.75 -45.10 6.51
C GLU I 29 -9.46 -45.28 5.72
N VAL I 30 -8.57 -46.15 6.21
CA VAL I 30 -7.28 -46.32 5.57
C VAL I 30 -7.47 -47.14 4.30
N PHE I 31 -8.13 -48.29 4.44
CA PHE I 31 -8.63 -49.06 3.29
C PHE I 31 -9.64 -50.13 3.68
N LYS I 32 -10.49 -50.49 2.72
CA LYS I 32 -11.38 -51.65 2.81
C LYS I 32 -10.94 -52.62 1.73
N SER I 33 -10.99 -53.92 2.03
CA SER I 33 -10.51 -54.91 1.07
C SER I 33 -11.36 -55.03 -0.22
N GLU I 34 -12.63 -54.64 -0.15
CA GLU I 34 -13.50 -54.68 -1.34
C GLU I 34 -13.19 -53.55 -2.34
N ASP I 35 -12.48 -52.51 -1.89
CA ASP I 35 -11.94 -51.52 -2.82
C ASP I 35 -10.59 -51.99 -3.37
N PHE I 36 -9.76 -52.54 -2.49
CA PHE I 36 -8.45 -53.06 -2.88
C PHE I 36 -8.60 -54.19 -3.89
N THR I 37 -9.67 -54.98 -3.74
CA THR I 37 -9.97 -56.11 -4.60
C THR I 37 -10.02 -55.68 -6.06
N LYS I 38 -10.64 -54.52 -6.29
CA LYS I 38 -10.82 -53.98 -7.62
C LYS I 38 -9.45 -53.73 -8.25
N MET I 39 -8.47 -53.44 -7.41
CA MET I 39 -7.13 -53.18 -7.90
C MET I 39 -6.30 -54.47 -7.93
N ARG I 40 -6.99 -55.59 -7.76
CA ARG I 40 -6.38 -56.92 -7.73
C ARG I 40 -5.37 -57.05 -6.58
N ILE I 41 -5.65 -56.34 -5.49
CA ILE I 41 -4.89 -56.47 -4.24
C ILE I 41 -5.61 -57.46 -3.33
N PRO I 42 -4.96 -58.60 -3.04
CA PRO I 42 -5.61 -59.64 -2.25
C PRO I 42 -5.61 -59.40 -0.74
N ASN I 43 -6.15 -60.39 -0.02
CA ASN I 43 -6.27 -60.33 1.43
C ASN I 43 -4.93 -60.11 2.13
N VAL I 44 -4.92 -59.18 3.08
CA VAL I 44 -3.78 -59.01 4.00
C VAL I 44 -3.74 -60.20 4.97
N ILE I 45 -2.62 -60.92 4.96
CA ILE I 45 -2.44 -62.09 5.83
C ILE I 45 -1.42 -61.87 6.94
N GLN I 46 -0.65 -60.79 6.84
CA GLN I 46 0.25 -60.42 7.92
C GLN I 46 0.35 -58.90 8.01
N THR I 47 0.37 -58.37 9.24
CA THR I 47 0.56 -56.92 9.44
C THR I 47 1.74 -56.70 10.37
N ASN I 48 2.67 -55.86 9.94
CA ASN I 48 3.89 -55.58 10.70
C ASN I 48 4.00 -54.10 10.98
N MET I 49 4.82 -53.75 11.95
CA MET I 49 5.08 -52.36 12.25
C MET I 49 6.55 -52.17 12.64
N SER I 50 7.14 -51.07 12.17
CA SER I 50 8.51 -50.73 12.57
C SER I 50 8.58 -49.27 12.98
N PHE I 51 9.57 -48.97 13.81
CA PHE I 51 9.91 -47.61 14.20
C PHE I 51 11.33 -47.37 13.74
N SER I 52 11.55 -46.26 13.05
CA SER I 52 12.83 -46.06 12.38
C SER I 52 13.34 -44.68 12.72
N ARG I 53 14.47 -44.63 13.42
CA ARG I 53 15.18 -43.35 13.64
C ARG I 53 15.58 -42.76 12.29
N LYS I 54 15.55 -41.43 12.23
CA LYS I 54 15.88 -40.64 11.05
C LYS I 54 17.18 -41.14 10.37
N GLY I 55 17.12 -41.30 9.04
CA GLY I 55 18.28 -41.69 8.26
C GLY I 55 18.40 -43.18 8.19
N VAL I 56 17.65 -43.89 9.03
CA VAL I 56 17.62 -45.34 8.95
C VAL I 56 17.18 -45.74 7.55
N VAL I 57 17.78 -46.80 7.04
CA VAL I 57 17.40 -47.37 5.78
C VAL I 57 17.14 -48.82 6.07
N ARG I 58 15.96 -49.30 5.67
CA ARG I 58 15.65 -50.71 5.74
C ARG I 58 15.42 -51.19 4.32
N GLY I 59 16.06 -52.28 3.94
CA GLY I 59 15.87 -52.85 2.59
C GLY I 59 17.14 -53.48 2.04
N LEU I 60 17.12 -53.87 0.76
CA LEU I 60 15.91 -53.85 -0.08
C LEU I 60 15.38 -55.27 -0.10
N HIS I 61 14.21 -55.48 0.47
CA HIS I 61 13.73 -56.82 0.78
C HIS I 61 12.64 -57.41 -0.12
N TYR I 62 12.73 -58.73 -0.33
CA TYR I 62 11.70 -59.49 -1.03
C TYR I 62 11.76 -60.98 -0.66
N GLN I 63 10.67 -61.69 -0.95
CA GLN I 63 10.66 -63.14 -0.84
C GLN I 63 10.40 -63.74 -2.22
N ARG I 64 11.27 -64.67 -2.63
CA ARG I 64 11.09 -65.40 -3.89
C ARG I 64 9.88 -66.36 -3.87
N THR I 65 9.39 -66.69 -5.08
CA THR I 65 8.39 -67.74 -5.29
C THR I 65 8.92 -69.04 -4.65
N PRO I 66 8.04 -69.82 -3.98
CA PRO I 66 6.59 -69.74 -3.86
C PRO I 66 6.04 -69.00 -2.62
N LYS I 67 6.89 -68.21 -1.95
CA LYS I 67 6.44 -67.39 -0.82
C LYS I 67 6.52 -65.88 -1.13
N GLU I 68 6.20 -65.54 -2.37
CA GLU I 68 6.14 -64.14 -2.81
C GLU I 68 5.12 -63.32 -1.99
N GLN I 69 5.38 -62.03 -1.84
CA GLN I 69 4.55 -61.14 -1.05
C GLN I 69 4.19 -59.88 -1.80
N GLY I 70 2.95 -59.46 -1.68
CA GLY I 70 2.58 -58.09 -1.98
C GLY I 70 2.68 -57.31 -0.69
N LYS I 71 2.92 -56.01 -0.80
CA LYS I 71 3.01 -55.13 0.37
C LYS I 71 2.27 -53.82 0.18
N ILE I 72 1.45 -53.45 1.17
CA ILE I 72 0.94 -52.08 1.25
C ILE I 72 1.64 -51.35 2.38
N ILE I 73 2.31 -50.26 2.04
CA ILE I 73 3.12 -49.49 2.99
C ILE I 73 2.36 -48.23 3.34
N PHE I 74 2.37 -47.86 4.62
CA PHE I 74 1.55 -46.78 5.16
C PHE I 74 2.30 -46.16 6.35
N VAL I 75 2.24 -44.84 6.49
CA VAL I 75 3.05 -44.12 7.48
C VAL I 75 2.17 -43.30 8.41
N PRO I 76 1.72 -43.91 9.52
CA PRO I 76 0.90 -43.20 10.50
C PRO I 76 1.64 -42.07 11.21
N LYS I 77 2.96 -42.20 11.32
CA LYS I 77 3.78 -41.15 11.92
C LYS I 77 5.15 -41.02 11.25
N GLY I 78 5.46 -39.80 10.86
CA GLY I 78 6.80 -39.49 10.33
C GLY I 78 6.75 -39.27 8.84
N ARG I 79 7.81 -39.71 8.16
CA ARG I 79 8.02 -39.35 6.77
C ARG I 79 9.09 -40.26 6.19
N ILE I 80 8.73 -40.96 5.12
CA ILE I 80 9.66 -41.90 4.52
C ILE I 80 9.74 -41.67 3.00
N LEU I 81 10.90 -42.00 2.43
CA LEU I 81 11.02 -42.16 1.01
C LEU I 81 11.01 -43.66 0.74
N ASP I 82 9.89 -44.12 0.19
CA ASP I 82 9.66 -45.53 -0.05
C ASP I 82 10.04 -45.84 -1.48
N VAL I 83 10.62 -47.02 -1.67
CA VAL I 83 11.21 -47.42 -2.93
C VAL I 83 10.78 -48.83 -3.27
N ALA I 84 10.42 -49.05 -4.54
CA ALA I 84 10.15 -50.40 -5.04
C ALA I 84 11.03 -50.71 -6.27
N VAL I 85 11.82 -51.79 -6.20
CA VAL I 85 12.76 -52.12 -7.28
C VAL I 85 12.32 -53.40 -7.97
N ASP I 86 12.13 -53.33 -9.28
CA ASP I 86 11.79 -54.50 -10.10
C ASP I 86 12.98 -55.47 -10.14
N VAL I 87 12.77 -56.65 -9.56
CA VAL I 87 13.81 -57.69 -9.47
C VAL I 87 13.36 -58.99 -10.12
N ARG I 88 12.50 -58.87 -11.13
CA ARG I 88 12.09 -59.98 -11.96
C ARG I 88 13.07 -59.99 -13.15
N LYS I 89 13.89 -61.04 -13.21
CA LYS I 89 15.01 -61.09 -14.17
C LYS I 89 14.57 -60.84 -15.61
N SER I 90 13.45 -61.44 -16.01
CA SER I 90 12.99 -61.36 -17.39
C SER I 90 12.17 -60.12 -17.70
N SER I 91 11.75 -59.39 -16.66
CA SER I 91 11.00 -58.16 -16.83
C SER I 91 11.80 -57.14 -17.63
N PRO I 92 11.14 -56.43 -18.56
CA PRO I 92 11.82 -55.37 -19.30
C PRO I 92 12.20 -54.19 -18.43
N THR I 93 11.63 -54.13 -17.23
CA THR I 93 11.90 -53.07 -16.27
C THR I 93 12.75 -53.53 -15.06
N PHE I 94 13.32 -54.73 -15.16
CA PHE I 94 14.32 -55.21 -14.21
C PHE I 94 15.34 -54.10 -13.85
N GLY I 95 15.46 -53.81 -12.56
CA GLY I 95 16.41 -52.82 -12.08
C GLY I 95 15.88 -51.42 -12.09
N LYS I 96 14.70 -51.22 -12.66
CA LYS I 96 14.05 -49.90 -12.59
C LYS I 96 13.23 -49.85 -11.30
N TYR I 97 12.95 -48.65 -10.84
CA TYR I 97 12.31 -48.45 -9.52
C TYR I 97 11.36 -47.26 -9.50
N VAL I 98 10.48 -47.27 -8.51
CA VAL I 98 9.63 -46.15 -8.22
C VAL I 98 9.95 -45.70 -6.79
N LYS I 99 10.00 -44.38 -6.62
CA LYS I 99 10.17 -43.77 -5.30
C LYS I 99 8.90 -42.98 -5.05
N ALA I 100 8.47 -42.91 -3.78
CA ALA I 100 7.30 -42.17 -3.38
C ALA I 100 7.42 -41.76 -1.92
N GLU I 101 7.10 -40.50 -1.63
CA GLU I 101 7.11 -39.99 -0.28
C GLU I 101 5.80 -40.36 0.41
N LEU I 102 5.90 -41.16 1.47
CA LEU I 102 4.75 -41.51 2.29
C LEU I 102 4.99 -40.92 3.66
N ASN I 103 4.01 -40.17 4.14
CA ASN I 103 4.14 -39.54 5.45
C ASN I 103 2.80 -39.38 6.18
N GLU I 104 2.86 -38.80 7.38
CA GLU I 104 1.68 -38.61 8.24
C GLU I 104 0.81 -37.43 7.85
N GLU I 105 1.22 -36.67 6.84
CA GLU I 105 0.46 -35.54 6.32
C GLU I 105 -0.40 -35.97 5.13
N ASN I 106 0.18 -36.69 4.17
CA ASN I 106 -0.60 -37.13 3.00
C ASN I 106 -1.43 -38.42 3.22
N HIS I 107 -1.00 -39.25 4.16
CA HIS I 107 -1.65 -40.55 4.49
C HIS I 107 -1.63 -41.53 3.31
N TYR I 108 -0.73 -41.31 2.35
CA TYR I 108 -0.64 -42.17 1.17
C TYR I 108 -0.13 -43.55 1.51
N MET I 109 -0.59 -44.52 0.75
CA MET I 109 -0.17 -45.88 0.91
C MET I 109 0.47 -46.25 -0.41
N LEU I 110 1.46 -47.15 -0.36
CA LEU I 110 2.05 -47.66 -1.61
C LEU I 110 1.85 -49.17 -1.75
N TRP I 111 1.21 -49.59 -2.84
CA TRP I 111 1.05 -51.01 -3.17
C TRP I 111 2.24 -51.47 -3.97
N ILE I 112 2.86 -52.53 -3.47
CA ILE I 112 4.03 -53.10 -4.10
C ILE I 112 3.76 -54.57 -4.39
N PRO I 113 3.51 -54.89 -5.67
CA PRO I 113 3.19 -56.28 -5.98
C PRO I 113 4.39 -57.23 -5.85
N PRO I 114 4.14 -58.54 -5.84
CA PRO I 114 5.25 -59.53 -5.91
C PRO I 114 6.22 -59.25 -7.06
N GLY I 115 7.49 -59.60 -6.85
CA GLY I 115 8.51 -59.39 -7.88
C GLY I 115 9.31 -58.12 -7.68
N PHE I 116 8.95 -57.37 -6.64
CA PHE I 116 9.66 -56.12 -6.32
C PHE I 116 10.41 -56.23 -4.99
N ALA I 117 11.56 -55.56 -4.94
CA ALA I 117 12.28 -55.38 -3.68
C ALA I 117 11.87 -54.07 -3.00
N HIS I 118 11.49 -54.14 -1.73
CA HIS I 118 11.02 -52.97 -1.00
C HIS I 118 12.02 -52.42 0.00
N GLY I 119 12.20 -51.11 -0.03
CA GLY I 119 13.00 -50.42 0.97
C GLY I 119 12.58 -48.98 1.17
N PHE I 120 13.06 -48.39 2.25
CA PHE I 120 12.77 -46.97 2.52
C PHE I 120 13.83 -46.34 3.40
N GLN I 121 13.89 -45.02 3.36
CA GLN I 121 14.67 -44.26 4.33
C GLN I 121 13.70 -43.40 5.10
N ALA I 122 13.81 -43.50 6.42
CA ALA I 122 13.14 -42.58 7.34
C ALA I 122 13.76 -41.19 7.18
N LEU I 123 12.95 -40.24 6.80
CA LEU I 123 13.36 -38.85 6.66
C LEU I 123 13.19 -38.11 7.98
N GLU I 124 12.47 -38.76 8.90
CA GLU I 124 12.25 -38.33 10.28
C GLU I 124 12.04 -39.61 11.04
N ASP I 125 12.02 -39.53 12.38
CA ASP I 125 11.59 -40.68 13.18
C ASP I 125 10.21 -41.04 12.65
N SER I 126 10.01 -42.31 12.32
CA SER I 126 8.81 -42.73 11.56
C SER I 126 8.28 -44.06 12.03
N ILE I 127 6.97 -44.18 12.05
CA ILE I 127 6.29 -45.45 12.31
C ILE I 127 5.75 -45.92 10.97
N VAL I 128 6.12 -47.13 10.58
CA VAL I 128 5.69 -47.66 9.30
C VAL I 128 4.87 -48.90 9.58
N ILE I 129 3.71 -48.98 8.91
CA ILE I 129 2.91 -50.18 8.90
C ILE I 129 2.99 -50.86 7.54
N TYR I 130 3.33 -52.15 7.56
CA TYR I 130 3.38 -52.96 6.37
C TYR I 130 2.18 -53.91 6.40
N PHE I 131 1.28 -53.76 5.43
CA PHE I 131 0.19 -54.71 5.25
C PHE I 131 0.67 -55.71 4.19
N ILE I 132 0.83 -56.96 4.58
CA ILE I 132 1.45 -57.97 3.68
C ILE I 132 0.41 -58.95 3.11
N THR I 133 0.51 -59.22 1.81
CA THR I 133 -0.41 -60.12 1.10
C THR I 133 0.29 -61.37 0.55
N HIS I 134 -0.47 -62.34 0.07
CA HIS I 134 0.00 -63.60 -0.56
C HIS I 134 0.59 -64.60 0.45
N ASN I 135 1.74 -64.28 1.06
CA ASN I 135 2.41 -65.19 1.98
C ASN I 135 2.94 -64.51 3.23
N GLU I 136 2.92 -65.24 4.35
CA GLU I 136 3.42 -64.75 5.63
C GLU I 136 4.95 -64.75 5.67
N TYR I 137 5.50 -64.18 6.74
CA TYR I 137 6.94 -64.17 7.01
C TYR I 137 7.57 -65.56 6.86
N SER I 138 8.67 -65.64 6.10
CA SER I 138 9.39 -66.90 5.88
C SER I 138 10.90 -66.72 5.79
N PRO I 139 11.61 -66.82 6.94
CA PRO I 139 13.09 -66.68 7.03
C PRO I 139 13.90 -67.35 5.90
N PRO I 140 13.66 -68.65 5.61
CA PRO I 140 14.31 -69.29 4.44
C PRO I 140 14.01 -68.71 3.05
N HIS I 141 12.98 -67.87 2.90
CA HIS I 141 12.64 -67.34 1.58
C HIS I 141 13.07 -65.88 1.39
N GLU I 142 13.51 -65.25 2.47
CA GLU I 142 13.93 -63.85 2.47
C GLU I 142 15.24 -63.61 1.70
N ARG I 143 15.17 -62.71 0.73
CA ARG I 143 16.33 -62.25 -0.03
C ARG I 143 16.36 -60.73 0.05
N CYS I 144 17.49 -60.15 -0.31
CA CYS I 144 17.60 -58.70 -0.33
C CYS I 144 18.63 -58.20 -1.35
N ILE I 145 18.51 -56.93 -1.66
CA ILE I 145 19.41 -56.28 -2.57
C ILE I 145 19.96 -55.08 -1.81
N SER I 146 21.27 -54.86 -1.94
CA SER I 146 21.90 -53.74 -1.26
C SER I 146 21.11 -52.45 -1.41
N TYR I 147 20.95 -51.74 -0.29
CA TYR I 147 20.34 -50.42 -0.21
C TYR I 147 21.09 -49.42 -1.09
N SER I 148 22.39 -49.67 -1.27
CA SER I 148 23.29 -48.75 -1.97
C SER I 148 23.00 -48.74 -3.46
N TYR I 149 22.17 -49.67 -3.90
CA TYR I 149 21.59 -49.59 -5.24
C TYR I 149 20.85 -48.28 -5.45
N ILE I 150 20.31 -47.72 -4.38
CA ILE I 150 19.49 -46.53 -4.45
C ILE I 150 20.26 -45.37 -3.85
N ASP I 151 20.11 -44.18 -4.41
CA ASP I 151 20.66 -42.97 -3.82
C ASP I 151 19.62 -42.34 -2.91
N TRP I 152 19.97 -42.23 -1.63
CA TRP I 152 19.03 -41.87 -0.59
C TRP I 152 19.24 -40.40 -0.25
N PRO I 153 18.14 -39.69 0.08
CA PRO I 153 18.23 -38.22 0.28
C PRO I 153 18.96 -37.76 1.56
N ILE I 154 19.29 -38.68 2.46
CA ILE I 154 19.99 -38.36 3.72
C ILE I 154 21.27 -39.18 3.81
N LYS I 155 22.41 -38.50 3.94
CA LYS I 155 23.71 -39.20 3.95
C LYS I 155 23.98 -39.95 5.22
N GLU I 156 23.46 -39.47 6.35
CA GLU I 156 23.69 -40.14 7.63
C GLU I 156 22.82 -41.40 7.75
N VAL I 157 23.25 -42.42 7.02
CA VAL I 157 22.60 -43.72 6.91
C VAL I 157 22.84 -44.56 8.17
N ILE I 158 21.76 -45.16 8.67
CA ILE I 158 21.84 -46.16 9.73
C ILE I 158 21.29 -47.45 9.16
N ILE I 159 22.03 -48.53 9.33
CA ILE I 159 21.73 -49.77 8.67
C ILE I 159 22.13 -50.98 9.54
N SER I 160 21.38 -52.06 9.45
CA SER I 160 21.72 -53.28 10.16
C SER I 160 22.80 -54.08 9.43
N ASP I 161 23.55 -54.85 10.22
CA ASP I 161 24.56 -55.78 9.74
C ASP I 161 24.03 -56.69 8.64
N LYS I 162 22.80 -57.21 8.83
CA LYS I 162 22.16 -58.06 7.84
C LYS I 162 21.92 -57.34 6.51
N ASP I 163 21.43 -56.10 6.59
CA ASP I 163 21.18 -55.29 5.39
C ASP I 163 22.46 -54.86 4.71
N LEU I 164 23.42 -54.36 5.50
CA LEU I 164 24.78 -54.06 5.05
C LEU I 164 25.37 -55.23 4.26
N GLN I 165 25.03 -56.45 4.67
CA GLN I 165 25.49 -57.68 4.03
C GLN I 165 24.74 -58.09 2.76
N CYS I 166 23.67 -57.37 2.42
CA CYS I 166 22.89 -57.71 1.23
C CYS I 166 23.75 -57.57 -0.04
N PRO I 167 23.66 -58.55 -0.95
CA PRO I 167 24.45 -58.52 -2.17
C PRO I 167 23.93 -57.46 -3.14
N SER I 168 24.81 -57.02 -4.06
CA SER I 168 24.43 -56.10 -5.14
C SER I 168 23.35 -56.74 -6.00
N LEU I 169 22.64 -55.94 -6.77
CA LEU I 169 21.58 -56.44 -7.65
C LEU I 169 22.18 -57.52 -8.56
N GLU I 170 23.27 -57.15 -9.20
CA GLU I 170 24.05 -58.00 -10.09
C GLU I 170 24.33 -59.40 -9.51
N LYS I 171 24.71 -59.46 -8.23
CA LYS I 171 25.03 -60.72 -7.54
C LYS I 171 23.85 -61.38 -6.82
N ALA I 172 22.75 -60.66 -6.65
CA ALA I 172 21.57 -61.18 -5.94
C ALA I 172 20.87 -62.32 -6.68
N GLU I 173 20.30 -63.25 -5.91
CA GLU I 173 19.41 -64.24 -6.47
C GLU I 173 18.01 -63.62 -6.53
N VAL I 174 17.47 -63.52 -7.75
CA VAL I 174 16.27 -62.73 -7.99
C VAL I 174 15.12 -63.56 -8.54
N PHE I 175 13.97 -62.91 -8.77
CA PHE I 175 12.81 -63.54 -9.40
C PHE I 175 13.11 -63.94 -10.85
N ASP I 176 12.36 -64.92 -11.36
CA ASP I 176 12.41 -65.29 -12.77
C ASP I 176 12.04 -64.10 -13.66
N MET J 1 7.25 -66.68 20.72
CA MET J 1 5.93 -67.33 20.44
C MET J 1 5.39 -67.11 19.01
N PRO J 2 5.40 -65.84 18.52
CA PRO J 2 5.74 -64.55 19.14
C PRO J 2 4.49 -63.73 19.51
N PHE J 3 3.45 -64.41 19.98
CA PHE J 3 2.21 -63.76 20.38
C PHE J 3 1.66 -64.37 21.65
N GLU J 4 1.59 -63.55 22.70
CA GLU J 4 0.77 -63.88 23.84
C GLU J 4 -0.64 -63.40 23.54
N PHE J 5 -1.62 -64.16 23.99
CA PHE J 5 -2.96 -63.62 24.13
C PHE J 5 -3.53 -63.97 25.48
N GLU J 6 -4.40 -63.10 25.96
CA GLU J 6 -5.00 -63.25 27.27
C GLU J 6 -6.49 -62.95 27.19
N ASN J 7 -7.30 -63.99 27.38
CA ASN J 7 -8.76 -63.84 27.48
C ASN J 7 -9.09 -62.95 28.67
N LEU J 8 -9.89 -61.90 28.44
CA LEU J 8 -10.24 -60.95 29.49
C LEU J 8 -11.68 -61.14 30.05
N GLY J 9 -12.45 -62.04 29.44
CA GLY J 9 -13.85 -62.23 29.81
C GLY J 9 -14.78 -61.93 28.65
N MET J 10 -15.96 -62.54 28.67
CA MET J 10 -17.04 -62.32 27.68
C MET J 10 -16.60 -62.51 26.23
N GLY J 11 -15.42 -63.09 26.04
CA GLY J 11 -14.82 -63.26 24.72
C GLY J 11 -13.84 -62.16 24.33
N ILE J 12 -13.56 -61.24 25.24
CA ILE J 12 -12.61 -60.16 24.98
C ILE J 12 -11.19 -60.72 25.09
N ILE J 13 -10.36 -60.48 24.07
CA ILE J 13 -8.97 -60.95 24.11
C ILE J 13 -7.94 -59.81 24.06
N LEU J 14 -7.01 -59.82 24.99
CA LEU J 14 -5.84 -58.96 24.96
C LEU J 14 -4.66 -59.67 24.23
N ILE J 15 -4.22 -59.08 23.12
CA ILE J 15 -3.14 -59.63 22.31
C ILE J 15 -1.85 -58.83 22.54
N LYS J 16 -0.77 -59.55 22.82
CA LYS J 16 0.49 -58.98 23.27
C LYS J 16 1.66 -59.37 22.39
N PRO J 17 1.97 -58.55 21.37
CA PRO J 17 3.00 -58.94 20.42
C PRO J 17 4.40 -58.68 20.98
N LYS J 18 5.39 -59.33 20.38
CA LYS J 18 6.77 -59.24 20.82
C LYS J 18 7.48 -58.13 20.04
N VAL J 19 8.12 -57.21 20.77
CA VAL J 19 8.89 -56.13 20.14
C VAL J 19 10.38 -56.51 20.07
N PHE J 20 11.04 -56.06 19.02
CA PHE J 20 12.45 -56.37 18.78
C PHE J 20 13.20 -55.08 18.56
N PRO J 21 13.80 -54.56 19.64
CA PRO J 21 14.45 -53.28 19.51
C PRO J 21 15.87 -53.46 18.95
N ASP J 22 16.40 -52.39 18.36
CA ASP J 22 17.80 -52.29 18.01
C ASP J 22 18.16 -50.85 17.74
N LYS J 23 19.36 -50.62 17.20
CA LYS J 23 19.84 -49.25 16.97
C LYS J 23 18.97 -48.50 15.97
N ARG J 24 18.28 -49.22 15.08
CA ARG J 24 17.37 -48.57 14.12
C ARG J 24 16.09 -48.09 14.76
N GLY J 25 15.74 -48.69 15.90
CA GLY J 25 14.47 -48.41 16.59
C GLY J 25 13.91 -49.75 16.97
N PHE J 26 12.76 -50.12 16.41
CA PHE J 26 12.22 -51.44 16.70
C PHE J 26 11.32 -51.97 15.62
N PHE J 27 11.12 -53.27 15.67
CA PHE J 27 10.22 -53.97 14.76
C PHE J 27 9.30 -54.84 15.56
N LEU J 28 8.05 -54.95 15.11
CA LEU J 28 7.15 -55.98 15.64
C LEU J 28 6.19 -56.52 14.57
N GLU J 29 5.82 -57.78 14.74
CA GLU J 29 4.73 -58.35 13.96
C GLU J 29 3.50 -58.06 14.77
N VAL J 30 2.58 -57.32 14.16
CA VAL J 30 1.38 -56.90 14.84
C VAL J 30 0.41 -58.07 14.85
N PHE J 31 0.17 -58.65 13.67
CA PHE J 31 -0.54 -59.93 13.61
C PHE J 31 -0.47 -60.70 12.29
N LYS J 32 -0.72 -62.00 12.39
CA LYS J 32 -0.84 -62.88 11.25
C LYS J 32 -2.23 -63.49 11.27
N SER J 33 -2.87 -63.54 10.10
CA SER J 33 -4.26 -63.99 10.02
C SER J 33 -4.42 -65.45 10.47
N GLU J 34 -3.37 -66.23 10.26
CA GLU J 34 -3.31 -67.63 10.65
C GLU J 34 -3.35 -67.81 12.17
N ASP J 35 -2.53 -67.06 12.90
CA ASP J 35 -2.56 -67.08 14.36
C ASP J 35 -3.87 -66.50 14.92
N PHE J 36 -4.53 -65.64 14.15
CA PHE J 36 -5.81 -65.06 14.55
C PHE J 36 -7.03 -65.94 14.22
N THR J 37 -7.01 -66.61 13.06
CA THR J 37 -8.02 -67.62 12.72
C THR J 37 -8.06 -68.72 13.80
N LYS J 38 -6.89 -69.01 14.38
CA LYS J 38 -6.75 -69.99 15.46
C LYS J 38 -7.44 -69.54 16.76
N MET J 39 -7.31 -68.26 17.10
CA MET J 39 -8.01 -67.65 18.25
C MET J 39 -9.49 -67.42 17.95
N ARG J 40 -9.90 -67.84 16.75
CA ARG J 40 -11.29 -67.72 16.26
C ARG J 40 -11.71 -66.29 15.84
N ILE J 41 -10.72 -65.50 15.42
CA ILE J 41 -10.91 -64.14 14.88
C ILE J 41 -10.95 -64.18 13.34
N PRO J 42 -12.03 -63.66 12.73
CA PRO J 42 -12.15 -63.72 11.25
C PRO J 42 -11.22 -62.74 10.52
N ASN J 43 -11.32 -62.73 9.18
CA ASN J 43 -10.48 -61.90 8.34
C ASN J 43 -10.79 -60.41 8.51
N VAL J 44 -9.76 -59.59 8.39
CA VAL J 44 -9.93 -58.14 8.52
C VAL J 44 -10.31 -57.62 7.14
N ILE J 45 -11.45 -56.96 7.07
CA ILE J 45 -11.96 -56.47 5.80
C ILE J 45 -12.02 -54.93 5.68
N GLN J 46 -11.85 -54.22 6.80
CA GLN J 46 -11.69 -52.76 6.78
C GLN J 46 -10.64 -52.31 7.79
N THR J 47 -9.88 -51.29 7.44
CA THR J 47 -8.87 -50.75 8.34
C THR J 47 -9.05 -49.24 8.50
N ASN J 48 -9.29 -48.81 9.73
CA ASN J 48 -9.46 -47.39 10.03
C ASN J 48 -8.40 -46.83 10.96
N MET J 49 -8.26 -45.51 10.95
CA MET J 49 -7.33 -44.84 11.83
C MET J 49 -7.94 -43.54 12.32
N SER J 50 -7.65 -43.17 13.56
CA SER J 50 -8.06 -41.88 14.05
C SER J 50 -6.93 -41.26 14.80
N PHE J 51 -6.92 -39.93 14.89
CA PHE J 51 -6.01 -39.23 15.78
C PHE J 51 -6.85 -38.50 16.80
N SER J 52 -6.48 -38.60 18.06
CA SER J 52 -7.30 -38.10 19.15
C SER J 52 -6.45 -37.32 20.10
N ARG J 53 -6.77 -36.04 20.28
CA ARG J 53 -6.09 -35.25 21.30
C ARG J 53 -6.52 -35.68 22.70
N LYS J 54 -5.65 -35.45 23.69
CA LYS J 54 -5.91 -35.72 25.10
C LYS J 54 -7.32 -35.34 25.56
N GLY J 55 -8.03 -36.30 26.13
CA GLY J 55 -9.35 -36.05 26.68
C GLY J 55 -10.45 -36.44 25.74
N VAL J 56 -10.15 -36.58 24.46
CA VAL J 56 -11.14 -37.01 23.50
C VAL J 56 -11.67 -38.39 23.91
N VAL J 57 -12.99 -38.54 23.83
CA VAL J 57 -13.67 -39.82 24.03
C VAL J 57 -14.47 -40.06 22.78
N ARG J 58 -14.30 -41.25 22.20
CA ARG J 58 -15.09 -41.70 21.07
C ARG J 58 -15.85 -42.97 21.43
N GLY J 59 -17.12 -43.05 21.04
CA GLY J 59 -17.92 -44.26 21.28
C GLY J 59 -19.25 -43.95 21.96
N LEU J 60 -19.95 -44.96 22.49
CA LEU J 60 -19.56 -46.36 22.46
C LEU J 60 -20.30 -47.03 21.32
N HIS J 61 -19.55 -47.39 20.27
CA HIS J 61 -20.15 -47.81 19.02
C HIS J 61 -20.25 -49.32 18.82
N TYR J 62 -21.30 -49.70 18.11
CA TYR J 62 -21.54 -51.05 17.62
C TYR J 62 -22.47 -50.95 16.42
N GLN J 63 -22.38 -51.94 15.56
CA GLN J 63 -23.35 -52.10 14.48
C GLN J 63 -24.07 -53.38 14.78
N ARG J 64 -25.39 -53.36 14.60
CA ARG J 64 -26.26 -54.50 14.86
C ARG J 64 -26.34 -55.43 13.65
N THR J 65 -26.57 -56.71 13.92
CA THR J 65 -27.06 -57.68 12.93
C THR J 65 -27.99 -57.01 11.91
N PRO J 66 -27.83 -57.30 10.61
CA PRO J 66 -26.91 -58.26 9.99
C PRO J 66 -25.54 -57.70 9.52
N LYS J 67 -25.18 -56.52 9.99
CA LYS J 67 -23.89 -55.90 9.65
C LYS J 67 -23.01 -55.73 10.90
N GLU J 68 -23.10 -56.70 11.80
CA GLU J 68 -22.29 -56.75 13.03
C GLU J 68 -20.77 -56.76 12.75
N GLN J 69 -19.98 -56.24 13.68
CA GLN J 69 -18.53 -56.07 13.48
C GLN J 69 -17.71 -56.63 14.63
N GLY J 70 -16.60 -57.28 14.30
CA GLY J 70 -15.54 -57.56 15.29
C GLY J 70 -14.45 -56.52 15.09
N LYS J 71 -13.66 -56.25 16.12
CA LYS J 71 -12.70 -55.15 16.09
C LYS J 71 -11.41 -55.45 16.86
N ILE J 72 -10.27 -55.22 16.22
CA ILE J 72 -8.98 -55.24 16.93
C ILE J 72 -8.46 -53.82 17.02
N ILE J 73 -8.20 -53.37 18.24
CA ILE J 73 -7.83 -52.00 18.52
C ILE J 73 -6.36 -51.97 18.90
N PHE J 74 -5.61 -51.05 18.31
CA PHE J 74 -4.17 -51.04 18.41
C PHE J 74 -3.71 -49.58 18.47
N VAL J 75 -2.64 -49.30 19.20
CA VAL J 75 -2.22 -47.93 19.48
C VAL J 75 -0.74 -47.70 19.12
N PRO J 76 -0.46 -47.39 17.84
CA PRO J 76 0.94 -47.17 17.42
C PRO J 76 1.57 -45.95 18.10
N LYS J 77 0.75 -44.96 18.43
CA LYS J 77 1.22 -43.72 19.05
C LYS J 77 0.28 -43.28 20.18
N GLY J 78 0.83 -43.01 21.35
CA GLY J 78 0.03 -42.47 22.45
C GLY J 78 -0.42 -43.53 23.44
N ARG J 79 -1.56 -43.31 24.06
CA ARG J 79 -2.04 -44.11 25.18
C ARG J 79 -3.54 -43.87 25.31
N ILE J 80 -4.33 -44.94 25.26
CA ILE J 80 -5.78 -44.84 25.41
C ILE J 80 -6.29 -45.78 26.51
N LEU J 81 -7.42 -45.43 27.11
CA LEU J 81 -8.15 -46.39 27.94
C LEU J 81 -9.29 -46.92 27.09
N ASP J 82 -9.16 -48.16 26.67
CA ASP J 82 -10.07 -48.77 25.74
C ASP J 82 -11.12 -49.59 26.48
N VAL J 83 -12.36 -49.53 26.01
CA VAL J 83 -13.50 -50.09 26.74
C VAL J 83 -14.37 -50.89 25.79
N ALA J 84 -14.77 -52.09 26.23
CA ALA J 84 -15.74 -52.91 25.53
C ALA J 84 -16.87 -53.23 26.52
N VAL J 85 -18.11 -52.87 26.18
CA VAL J 85 -19.26 -53.16 27.02
C VAL J 85 -20.21 -54.14 26.34
N ASP J 86 -20.48 -55.25 27.04
CA ASP J 86 -21.44 -56.25 26.57
C ASP J 86 -22.83 -55.62 26.42
N VAL J 87 -23.34 -55.65 25.19
CA VAL J 87 -24.66 -55.09 24.88
C VAL J 87 -25.59 -56.16 24.26
N ARG J 88 -25.31 -57.42 24.60
CA ARG J 88 -26.19 -58.52 24.22
C ARG J 88 -27.19 -58.72 25.35
N LYS J 89 -28.46 -58.41 25.06
CA LYS J 89 -29.54 -58.54 26.05
C LYS J 89 -29.53 -59.85 26.83
N SER J 90 -29.39 -60.97 26.11
CA SER J 90 -29.48 -62.32 26.67
C SER J 90 -28.31 -62.73 27.55
N SER J 91 -27.27 -61.91 27.60
CA SER J 91 -26.02 -62.33 28.24
C SER J 91 -26.02 -62.08 29.75
N PRO J 92 -25.51 -63.06 30.53
CA PRO J 92 -25.35 -62.95 31.98
C PRO J 92 -24.43 -61.80 32.39
N THR J 93 -23.71 -61.26 31.40
CA THR J 93 -22.72 -60.22 31.61
C THR J 93 -23.10 -58.91 30.90
N PHE J 94 -24.33 -58.83 30.38
CA PHE J 94 -24.86 -57.59 29.80
C PHE J 94 -24.55 -56.37 30.68
N GLY J 95 -24.15 -55.26 30.03
CA GLY J 95 -23.81 -54.03 30.74
C GLY J 95 -22.50 -54.08 31.50
N LYS J 96 -21.90 -55.27 31.54
CA LYS J 96 -20.56 -55.40 32.11
C LYS J 96 -19.57 -55.04 31.00
N TYR J 97 -18.39 -54.60 31.40
CA TYR J 97 -17.38 -54.10 30.46
C TYR J 97 -15.96 -54.55 30.81
N VAL J 98 -15.07 -54.48 29.83
CA VAL J 98 -13.63 -54.58 30.10
C VAL J 98 -12.98 -53.22 29.81
N LYS J 99 -12.11 -52.77 30.71
CA LYS J 99 -11.19 -51.66 30.45
C LYS J 99 -9.81 -52.25 30.25
N ALA J 100 -9.04 -51.70 29.30
CA ALA J 100 -7.62 -52.05 29.13
C ALA J 100 -6.82 -50.88 28.54
N GLU J 101 -5.65 -50.61 29.12
CA GLU J 101 -4.79 -49.55 28.61
C GLU J 101 -3.92 -50.07 27.47
N LEU J 102 -4.20 -49.55 26.28
CA LEU J 102 -3.46 -49.89 25.07
C LEU J 102 -2.58 -48.68 24.74
N ASN J 103 -1.28 -48.92 24.61
CA ASN J 103 -0.35 -47.81 24.32
C ASN J 103 0.83 -48.20 23.41
N GLU J 104 1.67 -47.21 23.13
CA GLU J 104 2.82 -47.36 22.25
C GLU J 104 4.03 -48.04 22.91
N GLU J 105 3.89 -48.37 24.19
CA GLU J 105 4.97 -48.99 24.95
C GLU J 105 4.71 -50.50 25.16
N ASN J 106 3.46 -50.86 25.45
CA ASN J 106 3.11 -52.27 25.56
C ASN J 106 2.79 -52.90 24.19
N HIS J 107 2.39 -52.05 23.23
CA HIS J 107 1.93 -52.49 21.90
C HIS J 107 0.75 -53.49 21.92
N TYR J 108 -0.05 -53.45 22.99
CA TYR J 108 -1.19 -54.36 23.12
C TYR J 108 -2.29 -54.00 22.13
N MET J 109 -2.99 -55.04 21.68
CA MET J 109 -4.20 -54.92 20.90
C MET J 109 -5.35 -55.48 21.75
N LEU J 110 -6.58 -55.09 21.40
CA LEU J 110 -7.75 -55.68 22.05
C LEU J 110 -8.70 -56.20 21.02
N TRP J 111 -9.03 -57.49 21.10
CA TRP J 111 -10.07 -58.05 20.26
C TRP J 111 -11.44 -57.89 20.94
N ILE J 112 -12.40 -57.39 20.16
CA ILE J 112 -13.73 -57.10 20.65
C ILE J 112 -14.68 -57.74 19.66
N PRO J 113 -15.28 -58.88 20.05
CA PRO J 113 -16.23 -59.64 19.24
C PRO J 113 -17.48 -58.85 18.93
N PRO J 114 -18.28 -59.33 17.95
CA PRO J 114 -19.62 -58.83 17.78
C PRO J 114 -20.42 -58.95 19.10
N GLY J 115 -21.34 -58.00 19.32
CA GLY J 115 -22.14 -57.95 20.55
C GLY J 115 -21.71 -56.93 21.60
N PHE J 116 -20.71 -56.12 21.25
CA PHE J 116 -20.11 -55.19 22.17
C PHE J 116 -20.09 -53.76 21.62
N ALA J 117 -20.15 -52.80 22.54
CA ALA J 117 -20.01 -51.38 22.23
C ALA J 117 -18.61 -50.96 22.66
N HIS J 118 -17.88 -50.37 21.71
CA HIS J 118 -16.49 -49.99 21.90
C HIS J 118 -16.33 -48.49 22.00
N GLY J 119 -15.53 -48.06 22.97
CA GLY J 119 -15.21 -46.66 23.14
C GLY J 119 -13.83 -46.59 23.72
N PHE J 120 -13.25 -45.39 23.71
CA PHE J 120 -12.02 -45.12 24.42
C PHE J 120 -11.92 -43.64 24.75
N GLN J 121 -11.04 -43.32 25.69
CA GLN J 121 -10.57 -41.95 25.88
C GLN J 121 -9.08 -41.91 25.61
N ALA J 122 -8.65 -40.93 24.82
CA ALA J 122 -7.24 -40.63 24.66
C ALA J 122 -6.67 -40.03 25.94
N LEU J 123 -5.75 -40.75 26.57
CA LEU J 123 -5.04 -40.29 27.76
C LEU J 123 -3.86 -39.37 27.39
N GLU J 124 -3.55 -39.34 26.10
CA GLU J 124 -2.63 -38.38 25.45
C GLU J 124 -3.05 -38.37 24.00
N ASP J 125 -2.60 -37.37 23.25
CA ASP J 125 -2.69 -37.40 21.78
C ASP J 125 -2.32 -38.81 21.31
N SER J 126 -3.21 -39.40 20.52
CA SER J 126 -3.13 -40.85 20.26
C SER J 126 -3.57 -41.17 18.88
N ILE J 127 -2.81 -42.06 18.24
CA ILE J 127 -3.20 -42.64 16.96
C ILE J 127 -3.72 -44.06 17.26
N VAL J 128 -4.91 -44.36 16.79
CA VAL J 128 -5.54 -45.65 17.02
C VAL J 128 -5.84 -46.28 15.67
N ILE J 129 -5.44 -47.53 15.49
CA ILE J 129 -5.83 -48.31 14.34
C ILE J 129 -6.94 -49.25 14.73
N TYR J 130 -7.95 -49.34 13.86
CA TYR J 130 -9.07 -50.24 14.05
C TYR J 130 -9.05 -51.29 12.93
N PHE J 131 -8.75 -52.52 13.28
CA PHE J 131 -8.90 -53.61 12.32
C PHE J 131 -10.29 -54.23 12.45
N ILE J 132 -11.10 -54.12 11.39
CA ILE J 132 -12.53 -54.44 11.41
C ILE J 132 -12.84 -55.77 10.67
N THR J 133 -13.65 -56.62 11.31
CA THR J 133 -14.01 -57.95 10.80
C THR J 133 -15.52 -58.07 10.54
N HIS J 134 -15.91 -59.11 9.80
CA HIS J 134 -17.31 -59.44 9.48
C HIS J 134 -17.94 -58.54 8.43
N ASN J 135 -18.13 -57.27 8.77
CA ASN J 135 -18.81 -56.32 7.88
C ASN J 135 -18.18 -54.95 7.89
N GLU J 136 -18.19 -54.32 6.73
CA GLU J 136 -17.65 -52.98 6.54
C GLU J 136 -18.56 -51.93 7.21
N TYR J 137 -17.96 -50.78 7.53
CA TYR J 137 -18.66 -49.63 8.13
C TYR J 137 -19.91 -49.25 7.33
N SER J 138 -21.01 -49.04 8.04
CA SER J 138 -22.33 -48.89 7.41
C SER J 138 -23.27 -48.03 8.26
N PRO J 139 -23.23 -46.69 8.04
CA PRO J 139 -23.97 -45.68 8.82
C PRO J 139 -25.44 -45.99 9.19
N PRO J 140 -26.28 -46.43 8.23
CA PRO J 140 -27.64 -46.86 8.59
C PRO J 140 -27.73 -47.96 9.66
N HIS J 141 -26.66 -48.74 9.82
CA HIS J 141 -26.65 -49.77 10.87
C HIS J 141 -25.88 -49.32 12.14
N GLU J 142 -25.24 -48.15 12.07
CA GLU J 142 -24.51 -47.57 13.20
C GLU J 142 -25.43 -47.26 14.38
N ARG J 143 -24.98 -47.62 15.57
CA ARG J 143 -25.72 -47.41 16.81
C ARG J 143 -24.74 -47.13 17.93
N CYS J 144 -25.21 -46.51 19.00
CA CYS J 144 -24.34 -46.24 20.12
C CYS J 144 -25.00 -46.19 21.50
N ILE J 145 -24.17 -46.37 22.52
CA ILE J 145 -24.51 -46.23 23.92
C ILE J 145 -23.73 -45.00 24.34
N SER J 146 -24.29 -44.22 25.26
CA SER J 146 -23.65 -43.00 25.73
C SER J 146 -22.33 -43.27 26.42
N TYR J 147 -21.35 -42.42 26.14
CA TYR J 147 -20.03 -42.44 26.76
C TYR J 147 -20.10 -42.27 28.27
N SER J 148 -21.18 -41.62 28.73
CA SER J 148 -21.40 -41.28 30.14
C SER J 148 -21.72 -42.51 30.99
N TYR J 149 -22.05 -43.61 30.33
CA TYR J 149 -22.15 -44.93 30.99
C TYR J 149 -20.88 -45.30 31.72
N ILE J 150 -19.76 -44.88 31.14
CA ILE J 150 -18.45 -45.23 31.65
C ILE J 150 -17.92 -44.02 32.39
N ASP J 151 -17.20 -44.26 33.48
CA ASP J 151 -16.48 -43.19 34.14
C ASP J 151 -15.05 -43.17 33.58
N TRP J 152 -14.73 -42.09 32.88
CA TRP J 152 -13.43 -41.93 32.22
C TRP J 152 -12.49 -41.18 33.15
N PRO J 153 -11.17 -41.42 33.01
CA PRO J 153 -10.20 -40.81 33.92
C PRO J 153 -9.90 -39.31 33.72
N ILE J 154 -10.16 -38.76 32.54
CA ILE J 154 -9.89 -37.35 32.28
C ILE J 154 -11.18 -36.53 32.23
N LYS J 155 -11.28 -35.57 33.17
CA LYS J 155 -12.39 -34.62 33.33
C LYS J 155 -12.73 -33.94 32.02
N GLU J 156 -11.68 -33.40 31.40
CA GLU J 156 -11.77 -32.50 30.25
C GLU J 156 -12.09 -33.28 28.99
N VAL J 157 -13.31 -33.79 28.98
CA VAL J 157 -13.87 -34.55 27.89
C VAL J 157 -14.10 -33.69 26.66
N ILE J 158 -13.66 -34.22 25.53
CA ILE J 158 -13.95 -33.68 24.22
C ILE J 158 -14.70 -34.73 23.42
N ILE J 159 -15.93 -34.42 23.02
CA ILE J 159 -16.79 -35.37 22.33
C ILE J 159 -17.49 -34.70 21.18
N SER J 160 -17.81 -35.46 20.14
CA SER J 160 -18.55 -34.97 19.00
C SER J 160 -20.03 -34.79 19.39
N ASP J 161 -20.72 -33.87 18.68
CA ASP J 161 -22.15 -33.64 18.89
C ASP J 161 -22.91 -34.94 18.73
N LYS J 162 -22.42 -35.78 17.81
CA LYS J 162 -23.05 -37.05 17.48
C LYS J 162 -22.91 -38.09 18.61
N ASP J 163 -21.74 -38.16 19.24
CA ASP J 163 -21.54 -39.05 20.40
C ASP J 163 -22.28 -38.52 21.64
N LEU J 164 -22.59 -37.24 21.62
CA LEU J 164 -23.34 -36.59 22.68
C LEU J 164 -24.83 -36.91 22.56
N GLN J 165 -25.24 -37.34 21.37
CA GLN J 165 -26.62 -37.70 21.12
C GLN J 165 -26.92 -39.18 21.35
N CYS J 166 -25.88 -39.98 21.64
CA CYS J 166 -26.05 -41.41 21.85
C CYS J 166 -26.97 -41.72 23.05
N PRO J 167 -27.98 -42.60 22.87
CA PRO J 167 -28.90 -42.93 23.98
C PRO J 167 -28.20 -43.61 25.18
N SER J 168 -28.81 -43.54 26.36
CA SER J 168 -28.31 -44.28 27.53
C SER J 168 -28.38 -45.79 27.26
N LEU J 169 -27.57 -46.59 27.96
CA LEU J 169 -27.69 -48.04 27.80
C LEU J 169 -29.16 -48.46 27.99
N GLU J 170 -29.82 -47.88 29.01
CA GLU J 170 -31.23 -48.16 29.28
C GLU J 170 -32.11 -48.04 28.05
N LYS J 171 -31.97 -46.92 27.33
CA LYS J 171 -32.85 -46.60 26.20
C LYS J 171 -32.30 -46.92 24.79
N ALA J 172 -31.08 -47.43 24.71
CA ALA J 172 -30.49 -47.81 23.42
C ALA J 172 -31.02 -49.15 22.91
N GLU J 173 -31.12 -49.29 21.59
CA GLU J 173 -31.49 -50.55 20.95
C GLU J 173 -30.26 -51.43 20.80
N VAL J 174 -30.23 -52.55 21.54
CA VAL J 174 -29.01 -53.35 21.66
C VAL J 174 -29.07 -54.69 20.89
N PHE J 175 -28.09 -55.56 21.14
CA PHE J 175 -28.10 -56.92 20.59
C PHE J 175 -29.09 -57.77 21.38
N ASP J 176 -29.63 -58.80 20.74
CA ASP J 176 -30.41 -59.82 21.45
C ASP J 176 -29.45 -60.69 22.27
N MET K 1 29.83 42.69 23.93
CA MET K 1 30.57 42.31 22.69
C MET K 1 30.22 43.21 21.50
N PRO K 2 31.09 43.24 20.46
CA PRO K 2 30.71 43.99 19.26
C PRO K 2 29.62 43.29 18.43
N PHE K 3 29.13 42.16 18.93
CA PHE K 3 28.04 41.42 18.29
C PHE K 3 26.98 41.02 19.34
N GLU K 4 25.73 41.00 18.90
CA GLU K 4 24.64 40.47 19.70
C GLU K 4 24.19 39.15 19.06
N PHE K 5 23.33 38.41 19.76
CA PHE K 5 22.79 37.16 19.24
C PHE K 5 21.42 36.92 19.85
N GLU K 6 20.55 36.22 19.13
CA GLU K 6 19.27 35.74 19.68
C GLU K 6 19.23 34.23 19.60
N ASN K 7 18.92 33.58 20.71
CA ASN K 7 18.58 32.17 20.68
C ASN K 7 17.19 32.03 20.04
N LEU K 8 17.10 31.26 18.96
CA LEU K 8 15.86 31.14 18.22
C LEU K 8 15.15 29.83 18.53
N GLY K 9 15.77 29.02 19.38
CA GLY K 9 15.20 27.76 19.83
C GLY K 9 15.91 26.56 19.24
N MET K 10 15.89 25.46 19.97
CA MET K 10 16.46 24.18 19.53
C MET K 10 17.97 24.26 19.28
N GLY K 11 18.62 25.31 19.79
CA GLY K 11 20.05 25.48 19.58
C GLY K 11 20.43 26.35 18.39
N ILE K 12 19.44 26.73 17.58
CA ILE K 12 19.62 27.66 16.47
C ILE K 12 19.82 29.07 17.04
N ILE K 13 20.80 29.79 16.50
CA ILE K 13 21.22 31.08 17.04
C ILE K 13 21.41 32.08 15.91
N LEU K 14 20.78 33.24 16.03
CA LEU K 14 20.93 34.33 15.07
C LEU K 14 22.01 35.30 15.57
N ILE K 15 23.02 35.53 14.73
CA ILE K 15 24.20 36.33 15.11
C ILE K 15 24.12 37.70 14.42
N LYS K 16 24.30 38.75 15.22
CA LYS K 16 24.09 40.11 14.74
C LYS K 16 25.35 40.98 14.83
N PRO K 17 26.15 41.03 13.76
CA PRO K 17 27.32 41.95 13.63
C PRO K 17 26.93 43.43 13.61
N LYS K 18 27.86 44.28 14.00
CA LYS K 18 27.68 45.72 13.89
C LYS K 18 28.44 46.27 12.67
N VAL K 19 27.71 46.98 11.81
CA VAL K 19 28.31 47.59 10.64
C VAL K 19 28.65 49.05 10.91
N PHE K 20 29.75 49.50 10.29
CA PHE K 20 30.17 50.88 10.35
C PHE K 20 30.27 51.50 8.97
N PRO K 21 29.26 52.31 8.60
CA PRO K 21 29.26 53.01 7.34
C PRO K 21 30.13 54.27 7.38
N ASP K 22 30.61 54.71 6.22
CA ASP K 22 31.22 56.02 6.03
C ASP K 22 31.23 56.30 4.52
N LYS K 23 31.94 57.34 4.09
CA LYS K 23 31.92 57.72 2.67
C LYS K 23 32.38 56.62 1.70
N ARG K 24 33.27 55.74 2.16
CA ARG K 24 33.88 54.71 1.32
C ARG K 24 32.97 53.52 1.08
N GLY K 25 31.99 53.34 1.97
CA GLY K 25 31.02 52.25 1.91
C GLY K 25 30.71 51.81 3.33
N PHE K 26 31.19 50.62 3.70
CA PHE K 26 31.12 50.18 5.11
C PHE K 26 32.14 49.10 5.48
N PHE K 27 32.19 48.78 6.77
CA PHE K 27 33.06 47.76 7.32
C PHE K 27 32.41 47.09 8.52
N LEU K 28 32.53 45.77 8.59
CA LEU K 28 32.05 45.00 9.73
C LEU K 28 33.02 43.88 10.04
N GLU K 29 33.17 43.57 11.33
CA GLU K 29 33.73 42.27 11.70
C GLU K 29 32.59 41.31 11.65
N VAL K 30 32.78 40.22 10.93
CA VAL K 30 31.74 39.21 10.78
C VAL K 30 31.72 38.31 12.03
N PHE K 31 32.84 37.67 12.32
CA PHE K 31 33.01 36.95 13.60
C PHE K 31 34.47 36.65 13.92
N LYS K 32 34.71 36.45 15.21
CA LYS K 32 35.99 35.99 15.73
C LYS K 32 35.71 34.64 16.35
N SER K 33 36.61 33.69 16.13
CA SER K 33 36.40 32.30 16.53
C SER K 33 36.34 32.08 18.04
N GLU K 34 37.02 32.93 18.82
CA GLU K 34 36.99 32.80 20.28
C GLU K 34 35.60 33.11 20.86
N ASP K 35 34.91 34.07 20.25
CA ASP K 35 33.50 34.36 20.58
C ASP K 35 32.61 33.19 20.20
N PHE K 36 32.80 32.67 19.00
CA PHE K 36 32.05 31.51 18.56
C PHE K 36 32.26 30.29 19.48
N THR K 37 33.51 30.06 19.88
CA THR K 37 33.88 29.04 20.87
C THR K 37 33.10 29.22 22.19
N LYS K 38 32.92 30.46 22.63
CA LYS K 38 32.14 30.76 23.83
C LYS K 38 30.66 30.31 23.71
N MET K 39 30.09 30.44 22.50
CA MET K 39 28.74 29.96 22.19
C MET K 39 28.69 28.46 21.82
N ARG K 40 29.81 27.76 22.03
CA ARG K 40 29.96 26.30 21.69
C ARG K 40 29.92 25.97 20.18
N ILE K 41 30.13 26.98 19.35
CA ILE K 41 30.36 26.78 17.93
C ILE K 41 31.86 26.55 17.72
N PRO K 42 32.23 25.35 17.26
CA PRO K 42 33.64 25.00 17.10
C PRO K 42 34.27 25.58 15.82
N ASN K 43 35.51 25.19 15.55
CA ASN K 43 36.29 25.76 14.45
C ASN K 43 35.69 25.51 13.06
N VAL K 44 35.64 26.57 12.26
CA VAL K 44 35.22 26.49 10.86
C VAL K 44 36.29 25.71 10.10
N ILE K 45 35.91 24.57 9.54
CA ILE K 45 36.87 23.75 8.82
C ILE K 45 36.72 23.81 7.30
N GLN K 46 35.59 24.36 6.85
CA GLN K 46 35.32 24.55 5.41
C GLN K 46 34.53 25.83 5.18
N THR K 47 34.83 26.53 4.09
CA THR K 47 34.07 27.71 3.71
C THR K 47 33.66 27.55 2.25
N ASN K 48 32.36 27.61 2.01
CA ASN K 48 31.79 27.45 0.68
C ASN K 48 31.06 28.73 0.30
N MET K 49 30.76 28.85 -0.97
CA MET K 49 30.05 30.00 -1.50
C MET K 49 29.12 29.56 -2.63
N SER K 50 27.95 30.15 -2.67
CA SER K 50 27.03 29.89 -3.79
C SER K 50 26.44 31.20 -4.30
N PHE K 51 26.08 31.17 -5.57
CA PHE K 51 25.26 32.20 -6.16
C PHE K 51 23.96 31.56 -6.61
N SER K 52 22.85 32.20 -6.26
CA SER K 52 21.54 31.64 -6.47
C SER K 52 20.65 32.67 -7.13
N ARG K 53 20.03 32.31 -8.25
CA ARG K 53 19.07 33.15 -8.92
C ARG K 53 17.79 33.23 -8.08
N LYS K 54 17.06 34.34 -8.20
CA LYS K 54 15.75 34.51 -7.54
C LYS K 54 14.88 33.26 -7.75
N GLY K 55 14.37 32.72 -6.65
CA GLY K 55 13.45 31.57 -6.69
C GLY K 55 14.16 30.25 -6.48
N VAL K 56 15.47 30.23 -6.68
CA VAL K 56 16.21 29.01 -6.47
C VAL K 56 15.97 28.55 -5.03
N VAL K 57 15.70 27.26 -4.86
CA VAL K 57 15.66 26.63 -3.56
C VAL K 57 16.80 25.63 -3.61
N ARG K 58 17.70 25.72 -2.62
CA ARG K 58 18.69 24.70 -2.38
C ARG K 58 18.36 24.12 -1.00
N GLY K 59 18.28 22.79 -0.90
CA GLY K 59 18.03 22.13 0.39
C GLY K 59 17.16 20.89 0.26
N LEU K 60 16.80 20.26 1.37
CA LEU K 60 17.20 20.67 2.73
C LEU K 60 18.28 19.70 3.17
N HIS K 61 19.51 20.18 3.25
CA HIS K 61 20.68 19.30 3.35
C HIS K 61 21.22 19.04 4.76
N TYR K 62 21.64 17.80 5.02
CA TYR K 62 22.30 17.43 6.28
C TYR K 62 23.23 16.24 6.07
N GLN K 63 24.24 16.12 6.92
CA GLN K 63 25.09 14.94 6.92
C GLN K 63 24.99 14.22 8.27
N ARG K 64 24.90 12.89 8.20
CA ARG K 64 24.80 12.04 9.37
C ARG K 64 26.17 11.67 9.95
N THR K 65 26.19 11.38 11.25
CA THR K 65 27.38 10.88 11.93
C THR K 65 27.89 9.65 11.15
N PRO K 66 29.23 9.51 11.03
CA PRO K 66 30.30 10.34 11.60
C PRO K 66 30.75 11.57 10.78
N LYS K 67 29.92 12.03 9.85
CA LYS K 67 30.24 13.23 9.09
C LYS K 67 29.29 14.38 9.37
N GLU K 68 28.81 14.47 10.61
CA GLU K 68 27.88 15.52 11.04
C GLU K 68 28.52 16.91 10.95
N GLN K 69 27.70 17.93 10.69
CA GLN K 69 28.22 19.30 10.51
C GLN K 69 27.37 20.37 11.17
N GLY K 70 28.03 21.43 11.62
CA GLY K 70 27.35 22.65 12.02
C GLY K 70 27.62 23.67 10.93
N LYS K 71 26.70 24.60 10.73
CA LYS K 71 26.82 25.58 9.67
C LYS K 71 26.48 26.92 10.20
N ILE K 72 27.19 27.93 9.72
CA ILE K 72 26.86 29.32 9.96
C ILE K 72 26.67 29.98 8.59
N ILE K 73 25.45 30.50 8.35
CA ILE K 73 25.03 30.97 7.03
C ILE K 73 25.04 32.48 7.04
N PHE K 74 25.54 33.07 5.96
CA PHE K 74 25.79 34.52 5.88
C PHE K 74 25.53 34.99 4.45
N VAL K 75 24.96 36.18 4.29
CA VAL K 75 24.54 36.69 2.97
C VAL K 75 25.14 38.05 2.68
N PRO K 76 26.35 38.09 2.07
CA PRO K 76 26.95 39.37 1.67
C PRO K 76 26.24 40.09 0.52
N LYS K 77 25.44 39.38 -0.27
CA LYS K 77 24.70 40.04 -1.35
C LYS K 77 23.38 39.33 -1.56
N GLY K 78 22.31 40.11 -1.61
CA GLY K 78 20.97 39.58 -1.81
C GLY K 78 20.18 39.42 -0.52
N ARG K 79 19.22 38.51 -0.55
CA ARG K 79 18.32 38.22 0.57
C ARG K 79 17.92 36.79 0.37
N ILE K 80 17.97 36.00 1.43
CA ILE K 80 17.43 34.65 1.40
C ILE K 80 16.43 34.42 2.56
N LEU K 81 15.53 33.46 2.38
CA LEU K 81 14.79 32.92 3.53
C LEU K 81 15.48 31.64 3.93
N ASP K 82 16.19 31.69 5.06
CA ASP K 82 17.00 30.55 5.49
C ASP K 82 16.18 29.70 6.45
N VAL K 83 16.27 28.39 6.28
CA VAL K 83 15.47 27.46 7.07
C VAL K 83 16.33 26.38 7.68
N ALA K 84 16.02 25.99 8.92
CA ALA K 84 16.66 24.90 9.63
C ALA K 84 15.60 24.01 10.28
N VAL K 85 15.58 22.75 9.89
CA VAL K 85 14.57 21.81 10.32
C VAL K 85 15.26 20.75 11.16
N ASP K 86 14.83 20.61 12.41
CA ASP K 86 15.32 19.55 13.30
C ASP K 86 14.95 18.18 12.74
N VAL K 87 15.97 17.41 12.38
CA VAL K 87 15.78 16.06 11.83
C VAL K 87 16.39 14.95 12.71
N ARG K 88 16.47 15.23 14.01
CA ARG K 88 16.90 14.22 14.98
C ARG K 88 15.64 13.55 15.54
N LYS K 89 15.51 12.25 15.35
CA LYS K 89 14.38 11.49 15.95
C LYS K 89 14.30 11.68 17.47
N SER K 90 15.48 11.66 18.12
CA SER K 90 15.69 11.97 19.54
C SER K 90 14.96 13.21 20.05
N SER K 91 14.79 14.19 19.16
CA SER K 91 14.32 15.49 19.58
C SER K 91 12.81 15.54 19.77
N PRO K 92 12.36 16.13 20.89
CA PRO K 92 10.95 16.41 21.08
C PRO K 92 10.48 17.39 20.00
N THR K 93 11.44 18.05 19.36
CA THR K 93 11.16 19.03 18.32
C THR K 93 11.51 18.56 16.90
N PHE K 94 11.62 17.25 16.69
CA PHE K 94 11.74 16.64 15.36
C PHE K 94 10.67 17.17 14.38
N GLY K 95 11.11 17.69 13.23
CA GLY K 95 10.17 18.20 12.21
C GLY K 95 9.86 19.67 12.37
N LYS K 96 10.26 20.23 13.51
CA LYS K 96 10.05 21.64 13.76
C LYS K 96 11.16 22.43 13.08
N TYR K 97 10.90 23.67 12.76
CA TYR K 97 11.88 24.47 12.01
C TYR K 97 11.93 25.91 12.47
N VAL K 98 13.06 26.57 12.15
CA VAL K 98 13.20 28.02 12.25
C VAL K 98 13.37 28.61 10.82
N LYS K 99 12.68 29.72 10.56
CA LYS K 99 12.84 30.53 9.35
C LYS K 99 13.43 31.88 9.78
N ALA K 100 14.42 32.36 9.03
CA ALA K 100 15.04 33.65 9.31
C ALA K 100 15.48 34.27 7.99
N GLU K 101 15.17 35.55 7.81
CA GLU K 101 15.61 36.23 6.61
C GLU K 101 17.00 36.80 6.85
N LEU K 102 17.93 36.33 6.01
CA LEU K 102 19.32 36.74 6.07
C LEU K 102 19.63 37.53 4.82
N ASN K 103 20.10 38.77 4.99
CA ASN K 103 20.36 39.62 3.84
C ASN K 103 21.57 40.57 3.98
N GLU K 104 21.84 41.31 2.91
CA GLU K 104 22.95 42.27 2.87
C GLU K 104 22.65 43.55 3.66
N GLU K 105 21.40 43.70 4.06
CA GLU K 105 21.01 44.85 4.84
C GLU K 105 21.22 44.59 6.34
N ASN K 106 20.93 43.38 6.78
CA ASN K 106 21.02 43.05 8.21
C ASN K 106 22.34 42.43 8.63
N HIS K 107 23.01 41.78 7.67
CA HIS K 107 24.31 41.13 7.88
C HIS K 107 24.24 40.04 8.93
N TYR K 108 23.04 39.57 9.22
CA TYR K 108 22.82 38.49 10.18
C TYR K 108 23.42 37.18 9.69
N MET K 109 23.78 36.32 10.64
CA MET K 109 24.20 34.94 10.37
C MET K 109 23.28 33.98 11.11
N LEU K 110 23.11 32.78 10.57
CA LEU K 110 22.34 31.73 11.25
C LEU K 110 23.26 30.56 11.60
N TRP K 111 23.38 30.28 12.90
CA TRP K 111 24.08 29.08 13.35
C TRP K 111 23.10 27.93 13.36
N ILE K 112 23.45 26.86 12.64
CA ILE K 112 22.64 25.66 12.55
C ILE K 112 23.46 24.47 13.06
N PRO K 113 23.11 23.96 14.26
CA PRO K 113 23.91 22.89 14.86
C PRO K 113 23.73 21.57 14.11
N PRO K 114 24.57 20.56 14.41
CA PRO K 114 24.43 19.21 13.84
C PRO K 114 23.06 18.56 14.12
N GLY K 115 22.56 17.81 13.14
CA GLY K 115 21.24 17.21 13.21
C GLY K 115 20.09 18.02 12.64
N PHE K 116 20.39 19.18 12.02
CA PHE K 116 19.39 20.00 11.34
C PHE K 116 19.56 19.95 9.82
N ALA K 117 18.46 19.97 9.09
CA ALA K 117 18.48 20.07 7.63
C ALA K 117 18.40 21.53 7.22
N HIS K 118 19.35 21.96 6.40
CA HIS K 118 19.42 23.35 6.03
C HIS K 118 19.04 23.60 4.57
N GLY K 119 18.23 24.62 4.36
CA GLY K 119 17.88 25.08 3.02
C GLY K 119 17.48 26.53 3.03
N PHE K 120 17.48 27.14 1.85
CA PHE K 120 17.00 28.51 1.69
C PHE K 120 16.34 28.68 0.34
N GLN K 121 15.51 29.71 0.21
CA GLN K 121 15.14 30.21 -1.10
C GLN K 121 15.71 31.61 -1.29
N ALA K 122 16.37 31.81 -2.44
CA ALA K 122 16.88 33.12 -2.81
C ALA K 122 15.71 34.02 -3.16
N LEU K 123 15.59 35.15 -2.46
CA LEU K 123 14.45 36.07 -2.63
C LEU K 123 14.76 37.06 -3.75
N GLU K 124 16.02 37.06 -4.17
CA GLU K 124 16.54 37.79 -5.32
C GLU K 124 17.87 37.12 -5.61
N ASP K 125 18.56 37.55 -6.67
CA ASP K 125 19.91 37.03 -6.94
C ASP K 125 20.79 37.22 -5.70
N SER K 126 21.35 36.12 -5.17
CA SER K 126 22.04 36.15 -3.88
C SER K 126 23.34 35.34 -3.79
N ILE K 127 24.33 35.90 -3.13
CA ILE K 127 25.57 35.18 -2.80
C ILE K 127 25.46 34.71 -1.36
N VAL K 128 25.64 33.42 -1.12
CA VAL K 128 25.61 32.88 0.23
C VAL K 128 26.97 32.25 0.60
N ILE K 129 27.44 32.56 1.80
CA ILE K 129 28.64 31.94 2.38
C ILE K 129 28.26 30.92 3.49
N TYR K 130 28.78 29.71 3.37
CA TYR K 130 28.57 28.68 4.39
C TYR K 130 29.89 28.45 5.15
N PHE K 131 29.87 28.75 6.44
CA PHE K 131 30.99 28.42 7.30
C PHE K 131 30.63 27.12 7.97
N ILE K 132 31.39 26.09 7.64
CA ILE K 132 31.07 24.72 8.02
C ILE K 132 31.98 24.28 9.14
N THR K 133 31.40 23.63 10.16
CA THR K 133 32.13 23.09 11.33
C THR K 133 32.01 21.58 11.41
N HIS K 134 32.89 20.97 12.22
CA HIS K 134 32.88 19.54 12.53
C HIS K 134 33.50 18.68 11.40
N ASN K 135 32.84 18.65 10.24
CA ASN K 135 33.24 17.77 9.15
C ASN K 135 33.04 18.44 7.81
N GLU K 136 33.91 18.12 6.86
CA GLU K 136 33.87 18.67 5.51
C GLU K 136 32.66 18.17 4.73
N TYR K 137 32.19 18.99 3.80
CA TYR K 137 31.14 18.61 2.88
C TYR K 137 31.65 17.50 1.97
N SER K 138 31.12 16.28 2.16
CA SER K 138 31.57 15.08 1.42
C SER K 138 30.50 13.99 1.26
N PRO K 139 30.12 13.67 -0.01
CA PRO K 139 28.90 12.97 -0.53
C PRO K 139 28.61 11.48 -0.22
N PRO K 140 29.62 10.65 0.12
CA PRO K 140 29.17 9.39 0.75
C PRO K 140 28.64 9.54 2.20
N HIS K 141 27.76 10.52 2.45
CA HIS K 141 27.25 10.71 3.83
C HIS K 141 25.77 11.09 4.21
N GLU K 142 24.98 11.84 3.45
CA GLU K 142 25.19 13.14 2.79
C GLU K 142 23.81 13.38 2.18
N ARG K 143 22.87 13.73 3.06
CA ARG K 143 21.46 13.44 2.81
C ARG K 143 20.58 14.68 2.67
N CYS K 144 19.30 14.44 2.38
CA CYS K 144 18.36 15.52 2.24
C CYS K 144 16.90 15.13 2.46
N ILE K 145 16.11 16.09 2.90
CA ILE K 145 14.66 15.95 2.88
C ILE K 145 14.14 16.92 1.83
N SER K 146 13.00 16.57 1.23
CA SER K 146 12.37 17.37 0.18
C SER K 146 12.11 18.83 0.57
N TYR K 147 12.42 19.74 -0.36
CA TYR K 147 12.16 21.18 -0.24
C TYR K 147 10.69 21.45 0.00
N SER K 148 9.83 20.54 -0.48
CA SER K 148 8.38 20.71 -0.38
C SER K 148 7.86 20.55 1.06
N TYR K 149 8.72 20.06 1.95
CA TYR K 149 8.40 20.10 3.37
C TYR K 149 8.13 21.54 3.85
N ILE K 150 8.76 22.51 3.22
CA ILE K 150 8.63 23.93 3.59
C ILE K 150 7.77 24.68 2.58
N ASP K 151 6.95 25.62 3.06
CA ASP K 151 6.25 26.58 2.21
C ASP K 151 7.17 27.76 1.94
N TRP K 152 7.56 27.91 0.68
CA TRP K 152 8.48 28.96 0.26
C TRP K 152 7.66 30.13 -0.30
N PRO K 153 8.08 31.38 -0.03
CA PRO K 153 7.34 32.56 -0.51
C PRO K 153 7.27 32.77 -2.02
N ILE K 154 8.25 32.26 -2.77
CA ILE K 154 8.25 32.41 -4.24
C ILE K 154 7.83 31.10 -4.91
N LYS K 155 6.75 31.17 -5.70
CA LYS K 155 6.19 29.97 -6.37
C LYS K 155 7.03 29.49 -7.54
N GLU K 156 7.77 30.42 -8.14
CA GLU K 156 8.62 30.10 -9.28
C GLU K 156 9.92 29.48 -8.77
N VAL K 157 9.80 28.23 -8.37
CA VAL K 157 10.88 27.49 -7.77
C VAL K 157 11.80 27.00 -8.87
N ILE K 158 13.10 27.11 -8.61
CA ILE K 158 14.14 26.54 -9.46
C ILE K 158 14.95 25.59 -8.59
N ILE K 159 15.07 24.35 -9.03
CA ILE K 159 15.59 23.31 -8.17
C ILE K 159 16.37 22.31 -9.00
N SER K 160 17.49 21.85 -8.48
CA SER K 160 18.27 20.81 -9.14
C SER K 160 17.48 19.50 -9.21
N ASP K 161 17.70 18.72 -10.27
CA ASP K 161 17.14 17.38 -10.37
C ASP K 161 17.41 16.59 -9.08
N LYS K 162 18.62 16.73 -8.55
CA LYS K 162 19.06 16.09 -7.29
C LYS K 162 18.16 16.46 -6.11
N ASP K 163 17.87 17.75 -5.98
CA ASP K 163 17.10 18.23 -4.84
C ASP K 163 15.64 17.80 -4.98
N LEU K 164 15.22 17.68 -6.23
CA LEU K 164 13.89 17.19 -6.56
C LEU K 164 13.72 15.70 -6.25
N GLN K 165 14.81 14.93 -6.19
CA GLN K 165 14.73 13.51 -5.77
C GLN K 165 14.84 13.26 -4.27
N CYS K 166 15.05 14.32 -3.48
CA CYS K 166 15.14 14.16 -2.02
C CYS K 166 13.85 13.57 -1.49
N PRO K 167 13.94 12.51 -0.66
CA PRO K 167 12.72 11.92 -0.13
C PRO K 167 12.05 12.85 0.87
N SER K 168 10.79 12.55 1.22
CA SER K 168 10.06 13.34 2.18
C SER K 168 10.63 13.11 3.58
N LEU K 169 10.26 13.97 4.52
CA LEU K 169 10.69 13.84 5.92
C LEU K 169 10.43 12.44 6.49
N GLU K 170 9.22 11.92 6.25
CA GLU K 170 8.83 10.59 6.71
C GLU K 170 9.61 9.45 6.05
N LYS K 171 10.04 9.67 4.81
CA LYS K 171 10.74 8.64 4.04
C LYS K 171 12.27 8.75 4.11
N ALA K 172 12.77 9.86 4.66
CA ALA K 172 14.21 10.12 4.72
C ALA K 172 14.90 9.32 5.81
N GLU K 173 16.17 9.01 5.59
CA GLU K 173 17.01 8.42 6.64
C GLU K 173 17.63 9.59 7.41
N VAL K 174 17.15 9.77 8.64
CA VAL K 174 17.39 11.01 9.38
C VAL K 174 18.43 10.86 10.48
N PHE K 175 18.59 11.92 11.28
CA PHE K 175 19.52 11.93 12.39
C PHE K 175 18.91 11.17 13.56
N ASP K 176 19.76 10.51 14.33
CA ASP K 176 19.30 9.61 15.39
C ASP K 176 18.47 10.32 16.46
N MET L 1 40.27 19.44 -7.83
CA MET L 1 41.66 19.10 -7.37
C MET L 1 41.85 19.06 -5.83
N PRO L 2 41.27 20.04 -5.09
CA PRO L 2 40.40 21.15 -5.51
C PRO L 2 41.13 22.46 -5.87
N PHE L 3 42.10 22.87 -5.05
CA PHE L 3 42.73 24.18 -5.21
C PHE L 3 43.95 24.17 -6.12
N GLU L 4 43.95 25.07 -7.09
CA GLU L 4 45.20 25.49 -7.72
C GLU L 4 45.77 26.63 -6.88
N PHE L 5 47.09 26.65 -6.79
CA PHE L 5 47.78 27.78 -6.17
C PHE L 5 48.93 28.28 -7.05
N GLU L 6 49.37 29.50 -6.78
CA GLU L 6 50.54 30.07 -7.45
C GLU L 6 51.35 30.89 -6.46
N ASN L 7 52.61 30.50 -6.26
CA ASN L 7 53.51 31.27 -5.42
C ASN L 7 53.85 32.55 -6.17
N LEU L 8 53.64 33.70 -5.52
CA LEU L 8 53.90 34.99 -6.17
C LEU L 8 55.19 35.66 -5.72
N GLY L 9 55.92 35.02 -4.82
CA GLY L 9 57.14 35.56 -4.26
C GLY L 9 56.97 36.03 -2.84
N MET L 10 58.05 35.95 -2.07
CA MET L 10 58.12 36.45 -0.69
C MET L 10 57.17 35.70 0.27
N GLY L 11 56.67 34.57 -0.20
CA GLY L 11 55.69 33.76 0.52
C GLY L 11 54.24 34.17 0.27
N ILE L 12 54.03 35.06 -0.69
CA ILE L 12 52.67 35.48 -1.05
C ILE L 12 52.11 34.39 -1.94
N ILE L 13 50.87 33.96 -1.66
CA ILE L 13 50.27 32.87 -2.45
C ILE L 13 48.88 33.23 -3.00
N LEU L 14 48.73 33.10 -4.31
CA LEU L 14 47.45 33.26 -4.99
C LEU L 14 46.73 31.90 -5.07
N ILE L 15 45.57 31.81 -4.44
CA ILE L 15 44.77 30.58 -4.38
C ILE L 15 43.61 30.67 -5.35
N LYS L 16 43.41 29.59 -6.13
CA LYS L 16 42.47 29.59 -7.24
C LYS L 16 41.42 28.47 -7.11
N PRO L 17 40.25 28.78 -6.51
CA PRO L 17 39.20 27.75 -6.34
C PRO L 17 38.51 27.44 -7.66
N LYS L 18 37.86 26.27 -7.70
CA LYS L 18 37.12 25.80 -8.86
C LYS L 18 35.60 26.01 -8.70
N VAL L 19 35.01 26.71 -9.66
CA VAL L 19 33.60 27.06 -9.61
C VAL L 19 32.79 26.09 -10.46
N PHE L 20 31.57 25.79 -9.99
CA PHE L 20 30.65 24.91 -10.67
C PHE L 20 29.35 25.63 -11.00
N PRO L 21 29.16 26.00 -12.28
CA PRO L 21 27.98 26.72 -12.67
C PRO L 21 26.85 25.74 -12.98
N ASP L 22 25.61 26.17 -12.77
CA ASP L 22 24.46 25.43 -13.30
C ASP L 22 23.31 26.39 -13.47
N LYS L 23 22.12 25.88 -13.82
CA LYS L 23 20.98 26.74 -14.07
C LYS L 23 20.59 27.61 -12.86
N ARG L 24 20.93 27.18 -11.65
CA ARG L 24 20.62 27.93 -10.41
C ARG L 24 21.57 29.11 -10.20
N GLY L 25 22.79 28.95 -10.70
CA GLY L 25 23.86 29.93 -10.51
C GLY L 25 25.19 29.20 -10.51
N PHE L 26 25.86 29.22 -9.36
CA PHE L 26 27.11 28.47 -9.18
C PHE L 26 27.38 28.14 -7.72
N PHE L 27 28.32 27.23 -7.53
CA PHE L 27 28.78 26.80 -6.22
C PHE L 27 30.29 26.67 -6.29
N LEU L 28 30.97 26.98 -5.18
CA LEU L 28 32.40 26.72 -5.07
C LEU L 28 32.78 26.48 -3.62
N GLU L 29 33.76 25.62 -3.43
CA GLU L 29 34.41 25.51 -2.15
C GLU L 29 35.46 26.61 -2.16
N VAL L 30 35.34 27.55 -1.23
CA VAL L 30 36.28 28.65 -1.13
C VAL L 30 37.57 28.06 -0.60
N PHE L 31 37.52 27.47 0.59
CA PHE L 31 38.67 26.67 1.07
C PHE L 31 38.35 25.76 2.22
N LYS L 32 39.20 24.76 2.39
CA LYS L 32 39.16 23.83 3.51
C LYS L 32 40.40 24.09 4.35
N SER L 33 40.23 24.10 5.67
CA SER L 33 41.35 24.43 6.56
C SER L 33 42.49 23.38 6.50
N GLU L 34 42.15 22.11 6.28
CA GLU L 34 43.20 21.11 6.15
C GLU L 34 44.03 21.30 4.87
N ASP L 35 43.39 21.74 3.80
CA ASP L 35 44.12 22.12 2.58
C ASP L 35 45.09 23.29 2.82
N PHE L 36 44.62 24.31 3.51
CA PHE L 36 45.46 25.45 3.91
C PHE L 36 46.61 25.00 4.84
N THR L 37 46.34 24.07 5.75
CA THR L 37 47.40 23.53 6.62
C THR L 37 48.56 22.92 5.80
N LYS L 38 48.25 22.21 4.72
CA LYS L 38 49.28 21.66 3.84
C LYS L 38 50.17 22.76 3.22
N MET L 39 49.56 23.92 2.96
CA MET L 39 50.26 25.10 2.40
C MET L 39 50.84 25.99 3.48
N ARG L 40 50.77 25.53 4.72
CA ARG L 40 51.35 26.22 5.88
C ARG L 40 50.66 27.56 6.18
N ILE L 41 49.42 27.69 5.70
CA ILE L 41 48.51 28.75 6.12
C ILE L 41 47.78 28.26 7.38
N PRO L 42 48.00 28.93 8.52
CA PRO L 42 47.34 28.51 9.75
C PRO L 42 45.83 28.81 9.80
N ASN L 43 45.19 28.52 10.94
CA ASN L 43 43.74 28.66 11.13
C ASN L 43 43.22 30.12 11.13
N VAL L 44 42.05 30.29 10.52
CA VAL L 44 41.36 31.57 10.48
C VAL L 44 40.67 31.81 11.81
N ILE L 45 41.04 32.90 12.47
CA ILE L 45 40.50 33.16 13.80
C ILE L 45 39.60 34.41 13.84
N GLN L 46 39.58 35.14 12.73
CA GLN L 46 38.72 36.29 12.58
C GLN L 46 38.36 36.48 11.09
N THR L 47 37.08 36.77 10.83
CA THR L 47 36.60 37.08 9.48
C THR L 47 35.95 38.47 9.50
N ASN L 48 36.42 39.34 8.61
CA ASN L 48 35.91 40.69 8.39
C ASN L 48 35.39 40.89 6.97
N MET L 49 34.58 41.93 6.79
CA MET L 49 34.05 42.28 5.48
C MET L 49 33.95 43.79 5.35
N SER L 50 34.28 44.28 4.16
CA SER L 50 34.04 45.67 3.80
C SER L 50 33.31 45.79 2.46
N PHE L 51 32.66 46.93 2.29
CA PHE L 51 32.13 47.35 1.00
C PHE L 51 32.88 48.62 0.62
N SER L 52 33.30 48.71 -0.63
CA SER L 52 34.10 49.86 -1.04
C SER L 52 33.61 50.35 -2.40
N ARG L 53 33.33 51.65 -2.48
CA ARG L 53 32.90 52.28 -3.74
C ARG L 53 34.08 52.40 -4.71
N LYS L 54 33.81 52.35 -6.01
CA LYS L 54 34.89 52.45 -7.00
C LYS L 54 35.88 53.59 -6.68
N GLY L 55 37.17 53.28 -6.77
CA GLY L 55 38.20 54.27 -6.53
C GLY L 55 38.71 54.33 -5.11
N VAL L 56 37.94 53.76 -4.18
CA VAL L 56 38.35 53.69 -2.77
C VAL L 56 39.64 52.92 -2.61
N VAL L 57 40.57 53.48 -1.84
CA VAL L 57 41.78 52.82 -1.43
C VAL L 57 41.76 52.65 0.09
N ARG L 58 41.97 51.43 0.56
CA ARG L 58 42.13 51.15 1.99
C ARG L 58 43.49 50.49 2.20
N GLY L 59 44.27 51.01 3.15
CA GLY L 59 45.60 50.47 3.45
C GLY L 59 46.60 51.58 3.75
N LEU L 60 47.89 51.23 3.89
CA LEU L 60 48.37 49.84 3.79
C LEU L 60 48.60 49.38 5.22
N HIS L 61 47.83 48.38 5.65
CA HIS L 61 47.70 48.04 7.07
C HIS L 61 48.45 46.78 7.50
N TYR L 62 48.95 46.81 8.72
CA TYR L 62 49.58 45.64 9.35
C TYR L 62 49.56 45.79 10.86
N GLN L 63 49.65 44.66 11.55
CA GLN L 63 49.80 44.63 12.97
C GLN L 63 51.13 43.99 13.26
N ARG L 64 51.88 44.63 14.14
CA ARG L 64 53.22 44.18 14.51
C ARG L 64 53.16 43.13 15.61
N THR L 65 54.22 42.33 15.69
CA THR L 65 54.44 41.35 16.77
C THR L 65 54.29 42.04 18.14
N PRO L 66 53.70 41.36 19.15
CA PRO L 66 53.16 39.98 19.24
C PRO L 66 51.74 39.77 18.69
N LYS L 67 51.23 40.74 17.92
CA LYS L 67 49.87 40.67 17.37
C LYS L 67 49.86 40.64 15.84
N GLU L 68 50.93 40.08 15.28
CA GLU L 68 51.06 39.85 13.84
C GLU L 68 49.90 39.02 13.25
N GLN L 69 49.66 39.18 11.95
CA GLN L 69 48.48 38.60 11.30
C GLN L 69 48.81 38.14 9.90
N GLY L 70 48.30 36.96 9.55
CA GLY L 70 48.22 36.54 8.16
C GLY L 70 46.83 36.89 7.65
N LYS L 71 46.71 37.03 6.33
CA LYS L 71 45.44 37.47 5.73
C LYS L 71 45.15 36.75 4.42
N ILE L 72 43.93 36.25 4.28
CA ILE L 72 43.45 35.76 3.00
C ILE L 72 42.36 36.70 2.51
N ILE L 73 42.62 37.35 1.39
CA ILE L 73 41.72 38.32 0.79
C ILE L 73 40.91 37.67 -0.32
N PHE L 74 39.63 37.96 -0.34
CA PHE L 74 38.68 37.28 -1.23
C PHE L 74 37.62 38.28 -1.63
N VAL L 75 37.20 38.23 -2.91
CA VAL L 75 36.26 39.22 -3.47
C VAL L 75 35.00 38.52 -4.02
N PRO L 76 33.95 38.37 -3.17
CA PRO L 76 32.70 37.77 -3.65
C PRO L 76 31.93 38.64 -4.67
N LYS L 77 32.15 39.95 -4.68
CA LYS L 77 31.43 40.86 -5.57
C LYS L 77 32.36 42.00 -5.93
N GLY L 78 32.47 42.30 -7.23
CA GLY L 78 33.36 43.37 -7.69
C GLY L 78 34.75 42.94 -8.12
N ARG L 79 35.70 43.85 -7.93
CA ARG L 79 36.99 43.76 -8.58
C ARG L 79 37.93 44.69 -7.84
N ILE L 80 39.02 44.14 -7.30
CA ILE L 80 40.03 44.96 -6.62
C ILE L 80 41.46 44.72 -7.14
N LEU L 81 42.33 45.70 -6.95
CA LEU L 81 43.75 45.51 -7.10
C LEU L 81 44.31 45.43 -5.70
N ASP L 82 44.70 44.22 -5.33
CA ASP L 82 45.16 43.94 -4.00
C ASP L 82 46.68 43.94 -3.95
N VAL L 83 47.23 44.56 -2.90
CA VAL L 83 48.66 44.76 -2.77
C VAL L 83 49.14 44.22 -1.43
N ALA L 84 50.31 43.58 -1.45
CA ALA L 84 51.03 43.21 -0.23
C ALA L 84 52.44 43.76 -0.36
N VAL L 85 52.86 44.62 0.58
CA VAL L 85 54.25 45.12 0.64
C VAL L 85 55.02 44.57 1.85
N ASP L 86 56.25 44.12 1.59
CA ASP L 86 57.14 43.55 2.61
C ASP L 86 57.61 44.65 3.52
N VAL L 87 57.34 44.49 4.80
CA VAL L 87 57.56 45.56 5.76
C VAL L 87 58.47 45.09 6.90
N ARG L 88 59.22 44.03 6.63
CA ARG L 88 60.23 43.51 7.57
C ARG L 88 61.58 44.17 7.29
N LYS L 89 62.01 45.03 8.21
CA LYS L 89 63.28 45.73 8.01
C LYS L 89 64.43 44.77 7.71
N SER L 90 64.38 43.59 8.35
CA SER L 90 65.45 42.59 8.25
C SER L 90 65.47 41.81 6.93
N SER L 91 64.49 42.08 6.06
CA SER L 91 64.26 41.30 4.83
C SER L 91 65.05 41.84 3.66
N PRO L 92 65.58 40.94 2.79
CA PRO L 92 66.19 41.47 1.57
C PRO L 92 65.18 42.08 0.58
N THR L 93 63.89 41.81 0.78
CA THR L 93 62.85 42.38 -0.09
C THR L 93 61.99 43.44 0.63
N PHE L 94 62.55 44.07 1.67
CA PHE L 94 61.88 45.18 2.35
C PHE L 94 61.44 46.20 1.32
N GLY L 95 60.19 46.67 1.42
CA GLY L 95 59.67 47.67 0.49
C GLY L 95 59.23 47.12 -0.85
N LYS L 96 59.57 45.87 -1.14
CA LYS L 96 59.08 45.18 -2.33
C LYS L 96 57.62 44.74 -2.13
N TYR L 97 56.89 44.59 -3.22
CA TYR L 97 55.47 44.29 -3.14
C TYR L 97 54.99 43.36 -4.26
N VAL L 98 53.81 42.78 -4.03
CA VAL L 98 53.06 42.01 -5.03
C VAL L 98 51.67 42.66 -5.25
N LYS L 99 51.29 42.86 -6.52
CA LYS L 99 49.94 43.28 -6.91
C LYS L 99 49.21 42.11 -7.57
N ALA L 100 47.98 41.85 -7.13
CA ALA L 100 47.13 40.85 -7.80
C ALA L 100 45.66 41.30 -7.90
N GLU L 101 45.08 41.21 -9.09
CA GLU L 101 43.65 41.46 -9.25
C GLU L 101 42.80 40.31 -8.72
N LEU L 102 41.99 40.62 -7.72
CA LEU L 102 41.07 39.66 -7.13
C LEU L 102 39.66 40.11 -7.46
N ASN L 103 38.84 39.21 -8.02
CA ASN L 103 37.51 39.59 -8.44
C ASN L 103 36.49 38.45 -8.41
N GLU L 104 35.26 38.77 -8.81
CA GLU L 104 34.13 37.85 -8.67
C GLU L 104 34.08 36.87 -9.80
N GLU L 105 34.79 37.19 -10.88
CA GLU L 105 34.93 36.30 -12.03
C GLU L 105 35.96 35.21 -11.74
N ASN L 106 37.17 35.59 -11.31
CA ASN L 106 38.20 34.60 -11.02
C ASN L 106 38.06 33.89 -9.67
N HIS L 107 37.38 34.53 -8.72
CA HIS L 107 37.24 34.02 -7.35
C HIS L 107 38.57 33.77 -6.65
N TYR L 108 39.62 34.43 -7.12
CA TYR L 108 40.95 34.21 -6.53
C TYR L 108 41.01 34.79 -5.13
N MET L 109 41.87 34.18 -4.32
CA MET L 109 42.19 34.63 -2.97
C MET L 109 43.67 34.91 -2.92
N LEU L 110 44.08 35.85 -2.06
CA LEU L 110 45.50 36.12 -1.86
C LEU L 110 45.90 35.87 -0.41
N TRP L 111 46.86 34.97 -0.20
CA TRP L 111 47.44 34.76 1.13
C TRP L 111 48.57 35.74 1.35
N ILE L 112 48.50 36.48 2.45
CA ILE L 112 49.50 37.48 2.81
C ILE L 112 50.01 37.15 4.21
N PRO L 113 51.25 36.60 4.31
CA PRO L 113 51.76 36.16 5.62
C PRO L 113 52.09 37.35 6.53
N PRO L 114 52.33 37.10 7.83
CA PRO L 114 52.67 38.24 8.69
C PRO L 114 53.99 38.91 8.23
N GLY L 115 54.13 40.20 8.46
CA GLY L 115 55.34 40.93 8.00
C GLY L 115 55.10 41.82 6.79
N PHE L 116 53.89 41.74 6.24
CA PHE L 116 53.47 42.52 5.06
C PHE L 116 52.35 43.49 5.42
N ALA L 117 52.37 44.65 4.76
CA ALA L 117 51.30 45.64 4.84
C ALA L 117 50.33 45.40 3.69
N HIS L 118 49.04 45.33 4.01
CA HIS L 118 47.99 45.05 3.01
C HIS L 118 47.12 46.25 2.64
N GLY L 119 46.95 46.48 1.35
CA GLY L 119 45.96 47.42 0.90
C GLY L 119 45.35 47.01 -0.44
N PHE L 120 44.28 47.70 -0.83
CA PHE L 120 43.69 47.48 -2.14
C PHE L 120 43.00 48.74 -2.66
N GLN L 121 42.82 48.83 -3.98
CA GLN L 121 41.86 49.76 -4.58
C GLN L 121 40.73 48.98 -5.20
N ALA L 122 39.50 49.40 -4.90
CA ALA L 122 38.32 48.89 -5.57
C ALA L 122 38.25 49.46 -6.98
N LEU L 123 38.28 48.56 -7.96
CA LEU L 123 38.20 48.89 -9.40
C LEU L 123 36.76 49.07 -9.86
N GLU L 124 35.83 48.58 -9.04
CA GLU L 124 34.43 48.94 -9.10
C GLU L 124 33.94 48.82 -7.66
N ASP L 125 32.65 49.10 -7.43
CA ASP L 125 32.04 48.85 -6.14
C ASP L 125 32.30 47.38 -5.75
N SER L 126 32.99 47.15 -4.63
CA SER L 126 33.44 45.80 -4.29
C SER L 126 33.18 45.39 -2.83
N ILE L 127 32.84 44.11 -2.64
CA ILE L 127 32.76 43.53 -1.30
C ILE L 127 34.00 42.66 -1.11
N VAL L 128 34.74 42.93 -0.03
CA VAL L 128 35.95 42.20 0.26
C VAL L 128 35.78 41.47 1.57
N ILE L 129 36.12 40.18 1.57
CA ILE L 129 36.20 39.33 2.74
C ILE L 129 37.66 39.20 3.18
N TYR L 130 37.91 39.38 4.48
CA TYR L 130 39.27 39.21 5.00
C TYR L 130 39.25 38.05 6.00
N PHE L 131 39.91 36.95 5.66
CA PHE L 131 40.12 35.84 6.57
C PHE L 131 41.46 36.11 7.27
N ILE L 132 41.40 36.36 8.57
CA ILE L 132 42.57 36.75 9.36
C ILE L 132 43.07 35.57 10.20
N THR L 133 44.40 35.35 10.16
CA THR L 133 45.09 34.31 10.93
C THR L 133 46.00 34.90 12.02
N HIS L 134 46.45 34.04 12.95
CA HIS L 134 47.42 34.38 14.01
C HIS L 134 46.82 35.12 15.19
N ASN L 135 46.40 36.35 14.96
CA ASN L 135 45.90 37.24 15.99
C ASN L 135 44.72 38.07 15.49
N GLU L 136 43.74 38.27 16.37
CA GLU L 136 42.57 39.11 16.10
C GLU L 136 42.96 40.56 15.89
N TYR L 137 42.01 41.37 15.41
CA TYR L 137 42.18 42.83 15.31
C TYR L 137 42.51 43.48 16.65
N SER L 138 43.44 44.45 16.65
CA SER L 138 43.78 45.22 17.86
C SER L 138 44.34 46.62 17.54
N PRO L 139 43.74 47.67 18.15
CA PRO L 139 44.28 49.05 18.09
C PRO L 139 45.71 49.25 18.66
N PRO L 140 46.01 48.76 19.89
CA PRO L 140 47.40 48.84 20.40
C PRO L 140 48.46 48.19 19.51
N HIS L 141 48.10 47.91 18.27
CA HIS L 141 48.97 47.15 17.38
C HIS L 141 48.86 47.56 15.90
N GLU L 142 47.73 48.17 15.52
CA GLU L 142 47.47 48.56 14.13
C GLU L 142 48.40 49.67 13.68
N ARG L 143 49.18 49.39 12.64
CA ARG L 143 50.04 50.42 12.03
C ARG L 143 49.75 50.48 10.54
N CYS L 144 50.36 51.44 9.86
CA CYS L 144 50.13 51.59 8.43
C CYS L 144 51.23 52.33 7.68
N ILE L 145 51.34 52.00 6.39
CA ILE L 145 52.19 52.72 5.45
C ILE L 145 51.26 53.50 4.52
N SER L 146 51.66 54.72 4.16
CA SER L 146 50.91 55.54 3.19
C SER L 146 50.53 54.77 1.91
N TYR L 147 49.24 54.86 1.56
CA TYR L 147 48.69 54.34 0.30
C TYR L 147 49.48 54.90 -0.89
N SER L 148 50.06 56.09 -0.71
CA SER L 148 50.80 56.74 -1.81
C SER L 148 52.15 56.05 -2.13
N TYR L 149 52.59 55.11 -1.28
CA TYR L 149 53.71 54.23 -1.62
C TYR L 149 53.47 53.51 -2.93
N ILE L 150 52.19 53.25 -3.22
CA ILE L 150 51.77 52.48 -4.40
C ILE L 150 51.15 53.40 -5.46
N ASP L 151 51.35 53.06 -6.75
CA ASP L 151 50.67 53.74 -7.85
C ASP L 151 49.41 52.99 -8.25
N TRP L 152 48.26 53.60 -7.99
CA TRP L 152 46.98 52.93 -8.15
C TRP L 152 46.40 53.15 -9.56
N PRO L 153 45.69 52.14 -10.10
CA PRO L 153 45.11 52.26 -11.45
C PRO L 153 44.15 53.45 -11.66
N ILE L 154 43.37 53.78 -10.63
CA ILE L 154 42.31 54.79 -10.74
C ILE L 154 42.76 56.03 -10.01
N LYS L 155 42.87 57.13 -10.74
CA LYS L 155 43.38 58.40 -10.19
C LYS L 155 42.42 59.05 -9.20
N GLU L 156 41.12 58.83 -9.40
CA GLU L 156 40.08 59.36 -8.52
C GLU L 156 40.02 58.51 -7.24
N VAL L 157 41.08 58.65 -6.45
CA VAL L 157 41.24 57.96 -5.19
C VAL L 157 40.34 58.57 -4.12
N ILE L 158 39.67 57.69 -3.37
CA ILE L 158 38.87 58.04 -2.20
C ILE L 158 39.51 57.33 -1.01
N ILE L 159 40.02 58.11 -0.03
CA ILE L 159 40.68 57.59 1.17
C ILE L 159 40.09 58.20 2.44
N SER L 160 40.19 57.48 3.56
CA SER L 160 39.79 58.03 4.86
C SER L 160 40.85 59.00 5.38
N ASP L 161 40.47 59.85 6.34
CA ASP L 161 41.42 60.77 6.96
C ASP L 161 42.48 59.99 7.71
N LYS L 162 42.10 58.86 8.31
CA LYS L 162 43.04 57.96 8.99
C LYS L 162 44.09 57.46 8.02
N ASP L 163 43.65 56.99 6.86
CA ASP L 163 44.61 56.46 5.86
C ASP L 163 45.48 57.54 5.26
N LEU L 164 44.88 58.71 5.02
CA LEU L 164 45.60 59.90 4.57
C LEU L 164 46.74 60.30 5.52
N GLN L 165 46.57 60.03 6.80
CA GLN L 165 47.54 60.34 7.83
C GLN L 165 48.62 59.26 8.06
N CYS L 166 48.54 58.15 7.33
CA CYS L 166 49.55 57.08 7.50
C CYS L 166 50.94 57.54 7.13
N PRO L 167 51.94 57.18 7.95
CA PRO L 167 53.29 57.64 7.62
C PRO L 167 53.88 56.97 6.37
N SER L 168 54.73 57.75 5.71
CA SER L 168 55.73 57.27 4.78
C SER L 168 56.34 55.91 5.19
N LEU L 169 56.63 55.04 4.23
CA LEU L 169 57.38 53.81 4.53
C LEU L 169 58.65 54.09 5.33
N GLU L 170 59.42 55.12 4.93
CA GLU L 170 60.62 55.60 5.64
C GLU L 170 60.37 55.94 7.12
N LYS L 171 59.23 56.56 7.39
CA LYS L 171 58.94 57.10 8.72
C LYS L 171 58.16 56.12 9.60
N ALA L 172 57.60 55.08 8.98
CA ALA L 172 56.77 54.10 9.69
C ALA L 172 57.56 53.22 10.66
N GLU L 173 56.88 52.76 11.70
CA GLU L 173 57.44 51.78 12.62
C GLU L 173 57.06 50.41 12.07
N VAL L 174 58.05 49.65 11.65
CA VAL L 174 57.81 48.42 10.87
C VAL L 174 58.25 47.15 11.59
N PHE L 175 58.15 46.00 10.91
CA PHE L 175 58.61 44.71 11.45
C PHE L 175 60.14 44.70 11.62
N ASP L 176 60.63 43.85 12.54
CA ASP L 176 62.07 43.68 12.77
C ASP L 176 62.83 43.29 11.51
#